data_2RKN
# 
_entry.id   2RKN 
# 
_audit_conform.dict_name       mmcif_pdbx.dic 
_audit_conform.dict_version    5.398 
_audit_conform.dict_location   http://mmcif.pdb.org/dictionaries/ascii/mmcif_pdbx.dic 
# 
loop_
_database_2.database_id 
_database_2.database_code 
_database_2.pdbx_database_accession 
_database_2.pdbx_DOI 
PDB   2RKN         pdb_00002rkn 10.2210/pdb2rkn/pdb 
RCSB  RCSB044974   ?            ?                   
WWPDB D_1000044974 ?            ?                   
# 
loop_
_pdbx_audit_revision_history.ordinal 
_pdbx_audit_revision_history.data_content_type 
_pdbx_audit_revision_history.major_revision 
_pdbx_audit_revision_history.minor_revision 
_pdbx_audit_revision_history.revision_date 
1 'Structure model' 1 0 2008-09-02 
2 'Structure model' 1 1 2011-07-13 
3 'Structure model' 1 2 2024-10-30 
# 
_pdbx_audit_revision_details.ordinal             1 
_pdbx_audit_revision_details.revision_ordinal    1 
_pdbx_audit_revision_details.data_content_type   'Structure model' 
_pdbx_audit_revision_details.provider            repository 
_pdbx_audit_revision_details.type                'Initial release' 
_pdbx_audit_revision_details.description         ? 
_pdbx_audit_revision_details.details             ? 
# 
loop_
_pdbx_audit_revision_group.ordinal 
_pdbx_audit_revision_group.revision_ordinal 
_pdbx_audit_revision_group.data_content_type 
_pdbx_audit_revision_group.group 
1 2 'Structure model' Advisory                    
2 2 'Structure model' 'Version format compliance' 
3 3 'Structure model' 'Data collection'           
4 3 'Structure model' 'Database references'       
5 3 'Structure model' 'Derived calculations'      
6 3 'Structure model' 'Structure summary'         
# 
loop_
_pdbx_audit_revision_category.ordinal 
_pdbx_audit_revision_category.revision_ordinal 
_pdbx_audit_revision_category.data_content_type 
_pdbx_audit_revision_category.category 
1 3 'Structure model' chem_comp_atom            
2 3 'Structure model' chem_comp_bond            
3 3 'Structure model' database_2                
4 3 'Structure model' pdbx_entry_details        
5 3 'Structure model' pdbx_modification_feature 
6 3 'Structure model' pdbx_struct_conn_angle    
7 3 'Structure model' struct_conn               
8 3 'Structure model' struct_site               
# 
loop_
_pdbx_audit_revision_item.ordinal 
_pdbx_audit_revision_item.revision_ordinal 
_pdbx_audit_revision_item.data_content_type 
_pdbx_audit_revision_item.item 
1  3 'Structure model' '_database_2.pdbx_DOI'                        
2  3 'Structure model' '_database_2.pdbx_database_accession'         
3  3 'Structure model' '_pdbx_struct_conn_angle.ptnr1_auth_comp_id'  
4  3 'Structure model' '_pdbx_struct_conn_angle.ptnr1_auth_seq_id'   
5  3 'Structure model' '_pdbx_struct_conn_angle.ptnr1_label_alt_id'  
6  3 'Structure model' '_pdbx_struct_conn_angle.ptnr1_label_atom_id' 
7  3 'Structure model' '_pdbx_struct_conn_angle.ptnr1_label_comp_id' 
8  3 'Structure model' '_pdbx_struct_conn_angle.ptnr1_label_seq_id'  
9  3 'Structure model' '_pdbx_struct_conn_angle.ptnr2_auth_seq_id'   
10 3 'Structure model' '_pdbx_struct_conn_angle.ptnr2_label_asym_id' 
11 3 'Structure model' '_pdbx_struct_conn_angle.ptnr3_auth_comp_id'  
12 3 'Structure model' '_pdbx_struct_conn_angle.ptnr3_auth_seq_id'   
13 3 'Structure model' '_pdbx_struct_conn_angle.ptnr3_label_alt_id'  
14 3 'Structure model' '_pdbx_struct_conn_angle.ptnr3_label_asym_id' 
15 3 'Structure model' '_pdbx_struct_conn_angle.ptnr3_label_atom_id' 
16 3 'Structure model' '_pdbx_struct_conn_angle.ptnr3_label_comp_id' 
17 3 'Structure model' '_pdbx_struct_conn_angle.ptnr3_label_seq_id'  
18 3 'Structure model' '_pdbx_struct_conn_angle.value'               
19 3 'Structure model' '_struct_conn.pdbx_dist_value'                
20 3 'Structure model' '_struct_conn.pdbx_ptnr1_label_alt_id'        
21 3 'Structure model' '_struct_conn.ptnr1_label_atom_id'            
22 3 'Structure model' '_struct_conn.ptnr2_auth_seq_id'              
23 3 'Structure model' '_struct_conn.ptnr2_label_asym_id'            
24 3 'Structure model' '_struct_site.pdbx_auth_asym_id'              
25 3 'Structure model' '_struct_site.pdbx_auth_comp_id'              
26 3 'Structure model' '_struct_site.pdbx_auth_seq_id'               
# 
_pdbx_database_status.entry_id                        2RKN 
_pdbx_database_status.deposit_site                    RCSB 
_pdbx_database_status.process_site                    PDBJ 
_pdbx_database_status.recvd_initial_deposition_date   2007-10-17 
_pdbx_database_status.status_code                     REL 
_pdbx_database_status.status_code_sf                  REL 
_pdbx_database_status.status_code_mr                  ? 
_pdbx_database_status.SG_entry                        ? 
_pdbx_database_status.pdb_format_compatible           Y 
_pdbx_database_status.status_code_cs                  ? 
_pdbx_database_status.status_code_nmr_data            ? 
_pdbx_database_status.methods_development_category    ? 
# 
loop_
_audit_author.name 
_audit_author.pdbx_ordinal 
'Lascombe, M.B.' 1 
'Prange, T.'     2 
'Buhot, N.'      3 
'Marion, D.'     4 
'Bakan, B.'      5 
'Lamb, C.'       6 
# 
loop_
_citation.id 
_citation.title 
_citation.journal_abbrev 
_citation.journal_volume 
_citation.page_first 
_citation.page_last 
_citation.year 
_citation.journal_id_ASTM 
_citation.country 
_citation.journal_id_ISSN 
_citation.journal_id_CSD 
_citation.book_publisher 
_citation.pdbx_database_id_PubMed 
_citation.pdbx_database_id_DOI 
primary 
;The structure of "defective in induced resistance" protein of Arabidopsis thaliana, DIR1, reveals a new type of lipid transfer protein.
;
'Protein Sci.'             17 1522 1530 2008 PRCIEI US 0961-8368 0795 ? 18552128 10.1110/ps.035972.108     
1       'Crystallization of DIR1, a LTP2-like resistance signalling protein from Arabidopsis thaliana' 'ACTA CRYSTALLOGR.,SECT.F' 
62 702  704  2006 ?      DK 1744-3091 ?    ? 16820699 10.1107/S1744309106023748 
# 
loop_
_citation_author.citation_id 
_citation_author.name 
_citation_author.ordinal 
_citation_author.identifier_ORCID 
primary 'Lascombe, M.B.' 1  ? 
primary 'Bakan, B.'      2  ? 
primary 'Buhot, N.'      3  ? 
primary 'Marion, D.'     4  ? 
primary 'Blein, J.P.'    5  ? 
primary 'Larue, V.'      6  ? 
primary 'Lamb, C.'       7  ? 
primary 'Prange, T.'     8  ? 
1       'Lascombe, M.B.' 9  ? 
1       'Buhot, N.'      10 ? 
1       'Bakan, B.'      11 ? 
1       'Marion, D.'     12 ? 
1       'Blein, J.P.'    13 ? 
1       'Lamb, C.J.'     14 ? 
# 
loop_
_entity.id 
_entity.type 
_entity.src_method 
_entity.pdbx_description 
_entity.formula_weight 
_entity.pdbx_number_of_molecules 
_entity.pdbx_ec 
_entity.pdbx_mutation 
_entity.pdbx_fragment 
_entity.details 
1 polymer     man 'DIR1 protein'                                                                                 8050.096 1   ? ? 
'LTP DEFENSE PROTEIN' ? 
2 non-polymer syn 'ZINC ION'                                                                                     65.409   3   ? ? 
?                     ? 
3 non-polymer syn '(7R)-4,7-DIHYDROXY-N,N,N-TRIMETHYL-10-OXO-3,5,9-TRIOXA-4-PHOSPHAHEPTACOSAN-1-AMINIUM 4-OXIDE' 524.691  2   ? ? 
?                     ? 
4 water       nat water                                                                                          18.015   124 ? ? 
?                     ? 
# 
_entity_name_com.entity_id   1 
_entity_name_com.name        At5g48485 
# 
_entity_poly.entity_id                      1 
_entity_poly.type                           'polypeptide(L)' 
_entity_poly.nstd_linkage                   no 
_entity_poly.nstd_monomer                   no 
_entity_poly.pdbx_seq_one_letter_code       AIDLCGMSQDELNECKPAVSKENPTSPSQPCCTALQHADFACLCGYKNSPWLGSFGVDPELASALPKQCGLANAPTC 
_entity_poly.pdbx_seq_one_letter_code_can   AIDLCGMSQDELNECKPAVSKENPTSPSQPCCTALQHADFACLCGYKNSPWLGSFGVDPELASALPKQCGLANAPTC 
_entity_poly.pdbx_strand_id                 A 
_entity_poly.pdbx_target_identifier         ? 
# 
loop_
_pdbx_entity_nonpoly.entity_id 
_pdbx_entity_nonpoly.name 
_pdbx_entity_nonpoly.comp_id 
2 'ZINC ION'                                                                                     ZN  
3 '(7R)-4,7-DIHYDROXY-N,N,N-TRIMETHYL-10-OXO-3,5,9-TRIOXA-4-PHOSPHAHEPTACOSAN-1-AMINIUM 4-OXIDE' LP3 
4 water                                                                                          HOH 
# 
loop_
_entity_poly_seq.entity_id 
_entity_poly_seq.num 
_entity_poly_seq.mon_id 
_entity_poly_seq.hetero 
1 1  ALA n 
1 2  ILE n 
1 3  ASP n 
1 4  LEU n 
1 5  CYS n 
1 6  GLY n 
1 7  MET n 
1 8  SER n 
1 9  GLN n 
1 10 ASP n 
1 11 GLU n 
1 12 LEU n 
1 13 ASN n 
1 14 GLU n 
1 15 CYS n 
1 16 LYS n 
1 17 PRO n 
1 18 ALA n 
1 19 VAL n 
1 20 SER n 
1 21 LYS n 
1 22 GLU n 
1 23 ASN n 
1 24 PRO n 
1 25 THR n 
1 26 SER n 
1 27 PRO n 
1 28 SER n 
1 29 GLN n 
1 30 PRO n 
1 31 CYS n 
1 32 CYS n 
1 33 THR n 
1 34 ALA n 
1 35 LEU n 
1 36 GLN n 
1 37 HIS n 
1 38 ALA n 
1 39 ASP n 
1 40 PHE n 
1 41 ALA n 
1 42 CYS n 
1 43 LEU n 
1 44 CYS n 
1 45 GLY n 
1 46 TYR n 
1 47 LYS n 
1 48 ASN n 
1 49 SER n 
1 50 PRO n 
1 51 TRP n 
1 52 LEU n 
1 53 GLY n 
1 54 SER n 
1 55 PHE n 
1 56 GLY n 
1 57 VAL n 
1 58 ASP n 
1 59 PRO n 
1 60 GLU n 
1 61 LEU n 
1 62 ALA n 
1 63 SER n 
1 64 ALA n 
1 65 LEU n 
1 66 PRO n 
1 67 LYS n 
1 68 GLN n 
1 69 CYS n 
1 70 GLY n 
1 71 LEU n 
1 72 ALA n 
1 73 ASN n 
1 74 ALA n 
1 75 PRO n 
1 76 THR n 
1 77 CYS n 
# 
_entity_src_gen.entity_id                          1 
_entity_src_gen.pdbx_src_id                        1 
_entity_src_gen.pdbx_alt_source_flag               sample 
_entity_src_gen.pdbx_seq_type                      ? 
_entity_src_gen.pdbx_beg_seq_num                   ? 
_entity_src_gen.pdbx_end_seq_num                   ? 
_entity_src_gen.gene_src_common_name               'Mouse-ear cress' 
_entity_src_gen.gene_src_genus                     ? 
_entity_src_gen.pdbx_gene_src_gene                 DIR1 
_entity_src_gen.gene_src_species                   ? 
_entity_src_gen.gene_src_strain                    ? 
_entity_src_gen.gene_src_tissue                    ? 
_entity_src_gen.gene_src_tissue_fraction           ? 
_entity_src_gen.gene_src_details                   ? 
_entity_src_gen.pdbx_gene_src_fragment             ? 
_entity_src_gen.pdbx_gene_src_scientific_name      'Arabidopsis thaliana' 
_entity_src_gen.pdbx_gene_src_ncbi_taxonomy_id     3702 
_entity_src_gen.pdbx_gene_src_variant              ? 
_entity_src_gen.pdbx_gene_src_cell_line            ? 
_entity_src_gen.pdbx_gene_src_atcc                 ? 
_entity_src_gen.pdbx_gene_src_organ                ? 
_entity_src_gen.pdbx_gene_src_organelle            ? 
_entity_src_gen.pdbx_gene_src_cell                 ? 
_entity_src_gen.pdbx_gene_src_cellular_location    ? 
_entity_src_gen.host_org_common_name               ? 
_entity_src_gen.pdbx_host_org_scientific_name      'pichia pastoris' 
_entity_src_gen.pdbx_host_org_ncbi_taxonomy_id     4922 
_entity_src_gen.host_org_genus                     ? 
_entity_src_gen.pdbx_host_org_gene                 ? 
_entity_src_gen.pdbx_host_org_organ                ? 
_entity_src_gen.host_org_species                   ? 
_entity_src_gen.pdbx_host_org_tissue               ? 
_entity_src_gen.pdbx_host_org_tissue_fraction      ? 
_entity_src_gen.pdbx_host_org_strain               ? 
_entity_src_gen.pdbx_host_org_variant              ? 
_entity_src_gen.pdbx_host_org_cell_line            ? 
_entity_src_gen.pdbx_host_org_atcc                 ? 
_entity_src_gen.pdbx_host_org_culture_collection   ? 
_entity_src_gen.pdbx_host_org_cell                 ? 
_entity_src_gen.pdbx_host_org_organelle            ? 
_entity_src_gen.pdbx_host_org_cellular_location    ? 
_entity_src_gen.pdbx_host_org_vector_type          plasmid 
_entity_src_gen.pdbx_host_org_vector               ? 
_entity_src_gen.host_org_details                   ? 
_entity_src_gen.expression_system_id               ? 
_entity_src_gen.plasmid_name                       pPICZalpha 
_entity_src_gen.plasmid_details                    ? 
_entity_src_gen.pdbx_description                   ? 
# 
loop_
_chem_comp.id 
_chem_comp.type 
_chem_comp.mon_nstd_flag 
_chem_comp.name 
_chem_comp.pdbx_synonyms 
_chem_comp.formula 
_chem_comp.formula_weight 
ALA 'L-peptide linking' y ALANINE                                                                                        ? 
'C3 H7 N O2'       89.093  
ASN 'L-peptide linking' y ASPARAGINE                                                                                     ? 
'C4 H8 N2 O3'      132.118 
ASP 'L-peptide linking' y 'ASPARTIC ACID'                                                                                ? 
'C4 H7 N O4'       133.103 
CYS 'L-peptide linking' y CYSTEINE                                                                                       ? 
'C3 H7 N O2 S'     121.158 
GLN 'L-peptide linking' y GLUTAMINE                                                                                      ? 
'C5 H10 N2 O3'     146.144 
GLU 'L-peptide linking' y 'GLUTAMIC ACID'                                                                                ? 
'C5 H9 N O4'       147.129 
GLY 'peptide linking'   y GLYCINE                                                                                        ? 
'C2 H5 N O2'       75.067  
HIS 'L-peptide linking' y HISTIDINE                                                                                      ? 
'C6 H10 N3 O2 1'   156.162 
HOH non-polymer         . WATER                                                                                          ? 'H2 O' 
18.015  
ILE 'L-peptide linking' y ISOLEUCINE                                                                                     ? 
'C6 H13 N O2'      131.173 
LEU 'L-peptide linking' y LEUCINE                                                                                        ? 
'C6 H13 N O2'      131.173 
LP3 non-polymer         . '(7R)-4,7-DIHYDROXY-N,N,N-TRIMETHYL-10-OXO-3,5,9-TRIOXA-4-PHOSPHAHEPTACOSAN-1-AMINIUM 4-OXIDE' ? 
'C26 H55 N O7 P 1' 524.691 
LYS 'L-peptide linking' y LYSINE                                                                                         ? 
'C6 H15 N2 O2 1'   147.195 
MET 'L-peptide linking' y METHIONINE                                                                                     ? 
'C5 H11 N O2 S'    149.211 
PHE 'L-peptide linking' y PHENYLALANINE                                                                                  ? 
'C9 H11 N O2'      165.189 
PRO 'L-peptide linking' y PROLINE                                                                                        ? 
'C5 H9 N O2'       115.130 
SER 'L-peptide linking' y SERINE                                                                                         ? 
'C3 H7 N O3'       105.093 
THR 'L-peptide linking' y THREONINE                                                                                      ? 
'C4 H9 N O3'       119.119 
TRP 'L-peptide linking' y TRYPTOPHAN                                                                                     ? 
'C11 H12 N2 O2'    204.225 
TYR 'L-peptide linking' y TYROSINE                                                                                       ? 
'C9 H11 N O3'      181.189 
VAL 'L-peptide linking' y VALINE                                                                                         ? 
'C5 H11 N O2'      117.146 
ZN  non-polymer         . 'ZINC ION'                                                                                     ? 'Zn 2' 
65.409  
# 
loop_
_pdbx_poly_seq_scheme.asym_id 
_pdbx_poly_seq_scheme.entity_id 
_pdbx_poly_seq_scheme.seq_id 
_pdbx_poly_seq_scheme.mon_id 
_pdbx_poly_seq_scheme.ndb_seq_num 
_pdbx_poly_seq_scheme.pdb_seq_num 
_pdbx_poly_seq_scheme.auth_seq_num 
_pdbx_poly_seq_scheme.pdb_mon_id 
_pdbx_poly_seq_scheme.auth_mon_id 
_pdbx_poly_seq_scheme.pdb_strand_id 
_pdbx_poly_seq_scheme.pdb_ins_code 
_pdbx_poly_seq_scheme.hetero 
A 1 1  ALA 1  1  1  ALA ALA A . n 
A 1 2  ILE 2  2  2  ILE ILE A . n 
A 1 3  ASP 3  3  3  ASP ASP A . n 
A 1 4  LEU 4  4  4  LEU LEU A . n 
A 1 5  CYS 5  5  5  CYS CYS A . n 
A 1 6  GLY 6  6  6  GLY GLY A . n 
A 1 7  MET 7  7  7  MET MET A . n 
A 1 8  SER 8  8  8  SER SER A . n 
A 1 9  GLN 9  9  9  GLN GLN A . n 
A 1 10 ASP 10 10 10 ASP ASP A . n 
A 1 11 GLU 11 11 11 GLU GLU A . n 
A 1 12 LEU 12 12 12 LEU LEU A . n 
A 1 13 ASN 13 13 13 ASN ASN A . n 
A 1 14 GLU 14 14 14 GLU GLU A . n 
A 1 15 CYS 15 15 15 CYS CYS A . n 
A 1 16 LYS 16 16 16 LYS LYS A . n 
A 1 17 PRO 17 17 17 PRO PRO A . n 
A 1 18 ALA 18 18 18 ALA ALA A . n 
A 1 19 VAL 19 19 19 VAL VAL A . n 
A 1 20 SER 20 20 20 SER SER A . n 
A 1 21 LYS 21 21 21 LYS LYS A . n 
A 1 22 GLU 22 22 22 GLU GLU A . n 
A 1 23 ASN 23 23 23 ASN ASN A . n 
A 1 24 PRO 24 24 24 PRO PRO A . n 
A 1 25 THR 25 25 25 THR THR A . n 
A 1 26 SER 26 26 26 SER SER A . n 
A 1 27 PRO 27 27 27 PRO PRO A . n 
A 1 28 SER 28 28 28 SER SER A . n 
A 1 29 GLN 29 29 29 GLN GLN A . n 
A 1 30 PRO 30 30 30 PRO PRO A . n 
A 1 31 CYS 31 31 31 CYS CYS A . n 
A 1 32 CYS 32 32 32 CYS CYS A . n 
A 1 33 THR 33 33 33 THR THR A . n 
A 1 34 ALA 34 34 34 ALA ALA A . n 
A 1 35 LEU 35 35 35 LEU LEU A . n 
A 1 36 GLN 36 36 36 GLN GLN A . n 
A 1 37 HIS 37 37 37 HIS HIS A . n 
A 1 38 ALA 38 38 38 ALA ALA A . n 
A 1 39 ASP 39 39 39 ASP ASP A . n 
A 1 40 PHE 40 40 40 PHE PHE A . n 
A 1 41 ALA 41 41 41 ALA ALA A . n 
A 1 42 CYS 42 42 42 CYS CYS A . n 
A 1 43 LEU 43 43 43 LEU LEU A . n 
A 1 44 CYS 44 44 44 CYS CYS A . n 
A 1 45 GLY 45 45 45 GLY GLY A . n 
A 1 46 TYR 46 46 46 TYR TYR A . n 
A 1 47 LYS 47 47 47 LYS LYS A . n 
A 1 48 ASN 48 48 48 ASN ASN A . n 
A 1 49 SER 49 49 49 SER SER A . n 
A 1 50 PRO 50 50 50 PRO PRO A . n 
A 1 51 TRP 51 51 51 TRP TRP A . n 
A 1 52 LEU 52 52 52 LEU LEU A . n 
A 1 53 GLY 53 53 53 GLY GLY A . n 
A 1 54 SER 54 54 54 SER SER A . n 
A 1 55 PHE 55 55 55 PHE PHE A . n 
A 1 56 GLY 56 56 56 GLY GLY A . n 
A 1 57 VAL 57 57 57 VAL VAL A . n 
A 1 58 ASP 58 58 58 ASP ASP A . n 
A 1 59 PRO 59 59 59 PRO PRO A . n 
A 1 60 GLU 60 60 60 GLU GLU A . n 
A 1 61 LEU 61 61 61 LEU LEU A . n 
A 1 62 ALA 62 62 62 ALA ALA A . n 
A 1 63 SER 63 63 63 SER SER A . n 
A 1 64 ALA 64 64 64 ALA ALA A . n 
A 1 65 LEU 65 65 65 LEU LEU A . n 
A 1 66 PRO 66 66 66 PRO PRO A . n 
A 1 67 LYS 67 67 67 LYS LYS A . n 
A 1 68 GLN 68 68 68 GLN GLN A . n 
A 1 69 CYS 69 69 69 CYS CYS A . n 
A 1 70 GLY 70 70 70 GLY GLY A . n 
A 1 71 LEU 71 71 71 LEU LEU A . n 
A 1 72 ALA 72 72 72 ALA ALA A . n 
A 1 73 ASN 73 73 73 ASN ASN A . n 
A 1 74 ALA 74 74 74 ALA ALA A . n 
A 1 75 PRO 75 75 75 PRO PRO A . n 
A 1 76 THR 76 76 76 THR THR A . n 
A 1 77 CYS 77 77 77 CYS CYS A . n 
# 
loop_
_pdbx_nonpoly_scheme.asym_id 
_pdbx_nonpoly_scheme.entity_id 
_pdbx_nonpoly_scheme.mon_id 
_pdbx_nonpoly_scheme.ndb_seq_num 
_pdbx_nonpoly_scheme.pdb_seq_num 
_pdbx_nonpoly_scheme.auth_seq_num 
_pdbx_nonpoly_scheme.pdb_mon_id 
_pdbx_nonpoly_scheme.auth_mon_id 
_pdbx_nonpoly_scheme.pdb_strand_id 
_pdbx_nonpoly_scheme.pdb_ins_code 
B 2 ZN  1   201 201 ZN  ZN  A . 
C 2 ZN  1   202 202 ZN  ZN  A . 
D 2 ZN  1   203 203 ZN  ZN  A . 
E 3 LP3 1   101 101 LP3 LP3 A . 
F 3 LP3 1   102 102 LP3 LP3 A . 
G 4 HOH 1   301 301 HOH HOH A . 
G 4 HOH 2   302 302 HOH HOH A . 
G 4 HOH 3   303 303 HOH HOH A . 
G 4 HOH 4   304 304 HOH HOH A . 
G 4 HOH 5   305 305 HOH HOH A . 
G 4 HOH 6   306 306 HOH HOH A . 
G 4 HOH 7   307 307 HOH HOH A . 
G 4 HOH 8   308 308 HOH HOH A . 
G 4 HOH 9   309 309 HOH HOH A . 
G 4 HOH 10  310 310 HOH HOH A . 
G 4 HOH 11  311 311 HOH HOH A . 
G 4 HOH 12  312 312 HOH HOH A . 
G 4 HOH 13  313 313 HOH HOH A . 
G 4 HOH 14  314 314 HOH HOH A . 
G 4 HOH 15  315 315 HOH HOH A . 
G 4 HOH 16  316 316 HOH HOH A . 
G 4 HOH 17  317 317 HOH HOH A . 
G 4 HOH 18  318 318 HOH HOH A . 
G 4 HOH 19  319 319 HOH HOH A . 
G 4 HOH 20  320 320 HOH HOH A . 
G 4 HOH 21  321 321 HOH HOH A . 
G 4 HOH 22  322 322 HOH HOH A . 
G 4 HOH 23  323 323 HOH HOH A . 
G 4 HOH 24  324 324 HOH HOH A . 
G 4 HOH 25  325 325 HOH HOH A . 
G 4 HOH 26  326 326 HOH HOH A . 
G 4 HOH 27  327 327 HOH HOH A . 
G 4 HOH 28  328 328 HOH HOH A . 
G 4 HOH 29  329 329 HOH HOH A . 
G 4 HOH 30  330 330 HOH HOH A . 
G 4 HOH 31  331 331 HOH HOH A . 
G 4 HOH 32  332 332 HOH HOH A . 
G 4 HOH 33  333 333 HOH HOH A . 
G 4 HOH 34  334 334 HOH HOH A . 
G 4 HOH 35  335 335 HOH HOH A . 
G 4 HOH 36  336 336 HOH HOH A . 
G 4 HOH 37  337 337 HOH HOH A . 
G 4 HOH 38  338 338 HOH HOH A . 
G 4 HOH 39  339 339 HOH HOH A . 
G 4 HOH 40  340 340 HOH HOH A . 
G 4 HOH 41  341 341 HOH HOH A . 
G 4 HOH 42  342 342 HOH HOH A . 
G 4 HOH 43  343 343 HOH HOH A . 
G 4 HOH 44  344 344 HOH HOH A . 
G 4 HOH 45  345 345 HOH HOH A . 
G 4 HOH 46  346 346 HOH HOH A . 
G 4 HOH 47  347 347 HOH HOH A . 
G 4 HOH 48  348 348 HOH HOH A . 
G 4 HOH 49  349 349 HOH HOH A . 
G 4 HOH 50  350 350 HOH HOH A . 
G 4 HOH 51  351 351 HOH HOH A . 
G 4 HOH 52  352 352 HOH HOH A . 
G 4 HOH 53  353 353 HOH HOH A . 
G 4 HOH 54  354 354 HOH HOH A . 
G 4 HOH 55  355 355 HOH HOH A . 
G 4 HOH 56  356 356 HOH HOH A . 
G 4 HOH 57  357 357 HOH HOH A . 
G 4 HOH 58  358 358 HOH HOH A . 
G 4 HOH 59  359 359 HOH HOH A . 
G 4 HOH 60  360 360 HOH HOH A . 
G 4 HOH 61  361 361 HOH HOH A . 
G 4 HOH 62  362 362 HOH HOH A . 
G 4 HOH 63  363 363 HOH HOH A . 
G 4 HOH 64  364 364 HOH HOH A . 
G 4 HOH 65  365 365 HOH HOH A . 
G 4 HOH 66  366 366 HOH HOH A . 
G 4 HOH 67  367 367 HOH HOH A . 
G 4 HOH 68  368 368 HOH HOH A . 
G 4 HOH 69  369 369 HOH HOH A . 
G 4 HOH 70  370 370 HOH HOH A . 
G 4 HOH 71  371 371 HOH HOH A . 
G 4 HOH 72  372 372 HOH HOH A . 
G 4 HOH 73  373 373 HOH HOH A . 
G 4 HOH 74  374 374 HOH HOH A . 
G 4 HOH 75  375 375 HOH HOH A . 
G 4 HOH 76  376 376 HOH HOH A . 
G 4 HOH 77  377 377 HOH HOH A . 
G 4 HOH 78  378 378 HOH HOH A . 
G 4 HOH 79  379 379 HOH HOH A . 
G 4 HOH 80  380 380 HOH HOH A . 
G 4 HOH 81  381 381 HOH HOH A . 
G 4 HOH 82  382 382 HOH HOH A . 
G 4 HOH 83  383 383 HOH HOH A . 
G 4 HOH 84  384 384 HOH HOH A . 
G 4 HOH 85  385 385 HOH HOH A . 
G 4 HOH 86  386 386 HOH HOH A . 
G 4 HOH 87  387 387 HOH HOH A . 
G 4 HOH 88  388 388 HOH HOH A . 
G 4 HOH 89  389 389 HOH HOH A . 
G 4 HOH 90  390 390 HOH HOH A . 
G 4 HOH 91  391 391 HOH HOH A . 
G 4 HOH 92  392 392 HOH HOH A . 
G 4 HOH 93  393 393 HOH HOH A . 
G 4 HOH 94  394 394 HOH HOH A . 
G 4 HOH 95  395 395 HOH HOH A . 
G 4 HOH 96  396 396 HOH HOH A . 
G 4 HOH 97  397 397 HOH HOH A . 
G 4 HOH 98  398 398 HOH HOH A . 
G 4 HOH 99  399 399 HOH HOH A . 
G 4 HOH 100 400 400 HOH HOH A . 
G 4 HOH 101 401 401 HOH HOH A . 
G 4 HOH 102 402 402 HOH HOH A . 
G 4 HOH 103 403 403 HOH HOH A . 
G 4 HOH 104 404 404 HOH HOH A . 
G 4 HOH 105 405 405 HOH HOH A . 
G 4 HOH 106 406 406 HOH HOH A . 
G 4 HOH 107 407 407 HOH HOH A . 
G 4 HOH 108 408 408 HOH HOH A . 
G 4 HOH 109 409 409 HOH HOH A . 
G 4 HOH 110 410 410 HOH HOH A . 
G 4 HOH 111 411 411 HOH HOH A . 
G 4 HOH 112 412 412 HOH HOH A . 
G 4 HOH 113 413 413 HOH HOH A . 
G 4 HOH 114 414 414 HOH HOH A . 
G 4 HOH 115 415 415 HOH HOH A . 
G 4 HOH 116 416 416 HOH HOH A . 
G 4 HOH 117 417 417 HOH HOH A . 
G 4 HOH 118 418 418 HOH HOH A . 
G 4 HOH 119 419 419 HOH HOH A . 
G 4 HOH 120 420 420 HOH HOH A . 
G 4 HOH 121 421 421 HOH HOH A . 
G 4 HOH 122 422 422 HOH HOH A . 
G 4 HOH 123 423 423 HOH HOH A . 
G 4 HOH 124 424 424 HOH HOH A . 
# 
loop_
_pdbx_unobs_or_zero_occ_atoms.id 
_pdbx_unobs_or_zero_occ_atoms.PDB_model_num 
_pdbx_unobs_or_zero_occ_atoms.polymer_flag 
_pdbx_unobs_or_zero_occ_atoms.occupancy_flag 
_pdbx_unobs_or_zero_occ_atoms.auth_asym_id 
_pdbx_unobs_or_zero_occ_atoms.auth_comp_id 
_pdbx_unobs_or_zero_occ_atoms.auth_seq_id 
_pdbx_unobs_or_zero_occ_atoms.PDB_ins_code 
_pdbx_unobs_or_zero_occ_atoms.auth_atom_id 
_pdbx_unobs_or_zero_occ_atoms.label_alt_id 
_pdbx_unobs_or_zero_occ_atoms.label_asym_id 
_pdbx_unobs_or_zero_occ_atoms.label_comp_id 
_pdbx_unobs_or_zero_occ_atoms.label_seq_id 
_pdbx_unobs_or_zero_occ_atoms.label_atom_id 
1  1 N 1 A LP3 101 ? C5 ? E LP3 1 C5 
2  1 N 1 A LP3 101 ? C6 ? E LP3 1 C6 
3  1 N 1 A LP3 101 ? C7 ? E LP3 1 C7 
4  1 N 1 A LP3 101 ? C8 ? E LP3 1 C8 
5  1 N 1 A LP3 101 ? N  ? E LP3 1 N  
6  1 N 1 A LP3 102 ? C5 ? F LP3 1 C5 
7  1 N 1 A LP3 102 ? C6 ? F LP3 1 C6 
8  1 N 1 A LP3 102 ? C7 ? F LP3 1 C7 
9  1 N 1 A LP3 102 ? C8 ? F LP3 1 C8 
10 1 N 1 A LP3 102 ? N  ? F LP3 1 N  
# 
loop_
_software.name 
_software.version 
_software.date 
_software.type 
_software.contact_author 
_software.contact_author_email 
_software.classification 
_software.location 
_software.language 
_software.citation_id 
_software.pdbx_ordinal 
MOSFLM      .               ?              package 'A.G.W. Leslie'   andrew@mrc-lmb.cam.ac.uk        'data reduction'  
http://www.mrc-lmb.cam.ac.uk/harry/mosflm/ ?          ? 1 
SCALA       .               ?              other   'Phil Evans'      pre@mrc-lmb.cam.ac.uk           'data scaling'    
http://www.ccp4.ac.uk/dist/html/INDEX.html Fortran_77 ? 2 
SHARP       .               ?              package 'de La Fortelle'  sharp-develop@globalphasing.com phasing           
http://babinet.globalphasing.com/sharp/    ?          ? 3 
SOLOMON     .               ?              program 'Abrahams J. P.'  ccp4@dl.ac.uk                   phasing           
http://www.ccp4.ac.uk/main.html            Fortran_77 ? 4 
REFMAC      refmac_5.2.0019 24/04/2001     program 'Murshudov, G.N.' ccp4@dl.ac.uk                   refinement        
http://www.ccp4.ac.uk/main.html            Fortran_77 ? 5 
PDB_EXTRACT 3.000           'July 2, 2007' package PDB               sw-help@rcsb.rutgers.edu        'data extraction' 
http://pdb.rutgers.edu/software/           C++        ? 6 
MxCuBE      .               ?              ?       ?                 ?                               'data collection' ? ? ? 7 
# 
_cell.entry_id           2RKN 
_cell.length_a           28.655 
_cell.length_b           48.217 
_cell.length_c           54.406 
_cell.angle_alpha        90.00 
_cell.angle_beta         90.00 
_cell.angle_gamma        90.00 
_cell.Z_PDB              4 
_cell.pdbx_unique_axis   ? 
_cell.length_a_esd       ? 
_cell.length_b_esd       ? 
_cell.length_c_esd       ? 
_cell.angle_alpha_esd    ? 
_cell.angle_beta_esd     ? 
_cell.angle_gamma_esd    ? 
# 
_symmetry.entry_id                         2RKN 
_symmetry.space_group_name_H-M             'P 21 21 21' 
_symmetry.pdbx_full_space_group_name_H-M   ? 
_symmetry.cell_setting                     ? 
_symmetry.Int_Tables_number                19 
_symmetry.space_group_name_Hall            ? 
# 
_exptl.crystals_number   1 
_exptl.entry_id          2RKN 
_exptl.method            'X-RAY DIFFRACTION' 
# 
_exptl_crystal.id                    1 
_exptl_crystal.density_Matthews      2.33 
_exptl_crystal.density_meas          ? 
_exptl_crystal.density_percent_sol   47.31 
_exptl_crystal.description           ? 
_exptl_crystal.F_000                 ? 
_exptl_crystal.preparation           ? 
# 
_exptl_crystal_grow.crystal_id      1 
_exptl_crystal_grow.method          'VAPOR DIFFUSION, HANGING DROP' 
_exptl_crystal_grow.pH              6.0 
_exptl_crystal_grow.temp            277 
_exptl_crystal_grow.temp_details    ? 
_exptl_crystal_grow.pdbx_details    
'0.08M acetate buffer pH 6.0, 0.02M ZnSO4, 22% PEG 600 MME, VAPOR DIFFUSION, HANGING DROP, temperature 277K' 
_exptl_crystal_grow.pdbx_pH_range   . 
# 
loop_
_diffrn.id 
_diffrn.ambient_temp 
_diffrn.ambient_temp_details 
_diffrn.crystal_id 
1   100 ? 1 
2   100 ? 1 
1,2 ?   ? 1 
# 
loop_
_diffrn_detector.diffrn_id 
_diffrn_detector.detector 
_diffrn_detector.type 
_diffrn_detector.pdbx_collection_date 
_diffrn_detector.details 
1 CCD 'ADSC QUANTUM 315' 2006-04-04 Mirrors 
2 CCD 'ADSC QUANTUM 210' 2006-11-17 Mirrors 
# 
loop_
_diffrn_radiation.diffrn_id 
_diffrn_radiation.wavelength_id 
_diffrn_radiation.pdbx_diffrn_protocol 
_diffrn_radiation.monochromator 
_diffrn_radiation.pdbx_monochromatic_or_laue_m_l 
_diffrn_radiation.pdbx_scattering_type 
1 1 MAD                 'SI(111) MONOCHROMATOR' M x-ray 
2 1 'SINGLE WAVELENGTH' 'Diamond (111)'         M x-ray 
# 
loop_
_diffrn_radiation_wavelength.id 
_diffrn_radiation_wavelength.wavelength 
_diffrn_radiation_wavelength.wt 
1 1.28230 1.0 
2 1.28310 1.0 
3 1.2770  1.0 
4 0.9330  1.0 
# 
loop_
_diffrn_source.diffrn_id 
_diffrn_source.source 
_diffrn_source.type 
_diffrn_source.pdbx_wavelength 
_diffrn_source.pdbx_wavelength_list 
_diffrn_source.pdbx_synchrotron_site 
_diffrn_source.pdbx_synchrotron_beamline 
1 SYNCHROTRON 'ESRF BEAMLINE ID29'   ? '1.28230, 1.28310, 1.2770' ESRF ID29   
2 SYNCHROTRON 'ESRF BEAMLINE ID14-1' ? 0.9330                     ESRF ID14-1 
# 
_reflns.entry_id                     2RKN 
_reflns.observed_criterion_sigma_F   1. 
_reflns.observed_criterion_sigma_I   1. 
_reflns.d_resolution_high            ? 
_reflns.d_resolution_low             15. 
_reflns.number_all                   ? 
_reflns.number_obs                   10412 
_reflns.percent_possible_obs         99.6 
_reflns.pdbx_Rmerge_I_obs            0.073 
_reflns.pdbx_Rsym_value              ? 
_reflns.pdbx_netI_over_sigmaI        31.7 
_reflns.B_iso_Wilson_estimate        ? 
_reflns.pdbx_redundancy              13.7 
_reflns.R_free_details               ? 
_reflns.limit_h_max                  ? 
_reflns.limit_h_min                  ? 
_reflns.limit_k_max                  ? 
_reflns.limit_k_min                  ? 
_reflns.limit_l_max                  ? 
_reflns.limit_l_min                  ? 
_reflns.observed_criterion_F_max     ? 
_reflns.observed_criterion_F_min     ? 
_reflns.pdbx_chi_squared             ? 
_reflns.pdbx_scaling_rejects         ? 
_reflns.pdbx_ordinal                 1 
_reflns.pdbx_diffrn_id               1,2 
# 
_reflns_shell.d_res_high             1.82 
_reflns_shell.d_res_low              1.92 
_reflns_shell.percent_possible_obs   ? 
_reflns_shell.percent_possible_all   100 
_reflns_shell.Rmerge_I_obs           ? 
_reflns_shell.meanI_over_sigI_obs    ? 
_reflns_shell.pdbx_Rsym_value        ? 
_reflns_shell.pdbx_redundancy        ? 
_reflns_shell.number_unique_all      ? 
_reflns_shell.number_measured_all    ? 
_reflns_shell.number_measured_obs    ? 
_reflns_shell.number_unique_obs      ? 
_reflns_shell.pdbx_chi_squared       ? 
_reflns_shell.pdbx_ordinal           1 
_reflns_shell.pdbx_diffrn_id         1,2 
# 
_refine.entry_id                                 2RKN 
_refine.ls_d_res_high                            1.600 
_refine.ls_d_res_low                             9.920 
_refine.pdbx_ls_sigma_F                          0.00 
_refine.ls_percent_reflns_obs                    99.510 
_refine.ls_number_reflns_obs                     10335 
_refine.pdbx_ls_cross_valid_method               THROUGHOUT 
_refine.pdbx_R_Free_selection_details            RANDOM 
_refine.ls_R_factor_obs                          0.192 
_refine.ls_R_factor_R_work                       0.189 
_refine.ls_wR_factor_R_work                      0.206 
_refine.ls_R_factor_R_free                       0.252 
_refine.ls_wR_factor_R_free                      0.279 
_refine.ls_percent_reflns_R_free                 4.800 
_refine.ls_number_reflns_R_free                  496 
_refine.B_iso_mean                               38.162 
_refine.aniso_B[1][1]                            0.050 
_refine.aniso_B[2][2]                            0.030 
_refine.aniso_B[3][3]                            -0.070 
_refine.aniso_B[1][2]                            0.000 
_refine.aniso_B[1][3]                            0.000 
_refine.aniso_B[2][3]                            0.000 
_refine.correlation_coeff_Fo_to_Fc               0.959 
_refine.correlation_coeff_Fo_to_Fc_free          0.929 
_refine.pdbx_overall_ESU_R                       0.112 
_refine.pdbx_overall_ESU_R_Free                  0.121 
_refine.overall_SU_ML                            0.084 
_refine.overall_SU_B                             3.614 
_refine.solvent_model_details                    'BABINET MODEL WITH MASK' 
_refine.pdbx_solvent_vdw_probe_radii             1.400 
_refine.pdbx_solvent_ion_probe_radii             0.800 
_refine.pdbx_solvent_shrinkage_radii             0.800 
_refine.pdbx_method_to_determine_struct          MAD 
_refine.pdbx_stereochemistry_target_values       'MAXIMUM LIKELIHOOD' 
_refine.pdbx_ls_sigma_I                          0.0 
_refine.ls_number_reflns_all                     10412 
_refine.ls_R_factor_all                          0.192 
_refine.ls_redundancy_reflns_obs                 ? 
_refine.pdbx_data_cutoff_high_absF               ? 
_refine.pdbx_data_cutoff_low_absF                ? 
_refine.ls_number_parameters                     ? 
_refine.ls_number_restraints                     ? 
_refine.ls_R_factor_R_free_error                 ? 
_refine.ls_R_factor_R_free_error_details         ? 
_refine.pdbx_starting_model                      ? 
_refine.pdbx_stereochem_target_val_spec_case     ? 
_refine.solvent_model_param_bsol                 ? 
_refine.solvent_model_param_ksol                 ? 
_refine.occupancy_max                            ? 
_refine.occupancy_min                            ? 
_refine.pdbx_isotropic_thermal_model             ? 
_refine.details                                  ? 
_refine.B_iso_min                                ? 
_refine.B_iso_max                                ? 
_refine.overall_SU_R_Cruickshank_DPI             ? 
_refine.overall_SU_R_free                        ? 
_refine.pdbx_data_cutoff_high_rms_absF           ? 
_refine.overall_FOM_free_R_set                   ? 
_refine.overall_FOM_work_R_set                   ? 
_refine.pdbx_refine_id                           'X-RAY DIFFRACTION' 
_refine.pdbx_overall_phase_error                 ? 
_refine.pdbx_TLS_residual_ADP_flag               'LIKELY RESIDUAL' 
_refine.pdbx_diffrn_id                           1 
_refine.pdbx_overall_SU_R_free_Cruickshank_DPI   ? 
_refine.pdbx_overall_SU_R_Blow_DPI               ? 
_refine.pdbx_overall_SU_R_free_Blow_DPI          ? 
# 
_refine_hist.pdbx_refine_id                   'X-RAY DIFFRACTION' 
_refine_hist.cycle_id                         LAST 
_refine_hist.pdbx_number_atoms_protein        557 
_refine_hist.pdbx_number_atoms_nucleic_acid   0 
_refine_hist.pdbx_number_atoms_ligand         63 
_refine_hist.number_atoms_solvent             124 
_refine_hist.number_atoms_total               744 
_refine_hist.d_res_high                       1.600 
_refine_hist.d_res_low                        9.920 
# 
loop_
_refine_ls_restr.type 
_refine_ls_restr.number 
_refine_ls_restr.dev_ideal 
_refine_ls_restr.dev_ideal_target 
_refine_ls_restr.weight 
_refine_ls_restr.pdbx_refine_id 
_refine_ls_restr.pdbx_restraint_function 
r_bond_refined_d             758  0.020  0.022  ? 'X-RAY DIFFRACTION' ? 
r_angle_refined_deg          1049 2.229  2.077  ? 'X-RAY DIFFRACTION' ? 
r_dihedral_angle_1_deg       108  4.667  5.000  ? 'X-RAY DIFFRACTION' ? 
r_dihedral_angle_2_deg       28   49.507 27.857 ? 'X-RAY DIFFRACTION' ? 
r_dihedral_angle_3_deg       122  15.808 15.000 ? 'X-RAY DIFFRACTION' ? 
r_chiral_restr               109  0.129  0.200  ? 'X-RAY DIFFRACTION' ? 
r_gen_planes_refined         584  0.010  0.020  ? 'X-RAY DIFFRACTION' ? 
r_nbd_refined                428  0.288  0.200  ? 'X-RAY DIFFRACTION' ? 
r_nbtor_refined              508  0.328  0.200  ? 'X-RAY DIFFRACTION' ? 
r_xyhbond_nbd_refined        110  0.224  0.200  ? 'X-RAY DIFFRACTION' ? 
r_metal_ion_refined          3    0.080  0.200  ? 'X-RAY DIFFRACTION' ? 
r_symmetry_vdw_refined       52   0.284  0.200  ? 'X-RAY DIFFRACTION' ? 
r_symmetry_hbond_refined     23   0.313  0.200  ? 'X-RAY DIFFRACTION' ? 
r_symmetry_metal_ion_refined 3    0.215  0.200  ? 'X-RAY DIFFRACTION' ? 
r_mcbond_it                  471  1.567  1.500  ? 'X-RAY DIFFRACTION' ? 
r_mcangle_it                 755  2.266  2.000  ? 'X-RAY DIFFRACTION' ? 
r_scbond_it                  314  3.109  3.000  ? 'X-RAY DIFFRACTION' ? 
r_scangle_it                 283  4.768  4.500  ? 'X-RAY DIFFRACTION' ? 
# 
loop_
_refine_ls_shell.pdbx_total_number_of_bins_used 
_refine_ls_shell.d_res_low 
_refine_ls_shell.d_res_high 
_refine_ls_shell.number_reflns_all 
_refine_ls_shell.percent_reflns_obs 
_refine_ls_shell.number_reflns_R_work 
_refine_ls_shell.R_factor_R_work 
_refine_ls_shell.number_reflns_R_free 
_refine_ls_shell.R_factor_R_free 
_refine_ls_shell.number_reflns_obs 
_refine_ls_shell.R_factor_R_free_error 
_refine_ls_shell.percent_reflns_R_free 
_refine_ls_shell.redundancy_reflns_obs 
_refine_ls_shell.R_factor_all 
_refine_ls_shell.pdbx_refine_id 
20 1.640 1.600 725 100.000 693 0.201 32 0.279 . . . . . 'X-RAY DIFFRACTION' 
20 1.684 1.640 726 100.000 697 0.198 29 0.272 . . . . . 'X-RAY DIFFRACTION' 
20 1.731 1.684 699 100.000 666 0.217 33 0.282 . . . . . 'X-RAY DIFFRACTION' 
20 1.783 1.731 693 100.000 653 0.207 40 0.257 . . . . . 'X-RAY DIFFRACTION' 
20 1.840 1.783 639 100.000 608 0.192 31 0.228 . . . . . 'X-RAY DIFFRACTION' 
20 1.902 1.840 646 100.000 611 0.202 35 0.258 . . . . . 'X-RAY DIFFRACTION' 
20 1.971 1.902 626 100.000 595 0.218 31 0.290 . . . . . 'X-RAY DIFFRACTION' 
20 2.048 1.971 609 100.000 584 0.203 25 0.265 . . . . . 'X-RAY DIFFRACTION' 
20 2.135 2.048 569 100.000 532 0.180 37 0.260 . . . . . 'X-RAY DIFFRACTION' 
20 2.234 2.135 554 100.000 528 0.179 26 0.237 . . . . . 'X-RAY DIFFRACTION' 
20 2.348 2.234 540 100.000 519 0.175 21 0.215 . . . . . 'X-RAY DIFFRACTION' 
20 2.482 2.348 501 100.000 473 0.184 28 0.225 . . . . . 'X-RAY DIFFRACTION' 
20 2.641 2.482 482 100.000 460 0.184 22 0.194 . . . . . 'X-RAY DIFFRACTION' 
20 2.836 2.641 449 100.000 426 0.184 23 0.290 . . . . . 'X-RAY DIFFRACTION' 
20 3.082 2.836 423 100.000 404 0.187 19 0.309 . . . . . 'X-RAY DIFFRACTION' 
20 3.405 3.082 390 99.744  371 0.170 18 0.162 . . . . . 'X-RAY DIFFRACTION' 
20 3.857 3.405 348 98.563  327 0.170 16 0.276 . . . . . 'X-RAY DIFFRACTION' 
20 4.554 3.857 310 95.806  287 0.168 10 0.225 . . . . . 'X-RAY DIFFRACTION' 
20 5.853 4.554 259 96.139  235 0.212 14 0.349 . . . . . 'X-RAY DIFFRACTION' 
20 9.918 5.853 198 88.889  170 0.267 6  0.219 . . . . . 'X-RAY DIFFRACTION' 
# 
_struct.entry_id                  2RKN 
_struct.title                     'X-ray structure of the self-defense and signaling protein DIR1 from Arabidopsis taliana' 
_struct.pdbx_model_details        ? 
_struct.pdbx_CASP_flag            ? 
_struct.pdbx_model_type_details   ? 
# 
_struct_keywords.entry_id        2RKN 
_struct_keywords.pdbx_keywords   'SIGNALING PROTEIN, LIPID TRANSPORT' 
_struct_keywords.text            'LTP, DEFENSE SIGNALING PROTEIN, SIGNALING PROTEIN, LIPID TRANSPORT' 
# 
loop_
_struct_asym.id 
_struct_asym.pdbx_blank_PDB_chainid_flag 
_struct_asym.pdbx_modified 
_struct_asym.entity_id 
_struct_asym.details 
A N N 1 ? 
B N N 2 ? 
C N N 2 ? 
D N N 2 ? 
E N N 3 ? 
F N N 3 ? 
G N N 4 ? 
# 
_struct_ref.id                         1 
_struct_ref.db_name                    UNP 
_struct_ref.db_code                    Q8W453_ARATH 
_struct_ref.pdbx_db_accession          Q8W453 
_struct_ref.entity_id                  1 
_struct_ref.pdbx_seq_one_letter_code   AIDLCGMSQDELNECKPAVSKENPTSPSQPCCTALQHADFACLCGYKNSPWLGSFGVDPELASALPKQCGLANAPTC 
_struct_ref.pdbx_align_begin           26 
_struct_ref.pdbx_db_isoform            ? 
# 
_struct_ref_seq.align_id                      1 
_struct_ref_seq.ref_id                        1 
_struct_ref_seq.pdbx_PDB_id_code              2RKN 
_struct_ref_seq.pdbx_strand_id                A 
_struct_ref_seq.seq_align_beg                 1 
_struct_ref_seq.pdbx_seq_align_beg_ins_code   ? 
_struct_ref_seq.seq_align_end                 77 
_struct_ref_seq.pdbx_seq_align_end_ins_code   ? 
_struct_ref_seq.pdbx_db_accession             Q8W453 
_struct_ref_seq.db_align_beg                  26 
_struct_ref_seq.pdbx_db_align_beg_ins_code    ? 
_struct_ref_seq.db_align_end                  102 
_struct_ref_seq.pdbx_db_align_end_ins_code    ? 
_struct_ref_seq.pdbx_auth_seq_align_beg       1 
_struct_ref_seq.pdbx_auth_seq_align_end       77 
# 
_pdbx_struct_assembly.id                   1 
_pdbx_struct_assembly.details              author_and_software_defined_assembly 
_pdbx_struct_assembly.method_details       PISA 
_pdbx_struct_assembly.oligomeric_details   monomeric 
_pdbx_struct_assembly.oligomeric_count     1 
# 
_pdbx_struct_assembly_gen.assembly_id       1 
_pdbx_struct_assembly_gen.oper_expression   1 
_pdbx_struct_assembly_gen.asym_id_list      A,B,C,D,E,F,G 
# 
_pdbx_struct_oper_list.id                   1 
_pdbx_struct_oper_list.type                 'identity operation' 
_pdbx_struct_oper_list.name                 1_555 
_pdbx_struct_oper_list.symmetry_operation   x,y,z 
_pdbx_struct_oper_list.matrix[1][1]         1.0000000000 
_pdbx_struct_oper_list.matrix[1][2]         0.0000000000 
_pdbx_struct_oper_list.matrix[1][3]         0.0000000000 
_pdbx_struct_oper_list.vector[1]            0.0000000000 
_pdbx_struct_oper_list.matrix[2][1]         0.0000000000 
_pdbx_struct_oper_list.matrix[2][2]         1.0000000000 
_pdbx_struct_oper_list.matrix[2][3]         0.0000000000 
_pdbx_struct_oper_list.vector[2]            0.0000000000 
_pdbx_struct_oper_list.matrix[3][1]         0.0000000000 
_pdbx_struct_oper_list.matrix[3][2]         0.0000000000 
_pdbx_struct_oper_list.matrix[3][3]         1.0000000000 
_pdbx_struct_oper_list.vector[3]            0.0000000000 
# 
_struct_biol.id        1 
_struct_biol.details   ? 
# 
loop_
_struct_conf.conf_type_id 
_struct_conf.id 
_struct_conf.pdbx_PDB_helix_id 
_struct_conf.beg_label_comp_id 
_struct_conf.beg_label_asym_id 
_struct_conf.beg_label_seq_id 
_struct_conf.pdbx_beg_PDB_ins_code 
_struct_conf.end_label_comp_id 
_struct_conf.end_label_asym_id 
_struct_conf.end_label_seq_id 
_struct_conf.pdbx_end_PDB_ins_code 
_struct_conf.beg_auth_comp_id 
_struct_conf.beg_auth_asym_id 
_struct_conf.beg_auth_seq_id 
_struct_conf.end_auth_comp_id 
_struct_conf.end_auth_asym_id 
_struct_conf.end_auth_seq_id 
_struct_conf.pdbx_PDB_helix_class 
_struct_conf.details 
_struct_conf.pdbx_PDB_helix_length 
HELX_P HELX_P1 1 SER A 8  ? LYS A 16 ? SER A 8  LYS A 16 1 ? 9  
HELX_P HELX_P2 2 PRO A 17 ? SER A 20 ? PRO A 17 SER A 20 5 ? 4  
HELX_P HELX_P3 3 SER A 28 ? GLN A 36 ? SER A 28 GLN A 36 1 ? 9  
HELX_P HELX_P4 4 ASP A 39 ? GLY A 45 ? ASP A 39 GLY A 45 1 ? 7  
HELX_P HELX_P5 5 SER A 49 ? GLY A 56 ? SER A 49 GLY A 56 1 ? 8  
HELX_P HELX_P6 6 ASP A 58 ? CYS A 69 ? ASP A 58 CYS A 69 1 ? 12 
# 
_struct_conf_type.id          HELX_P 
_struct_conf_type.criteria    ? 
_struct_conf_type.reference   ? 
# 
loop_
_struct_conn.id 
_struct_conn.conn_type_id 
_struct_conn.pdbx_leaving_atom_flag 
_struct_conn.pdbx_PDB_id 
_struct_conn.ptnr1_label_asym_id 
_struct_conn.ptnr1_label_comp_id 
_struct_conn.ptnr1_label_seq_id 
_struct_conn.ptnr1_label_atom_id 
_struct_conn.pdbx_ptnr1_label_alt_id 
_struct_conn.pdbx_ptnr1_PDB_ins_code 
_struct_conn.pdbx_ptnr1_standard_comp_id 
_struct_conn.ptnr1_symmetry 
_struct_conn.ptnr2_label_asym_id 
_struct_conn.ptnr2_label_comp_id 
_struct_conn.ptnr2_label_seq_id 
_struct_conn.ptnr2_label_atom_id 
_struct_conn.pdbx_ptnr2_label_alt_id 
_struct_conn.pdbx_ptnr2_PDB_ins_code 
_struct_conn.ptnr1_auth_asym_id 
_struct_conn.ptnr1_auth_comp_id 
_struct_conn.ptnr1_auth_seq_id 
_struct_conn.ptnr2_auth_asym_id 
_struct_conn.ptnr2_auth_comp_id 
_struct_conn.ptnr2_auth_seq_id 
_struct_conn.ptnr2_symmetry 
_struct_conn.pdbx_ptnr3_label_atom_id 
_struct_conn.pdbx_ptnr3_label_seq_id 
_struct_conn.pdbx_ptnr3_label_comp_id 
_struct_conn.pdbx_ptnr3_label_asym_id 
_struct_conn.pdbx_ptnr3_label_alt_id 
_struct_conn.pdbx_ptnr3_PDB_ins_code 
_struct_conn.details 
_struct_conn.pdbx_dist_value 
_struct_conn.pdbx_value_order 
_struct_conn.pdbx_role 
disulf1  disulf ? ? A CYS 5  SG  ? ? ? 1_555 A CYS 42 SG ? ? A CYS 5   A CYS 42  1_555 ? ? ? ? ? ? ? 2.019 ? ? 
disulf2  disulf ? ? A CYS 15 SG  ? ? ? 1_555 A CYS 31 SG ? ? A CYS 15  A CYS 31  1_555 ? ? ? ? ? ? ? 2.067 ? ? 
disulf3  disulf ? ? A CYS 32 SG  ? ? ? 1_555 A CYS 69 SG ? ? A CYS 32  A CYS 69  1_555 ? ? ? ? ? ? ? 2.030 ? ? 
disulf4  disulf ? ? A CYS 44 SG  ? ? ? 1_555 A CYS 77 SG ? ? A CYS 44  A CYS 77  1_555 ? ? ? ? ? ? ? 2.078 ? ? 
metalc1  metalc ? ? A ALA 1  N   ? ? ? 1_555 B ZN  .  ZN ? ? A ALA 1   A ZN  201 1_555 ? ? ? ? ? ? ? 1.994 ? ? 
metalc2  metalc ? ? A GLU 11 OE2 ? ? ? 1_555 C ZN  .  ZN ? ? A GLU 11  A ZN  202 1_555 ? ? ? ? ? ? ? 2.017 ? ? 
metalc3  metalc ? ? A GLU 11 OE1 ? ? ? 1_555 D ZN  .  ZN ? ? A GLU 11  A ZN  203 1_555 ? ? ? ? ? ? ? 2.102 ? ? 
metalc4  metalc ? ? A GLU 11 OE2 ? ? ? 1_555 D ZN  .  ZN ? ? A GLU 11  A ZN  203 1_555 ? ? ? ? ? ? ? 2.350 ? ? 
metalc5  metalc ? ? A HIS 37 NE2 A ? ? 1_555 C ZN  .  ZN ? ? A HIS 37  A ZN  202 1_555 ? ? ? ? ? ? ? 2.257 ? ? 
metalc6  metalc ? ? A HIS 37 NE2 B ? ? 1_555 C ZN  .  ZN ? ? A HIS 37  A ZN  202 1_555 ? ? ? ? ? ? ? 1.939 ? ? 
metalc7  metalc ? ? A HIS 37 NE2 A ? ? 1_555 D ZN  .  ZN ? ? A HIS 37  A ZN  203 1_555 ? ? ? ? ? ? ? 2.185 ? ? 
metalc8  metalc ? ? A HIS 37 NE2 B ? ? 1_555 D ZN  .  ZN ? ? A HIS 37  A ZN  203 1_555 ? ? ? ? ? ? ? 2.357 ? ? 
metalc9  metalc ? ? C ZN  .  ZN  ? ? ? 1_555 G HOH .  O  ? ? A ZN  202 A HOH 388 1_555 ? ? ? ? ? ? ? 2.086 ? ? 
metalc10 metalc ? ? D ZN  .  ZN  ? ? ? 1_555 G HOH .  O  ? ? A ZN  203 A HOH 305 1_555 ? ? ? ? ? ? ? 1.839 ? ? 
# 
loop_
_struct_conn_type.id 
_struct_conn_type.criteria 
_struct_conn_type.reference 
disulf ? ? 
metalc ? ? 
# 
loop_
_pdbx_struct_conn_angle.id 
_pdbx_struct_conn_angle.ptnr1_label_atom_id 
_pdbx_struct_conn_angle.ptnr1_label_alt_id 
_pdbx_struct_conn_angle.ptnr1_label_asym_id 
_pdbx_struct_conn_angle.ptnr1_label_comp_id 
_pdbx_struct_conn_angle.ptnr1_label_seq_id 
_pdbx_struct_conn_angle.ptnr1_auth_atom_id 
_pdbx_struct_conn_angle.ptnr1_auth_asym_id 
_pdbx_struct_conn_angle.ptnr1_auth_comp_id 
_pdbx_struct_conn_angle.ptnr1_auth_seq_id 
_pdbx_struct_conn_angle.ptnr1_PDB_ins_code 
_pdbx_struct_conn_angle.ptnr1_symmetry 
_pdbx_struct_conn_angle.ptnr2_label_atom_id 
_pdbx_struct_conn_angle.ptnr2_label_alt_id 
_pdbx_struct_conn_angle.ptnr2_label_asym_id 
_pdbx_struct_conn_angle.ptnr2_label_comp_id 
_pdbx_struct_conn_angle.ptnr2_label_seq_id 
_pdbx_struct_conn_angle.ptnr2_auth_atom_id 
_pdbx_struct_conn_angle.ptnr2_auth_asym_id 
_pdbx_struct_conn_angle.ptnr2_auth_comp_id 
_pdbx_struct_conn_angle.ptnr2_auth_seq_id 
_pdbx_struct_conn_angle.ptnr2_PDB_ins_code 
_pdbx_struct_conn_angle.ptnr2_symmetry 
_pdbx_struct_conn_angle.ptnr3_label_atom_id 
_pdbx_struct_conn_angle.ptnr3_label_alt_id 
_pdbx_struct_conn_angle.ptnr3_label_asym_id 
_pdbx_struct_conn_angle.ptnr3_label_comp_id 
_pdbx_struct_conn_angle.ptnr3_label_seq_id 
_pdbx_struct_conn_angle.ptnr3_auth_atom_id 
_pdbx_struct_conn_angle.ptnr3_auth_asym_id 
_pdbx_struct_conn_angle.ptnr3_auth_comp_id 
_pdbx_struct_conn_angle.ptnr3_auth_seq_id 
_pdbx_struct_conn_angle.ptnr3_PDB_ins_code 
_pdbx_struct_conn_angle.ptnr3_symmetry 
_pdbx_struct_conn_angle.value 
_pdbx_struct_conn_angle.value_esd 
1  OE2 ? A GLU 11 ? A GLU 11 ? 1_555 ZN ? C ZN . ? A ZN 202 ? 1_555 NE2 A A HIS 37 ? A HIS 37  ? 1_555 106.8 ? 
2  OE2 ? A GLU 11 ? A GLU 11 ? 1_555 ZN ? C ZN . ? A ZN 202 ? 1_555 NE2 B A HIS 37 ? A HIS 37  ? 1_555 111.4 ? 
3  NE2 A A HIS 37 ? A HIS 37 ? 1_555 ZN ? C ZN . ? A ZN 202 ? 1_555 NE2 B A HIS 37 ? A HIS 37  ? 1_555 9.8   ? 
4  OE2 ? A GLU 11 ? A GLU 11 ? 1_555 ZN ? C ZN . ? A ZN 202 ? 1_555 O   ? G HOH .  ? A HOH 388 ? 1_555 96.4  ? 
5  NE2 A A HIS 37 ? A HIS 37 ? 1_555 ZN ? C ZN . ? A ZN 202 ? 1_555 O   ? G HOH .  ? A HOH 388 ? 1_555 125.7 ? 
6  NE2 B A HIS 37 ? A HIS 37 ? 1_555 ZN ? C ZN . ? A ZN 202 ? 1_555 O   ? G HOH .  ? A HOH 388 ? 1_555 116.0 ? 
7  OE1 ? A GLU 11 ? A GLU 11 ? 1_555 ZN ? D ZN . ? A ZN 203 ? 1_555 OE2 ? A GLU 11 ? A GLU 11  ? 1_555 57.3  ? 
8  OE1 ? A GLU 11 ? A GLU 11 ? 1_555 ZN ? D ZN . ? A ZN 203 ? 1_555 NE2 A A HIS 37 ? A HIS 37  ? 1_555 109.7 ? 
9  OE2 ? A GLU 11 ? A GLU 11 ? 1_555 ZN ? D ZN . ? A ZN 203 ? 1_555 NE2 A A HIS 37 ? A HIS 37  ? 1_555 98.4  ? 
10 OE1 ? A GLU 11 ? A GLU 11 ? 1_555 ZN ? D ZN . ? A ZN 203 ? 1_555 NE2 B A HIS 37 ? A HIS 37  ? 1_555 107.4 ? 
11 OE2 ? A GLU 11 ? A GLU 11 ? 1_555 ZN ? D ZN . ? A ZN 203 ? 1_555 NE2 B A HIS 37 ? A HIS 37  ? 1_555 87.9  ? 
12 NE2 A A HIS 37 ? A HIS 37 ? 1_555 ZN ? D ZN . ? A ZN 203 ? 1_555 NE2 B A HIS 37 ? A HIS 37  ? 1_555 11.3  ? 
13 OE1 ? A GLU 11 ? A GLU 11 ? 1_555 ZN ? D ZN . ? A ZN 203 ? 1_555 O   ? G HOH .  ? A HOH 305 ? 1_555 92.9  ? 
14 OE2 ? A GLU 11 ? A GLU 11 ? 1_555 ZN ? D ZN . ? A ZN 203 ? 1_555 O   ? G HOH .  ? A HOH 305 ? 1_555 113.3 ? 
15 NE2 A A HIS 37 ? A HIS 37 ? 1_555 ZN ? D ZN . ? A ZN 203 ? 1_555 O   ? G HOH .  ? A HOH 305 ? 1_555 147.8 ? 
16 NE2 B A HIS 37 ? A HIS 37 ? 1_555 ZN ? D ZN . ? A ZN 203 ? 1_555 O   ? G HOH .  ? A HOH 305 ? 1_555 156.7 ? 
# 
loop_
_pdbx_modification_feature.ordinal 
_pdbx_modification_feature.label_comp_id 
_pdbx_modification_feature.label_asym_id 
_pdbx_modification_feature.label_seq_id 
_pdbx_modification_feature.label_alt_id 
_pdbx_modification_feature.modified_residue_label_comp_id 
_pdbx_modification_feature.modified_residue_label_asym_id 
_pdbx_modification_feature.modified_residue_label_seq_id 
_pdbx_modification_feature.modified_residue_label_alt_id 
_pdbx_modification_feature.auth_comp_id 
_pdbx_modification_feature.auth_asym_id 
_pdbx_modification_feature.auth_seq_id 
_pdbx_modification_feature.PDB_ins_code 
_pdbx_modification_feature.symmetry 
_pdbx_modification_feature.modified_residue_auth_comp_id 
_pdbx_modification_feature.modified_residue_auth_asym_id 
_pdbx_modification_feature.modified_residue_auth_seq_id 
_pdbx_modification_feature.modified_residue_PDB_ins_code 
_pdbx_modification_feature.modified_residue_symmetry 
_pdbx_modification_feature.comp_id_linking_atom 
_pdbx_modification_feature.modified_residue_id_linking_atom 
_pdbx_modification_feature.modified_residue_id 
_pdbx_modification_feature.ref_pcm_id 
_pdbx_modification_feature.ref_comp_id 
_pdbx_modification_feature.type 
_pdbx_modification_feature.category 
1 CYS A 5  ? CYS A 42 ? CYS A 5  ? 1_555 CYS A 42 ? 1_555 SG SG . . . None 'Disulfide bridge' 
2 CYS A 15 ? CYS A 31 ? CYS A 15 ? 1_555 CYS A 31 ? 1_555 SG SG . . . None 'Disulfide bridge' 
3 CYS A 32 ? CYS A 69 ? CYS A 32 ? 1_555 CYS A 69 ? 1_555 SG SG . . . None 'Disulfide bridge' 
4 CYS A 44 ? CYS A 77 ? CYS A 44 ? 1_555 CYS A 77 ? 1_555 SG SG . . . None 'Disulfide bridge' 
# 
loop_
_struct_site.id 
_struct_site.pdbx_evidence_code 
_struct_site.pdbx_auth_asym_id 
_struct_site.pdbx_auth_comp_id 
_struct_site.pdbx_auth_seq_id 
_struct_site.pdbx_auth_ins_code 
_struct_site.pdbx_num_residues 
_struct_site.details 
AC1 Software A ZN  201 ? 4  'BINDING SITE FOR RESIDUE ZN A 201'  
AC2 Software A ZN  202 ? 5  'BINDING SITE FOR RESIDUE ZN A 202'  
AC3 Software A ZN  203 ? 5  'BINDING SITE FOR RESIDUE ZN A 203'  
AC4 Software A LP3 101 ? 11 'BINDING SITE FOR RESIDUE LP3 A 101' 
AC5 Software A LP3 102 ? 19 'BINDING SITE FOR RESIDUE LP3 A 102' 
# 
loop_
_struct_site_gen.id 
_struct_site_gen.site_id 
_struct_site_gen.pdbx_num_res 
_struct_site_gen.label_comp_id 
_struct_site_gen.label_asym_id 
_struct_site_gen.label_seq_id 
_struct_site_gen.pdbx_auth_ins_code 
_struct_site_gen.auth_comp_id 
_struct_site_gen.auth_asym_id 
_struct_site_gen.auth_seq_id 
_struct_site_gen.label_atom_id 
_struct_site_gen.label_alt_id 
_struct_site_gen.symmetry 
_struct_site_gen.details 
1  AC1 4  ALA A 1  ? ALA A 1   . ? 1_555 ? 
2  AC1 4  ASP A 58 ? ASP A 58  . ? 3_655 ? 
3  AC1 4  HOH G .  ? HOH A 333 . ? 3_655 ? 
4  AC1 4  HOH G .  ? HOH A 394 . ? 3_655 ? 
5  AC2 5  GLU A 11 ? GLU A 11  . ? 1_555 ? 
6  AC2 5  HIS A 37 ? HIS A 37  . ? 1_555 ? 
7  AC2 5  ASP A 39 ? ASP A 39  . ? 4_455 ? 
8  AC2 5  ZN  D .  ? ZN  A 203 . ? 1_555 ? 
9  AC2 5  HOH G .  ? HOH A 388 . ? 1_555 ? 
10 AC3 5  GLU A 11 ? GLU A 11  . ? 1_555 ? 
11 AC3 5  HIS A 37 ? HIS A 37  . ? 1_555 ? 
12 AC3 5  ASP A 39 ? ASP A 39  . ? 4_455 ? 
13 AC3 5  ZN  C .  ? ZN  A 202 . ? 1_555 ? 
14 AC3 5  HOH G .  ? HOH A 305 . ? 1_555 ? 
15 AC4 11 GLN A 9  ? GLN A 9   . ? 1_555 ? 
16 AC4 11 LEU A 12 ? LEU A 12  . ? 1_555 ? 
17 AC4 11 ASN A 13 ? ASN A 13  . ? 1_555 ? 
18 AC4 11 LYS A 16 ? LYS A 16  . ? 1_555 ? 
19 AC4 11 PHE A 40 ? PHE A 40  . ? 1_555 ? 
20 AC4 11 CYS A 44 ? CYS A 44  . ? 1_555 ? 
21 AC4 11 PHE A 55 ? PHE A 55  . ? 1_555 ? 
22 AC4 11 ALA A 62 ? ALA A 62  . ? 1_555 ? 
23 AC4 11 LEU A 65 ? LEU A 65  . ? 1_555 ? 
24 AC4 11 PRO A 75 ? PRO A 75  . ? 1_555 ? 
25 AC4 11 LP3 F .  ? LP3 A 102 . ? 1_555 ? 
26 AC5 19 ILE A 2  ? ILE A 2   . ? 1_555 ? 
27 AC5 19 LEU A 4  ? LEU A 4   . ? 1_555 ? 
28 AC5 19 GLN A 9  ? GLN A 9   . ? 1_555 ? 
29 AC5 19 LEU A 43 ? LEU A 43  . ? 1_555 ? 
30 AC5 19 LYS A 47 ? LYS A 47  . ? 1_555 ? 
31 AC5 19 TRP A 51 ? TRP A 51  . ? 1_555 ? 
32 AC5 19 LEU A 52 ? LEU A 52  . ? 1_555 ? 
33 AC5 19 PHE A 55 ? PHE A 55  . ? 1_555 ? 
34 AC5 19 PRO A 59 ? PRO A 59  . ? 1_555 ? 
35 AC5 19 GLU A 60 ? GLU A 60  . ? 1_555 ? 
36 AC5 19 GLU A 60 ? GLU A 60  . ? 3_655 ? 
37 AC5 19 LEU A 61 ? LEU A 61  . ? 3_655 ? 
38 AC5 19 SER A 63 ? SER A 63  . ? 1_555 ? 
39 AC5 19 ALA A 64 ? ALA A 64  . ? 3_655 ? 
40 AC5 19 CYS A 77 ? CYS A 77  . ? 1_555 ? 
41 AC5 19 LP3 E .  ? LP3 A 101 . ? 1_555 ? 
42 AC5 19 HOH G .  ? HOH A 332 . ? 3_655 ? 
43 AC5 19 HOH G .  ? HOH A 415 . ? 1_555 ? 
44 AC5 19 HOH G .  ? HOH A 419 . ? 3_655 ? 
# 
_pdbx_entry_details.entry_id                   2RKN 
_pdbx_entry_details.compound_details           ? 
_pdbx_entry_details.source_details             ? 
_pdbx_entry_details.nonpolymer_details         ? 
_pdbx_entry_details.sequence_details           ? 
_pdbx_entry_details.has_ligand_of_interest     ? 
_pdbx_entry_details.has_protein_modification   Y 
# 
loop_
_pdbx_validate_close_contact.id 
_pdbx_validate_close_contact.PDB_model_num 
_pdbx_validate_close_contact.auth_atom_id_1 
_pdbx_validate_close_contact.auth_asym_id_1 
_pdbx_validate_close_contact.auth_comp_id_1 
_pdbx_validate_close_contact.auth_seq_id_1 
_pdbx_validate_close_contact.PDB_ins_code_1 
_pdbx_validate_close_contact.label_alt_id_1 
_pdbx_validate_close_contact.auth_atom_id_2 
_pdbx_validate_close_contact.auth_asym_id_2 
_pdbx_validate_close_contact.auth_comp_id_2 
_pdbx_validate_close_contact.auth_seq_id_2 
_pdbx_validate_close_contact.PDB_ins_code_2 
_pdbx_validate_close_contact.label_alt_id_2 
_pdbx_validate_close_contact.dist 
1 1 NZ  A LYS 21  ? A O A HOH 318 ? ? 2.10 
2 1 O   A HOH 367 ? ? O A HOH 421 ? ? 2.10 
3 1 OE2 A GLU 14  ? B O A HOH 371 ? ? 2.17 
# 
loop_
_pdbx_validate_symm_contact.id 
_pdbx_validate_symm_contact.PDB_model_num 
_pdbx_validate_symm_contact.auth_atom_id_1 
_pdbx_validate_symm_contact.auth_asym_id_1 
_pdbx_validate_symm_contact.auth_comp_id_1 
_pdbx_validate_symm_contact.auth_seq_id_1 
_pdbx_validate_symm_contact.PDB_ins_code_1 
_pdbx_validate_symm_contact.label_alt_id_1 
_pdbx_validate_symm_contact.site_symmetry_1 
_pdbx_validate_symm_contact.auth_atom_id_2 
_pdbx_validate_symm_contact.auth_asym_id_2 
_pdbx_validate_symm_contact.auth_comp_id_2 
_pdbx_validate_symm_contact.auth_seq_id_2 
_pdbx_validate_symm_contact.PDB_ins_code_2 
_pdbx_validate_symm_contact.label_alt_id_2 
_pdbx_validate_symm_contact.site_symmetry_2 
_pdbx_validate_symm_contact.dist 
1 1 OD1 A ASP 58 ? ? 1_555 ZN A ZN  201 ? ? 3_645 1.69 
2 1 NZ  A LYS 21 ? B 1_555 O  A HOH 418 ? ? 2_655 2.16 
# 
_pdbx_validate_rmsd_angle.id                         1 
_pdbx_validate_rmsd_angle.PDB_model_num              1 
_pdbx_validate_rmsd_angle.auth_atom_id_1             CB 
_pdbx_validate_rmsd_angle.auth_asym_id_1             A 
_pdbx_validate_rmsd_angle.auth_comp_id_1             ASP 
_pdbx_validate_rmsd_angle.auth_seq_id_1              39 
_pdbx_validate_rmsd_angle.PDB_ins_code_1             ? 
_pdbx_validate_rmsd_angle.label_alt_id_1             ? 
_pdbx_validate_rmsd_angle.auth_atom_id_2             CG 
_pdbx_validate_rmsd_angle.auth_asym_id_2             A 
_pdbx_validate_rmsd_angle.auth_comp_id_2             ASP 
_pdbx_validate_rmsd_angle.auth_seq_id_2              39 
_pdbx_validate_rmsd_angle.PDB_ins_code_2             ? 
_pdbx_validate_rmsd_angle.label_alt_id_2             ? 
_pdbx_validate_rmsd_angle.auth_atom_id_3             OD2 
_pdbx_validate_rmsd_angle.auth_asym_id_3             A 
_pdbx_validate_rmsd_angle.auth_comp_id_3             ASP 
_pdbx_validate_rmsd_angle.auth_seq_id_3              39 
_pdbx_validate_rmsd_angle.PDB_ins_code_3             ? 
_pdbx_validate_rmsd_angle.label_alt_id_3             ? 
_pdbx_validate_rmsd_angle.angle_value                109.59 
_pdbx_validate_rmsd_angle.angle_target_value         118.30 
_pdbx_validate_rmsd_angle.angle_deviation            -8.71 
_pdbx_validate_rmsd_angle.angle_standard_deviation   0.90 
_pdbx_validate_rmsd_angle.linker_flag                N 
# 
_pdbx_validate_torsion.id              1 
_pdbx_validate_torsion.PDB_model_num   1 
_pdbx_validate_torsion.auth_comp_id    THR 
_pdbx_validate_torsion.auth_asym_id    A 
_pdbx_validate_torsion.auth_seq_id     76 
_pdbx_validate_torsion.PDB_ins_code    ? 
_pdbx_validate_torsion.label_alt_id    ? 
_pdbx_validate_torsion.phi             -64.37 
_pdbx_validate_torsion.psi             23.55 
# 
_pdbx_refine_tls.id               1 
_pdbx_refine_tls.details          ? 
_pdbx_refine_tls.method           refined 
_pdbx_refine_tls.origin_x         -1.0779 
_pdbx_refine_tls.origin_y         0.6861 
_pdbx_refine_tls.origin_z         -0.0488 
_pdbx_refine_tls.T[1][1]          -0.1668 
_pdbx_refine_tls.T[2][2]          -0.2607 
_pdbx_refine_tls.T[3][3]          -0.1882 
_pdbx_refine_tls.T[1][2]          0.0298 
_pdbx_refine_tls.T[1][3]          -0.0734 
_pdbx_refine_tls.T[2][3]          0.0013 
_pdbx_refine_tls.L[1][1]          2.9903 
_pdbx_refine_tls.L[2][2]          2.5763 
_pdbx_refine_tls.L[3][3]          4.3025 
_pdbx_refine_tls.L[1][2]          0.7420 
_pdbx_refine_tls.L[1][3]          1.1996 
_pdbx_refine_tls.L[2][3]          -1.8301 
_pdbx_refine_tls.S[1][1]          -0.0995 
_pdbx_refine_tls.S[2][2]          -0.0587 
_pdbx_refine_tls.S[3][3]          0.1582 
_pdbx_refine_tls.S[1][2]          -0.0328 
_pdbx_refine_tls.S[1][3]          -0.0606 
_pdbx_refine_tls.S[2][3]          -0.1942 
_pdbx_refine_tls.S[2][1]          -0.0345 
_pdbx_refine_tls.S[3][1]          0.0298 
_pdbx_refine_tls.S[3][2]          0.1154 
_pdbx_refine_tls.pdbx_refine_id   'X-RAY DIFFRACTION' 
# 
loop_
_pdbx_refine_tls_group.id 
_pdbx_refine_tls_group.refine_tls_id 
_pdbx_refine_tls_group.beg_label_asym_id 
_pdbx_refine_tls_group.beg_label_seq_id 
_pdbx_refine_tls_group.end_label_asym_id 
_pdbx_refine_tls_group.end_label_seq_id 
_pdbx_refine_tls_group.selection 
_pdbx_refine_tls_group.beg_auth_asym_id 
_pdbx_refine_tls_group.beg_auth_seq_id 
_pdbx_refine_tls_group.end_auth_asym_id 
_pdbx_refine_tls_group.end_auth_seq_id 
_pdbx_refine_tls_group.pdbx_refine_id 
_pdbx_refine_tls_group.selection_details 
1 1 A 4  A 19 ? A 4  A 19 'X-RAY DIFFRACTION' ? 
2 1 A 28 A 37 ? A 28 A 37 'X-RAY DIFFRACTION' ? 
3 1 A 39 A 46 ? A 39 A 46 'X-RAY DIFFRACTION' ? 
4 1 A 50 A 55 ? A 50 A 55 'X-RAY DIFFRACTION' ? 
5 1 A 58 A 69 ? A 58 A 69 'X-RAY DIFFRACTION' ? 
# 
_phasing.method   MAD 
# 
loop_
_chem_comp_atom.comp_id 
_chem_comp_atom.atom_id 
_chem_comp_atom.type_symbol 
_chem_comp_atom.pdbx_aromatic_flag 
_chem_comp_atom.pdbx_stereo_config 
_chem_comp_atom.pdbx_ordinal 
ALA N    N  N N 1   
ALA CA   C  N S 2   
ALA C    C  N N 3   
ALA O    O  N N 4   
ALA CB   C  N N 5   
ALA OXT  O  N N 6   
ALA H    H  N N 7   
ALA H2   H  N N 8   
ALA HA   H  N N 9   
ALA HB1  H  N N 10  
ALA HB2  H  N N 11  
ALA HB3  H  N N 12  
ALA HXT  H  N N 13  
ASN N    N  N N 14  
ASN CA   C  N S 15  
ASN C    C  N N 16  
ASN O    O  N N 17  
ASN CB   C  N N 18  
ASN CG   C  N N 19  
ASN OD1  O  N N 20  
ASN ND2  N  N N 21  
ASN OXT  O  N N 22  
ASN H    H  N N 23  
ASN H2   H  N N 24  
ASN HA   H  N N 25  
ASN HB2  H  N N 26  
ASN HB3  H  N N 27  
ASN HD21 H  N N 28  
ASN HD22 H  N N 29  
ASN HXT  H  N N 30  
ASP N    N  N N 31  
ASP CA   C  N S 32  
ASP C    C  N N 33  
ASP O    O  N N 34  
ASP CB   C  N N 35  
ASP CG   C  N N 36  
ASP OD1  O  N N 37  
ASP OD2  O  N N 38  
ASP OXT  O  N N 39  
ASP H    H  N N 40  
ASP H2   H  N N 41  
ASP HA   H  N N 42  
ASP HB2  H  N N 43  
ASP HB3  H  N N 44  
ASP HD2  H  N N 45  
ASP HXT  H  N N 46  
CYS N    N  N N 47  
CYS CA   C  N R 48  
CYS C    C  N N 49  
CYS O    O  N N 50  
CYS CB   C  N N 51  
CYS SG   S  N N 52  
CYS OXT  O  N N 53  
CYS H    H  N N 54  
CYS H2   H  N N 55  
CYS HA   H  N N 56  
CYS HB2  H  N N 57  
CYS HB3  H  N N 58  
CYS HG   H  N N 59  
CYS HXT  H  N N 60  
GLN N    N  N N 61  
GLN CA   C  N S 62  
GLN C    C  N N 63  
GLN O    O  N N 64  
GLN CB   C  N N 65  
GLN CG   C  N N 66  
GLN CD   C  N N 67  
GLN OE1  O  N N 68  
GLN NE2  N  N N 69  
GLN OXT  O  N N 70  
GLN H    H  N N 71  
GLN H2   H  N N 72  
GLN HA   H  N N 73  
GLN HB2  H  N N 74  
GLN HB3  H  N N 75  
GLN HG2  H  N N 76  
GLN HG3  H  N N 77  
GLN HE21 H  N N 78  
GLN HE22 H  N N 79  
GLN HXT  H  N N 80  
GLU N    N  N N 81  
GLU CA   C  N S 82  
GLU C    C  N N 83  
GLU O    O  N N 84  
GLU CB   C  N N 85  
GLU CG   C  N N 86  
GLU CD   C  N N 87  
GLU OE1  O  N N 88  
GLU OE2  O  N N 89  
GLU OXT  O  N N 90  
GLU H    H  N N 91  
GLU H2   H  N N 92  
GLU HA   H  N N 93  
GLU HB2  H  N N 94  
GLU HB3  H  N N 95  
GLU HG2  H  N N 96  
GLU HG3  H  N N 97  
GLU HE2  H  N N 98  
GLU HXT  H  N N 99  
GLY N    N  N N 100 
GLY CA   C  N N 101 
GLY C    C  N N 102 
GLY O    O  N N 103 
GLY OXT  O  N N 104 
GLY H    H  N N 105 
GLY H2   H  N N 106 
GLY HA2  H  N N 107 
GLY HA3  H  N N 108 
GLY HXT  H  N N 109 
HIS N    N  N N 110 
HIS CA   C  N S 111 
HIS C    C  N N 112 
HIS O    O  N N 113 
HIS CB   C  N N 114 
HIS CG   C  Y N 115 
HIS ND1  N  Y N 116 
HIS CD2  C  Y N 117 
HIS CE1  C  Y N 118 
HIS NE2  N  Y N 119 
HIS OXT  O  N N 120 
HIS H    H  N N 121 
HIS H2   H  N N 122 
HIS HA   H  N N 123 
HIS HB2  H  N N 124 
HIS HB3  H  N N 125 
HIS HD1  H  N N 126 
HIS HD2  H  N N 127 
HIS HE1  H  N N 128 
HIS HE2  H  N N 129 
HIS HXT  H  N N 130 
HOH O    O  N N 131 
HOH H1   H  N N 132 
HOH H2   H  N N 133 
ILE N    N  N N 134 
ILE CA   C  N S 135 
ILE C    C  N N 136 
ILE O    O  N N 137 
ILE CB   C  N S 138 
ILE CG1  C  N N 139 
ILE CG2  C  N N 140 
ILE CD1  C  N N 141 
ILE OXT  O  N N 142 
ILE H    H  N N 143 
ILE H2   H  N N 144 
ILE HA   H  N N 145 
ILE HB   H  N N 146 
ILE HG12 H  N N 147 
ILE HG13 H  N N 148 
ILE HG21 H  N N 149 
ILE HG22 H  N N 150 
ILE HG23 H  N N 151 
ILE HD11 H  N N 152 
ILE HD12 H  N N 153 
ILE HD13 H  N N 154 
ILE HXT  H  N N 155 
LEU N    N  N N 156 
LEU CA   C  N S 157 
LEU C    C  N N 158 
LEU O    O  N N 159 
LEU CB   C  N N 160 
LEU CG   C  N N 161 
LEU CD1  C  N N 162 
LEU CD2  C  N N 163 
LEU OXT  O  N N 164 
LEU H    H  N N 165 
LEU H2   H  N N 166 
LEU HA   H  N N 167 
LEU HB2  H  N N 168 
LEU HB3  H  N N 169 
LEU HG   H  N N 170 
LEU HD11 H  N N 171 
LEU HD12 H  N N 172 
LEU HD13 H  N N 173 
LEU HD21 H  N N 174 
LEU HD22 H  N N 175 
LEU HD23 H  N N 176 
LEU HXT  H  N N 177 
LP3 C1   C  N N 178 
LP3 C2   C  N R 179 
LP3 C3   C  N N 180 
LP3 C4   C  N N 181 
LP3 C5   C  N N 182 
LP3 C6   C  N N 183 
LP3 C7   C  N N 184 
LP3 C8   C  N N 185 
LP3 C11  C  N N 186 
LP3 C12  C  N N 187 
LP3 C13  C  N N 188 
LP3 C14  C  N N 189 
LP3 C15  C  N N 190 
LP3 C16  C  N N 191 
LP3 C17  C  N N 192 
LP3 C18  C  N N 193 
LP3 C19  C  N N 194 
LP3 C20  C  N N 195 
LP3 C21  C  N N 196 
LP3 C22  C  N N 197 
LP3 C23  C  N N 198 
LP3 C24  C  N N 199 
LP3 C25  C  N N 200 
LP3 C26  C  N N 201 
LP3 C27  C  N N 202 
LP3 C28  C  N N 203 
LP3 N    N  N N 204 
LP3 O2   O  N N 205 
LP3 O3   O  N N 206 
LP3 O11  O  N N 207 
LP3 O1P  O  N N 208 
LP3 O2P  O  N N 209 
LP3 O3P  O  N N 210 
LP3 O4P  O  N N 211 
LP3 P    P  N R 212 
LP3 H11  H  N N 213 
LP3 H12  H  N N 214 
LP3 H2   H  N N 215 
LP3 H31  H  N N 216 
LP3 H32  H  N N 217 
LP3 H41  H  N N 218 
LP3 H42  H  N N 219 
LP3 H51  H  N N 220 
LP3 H52  H  N N 221 
LP3 H61  H  N N 222 
LP3 H62  H  N N 223 
LP3 H63  H  N N 224 
LP3 H71  H  N N 225 
LP3 H72  H  N N 226 
LP3 H73  H  N N 227 
LP3 H81  H  N N 228 
LP3 H82  H  N N 229 
LP3 H83  H  N N 230 
LP3 H121 H  N N 231 
LP3 H122 H  N N 232 
LP3 H131 H  N N 233 
LP3 H132 H  N N 234 
LP3 H141 H  N N 235 
LP3 H142 H  N N 236 
LP3 H151 H  N N 237 
LP3 H152 H  N N 238 
LP3 H161 H  N N 239 
LP3 H162 H  N N 240 
LP3 H171 H  N N 241 
LP3 H172 H  N N 242 
LP3 H181 H  N N 243 
LP3 H182 H  N N 244 
LP3 H191 H  N N 245 
LP3 H192 H  N N 246 
LP3 H201 H  N N 247 
LP3 H202 H  N N 248 
LP3 H211 H  N N 249 
LP3 H212 H  N N 250 
LP3 H221 H  N N 251 
LP3 H222 H  N N 252 
LP3 H231 H  N N 253 
LP3 H232 H  N N 254 
LP3 H241 H  N N 255 
LP3 H242 H  N N 256 
LP3 H251 H  N N 257 
LP3 H252 H  N N 258 
LP3 H261 H  N N 259 
LP3 H262 H  N N 260 
LP3 H271 H  N N 261 
LP3 H272 H  N N 262 
LP3 H281 H  N N 263 
LP3 H282 H  N N 264 
LP3 H283 H  N N 265 
LP3 HO2  H  N N 266 
LP3 H1P  H  N N 267 
LYS N    N  N N 268 
LYS CA   C  N S 269 
LYS C    C  N N 270 
LYS O    O  N N 271 
LYS CB   C  N N 272 
LYS CG   C  N N 273 
LYS CD   C  N N 274 
LYS CE   C  N N 275 
LYS NZ   N  N N 276 
LYS OXT  O  N N 277 
LYS H    H  N N 278 
LYS H2   H  N N 279 
LYS HA   H  N N 280 
LYS HB2  H  N N 281 
LYS HB3  H  N N 282 
LYS HG2  H  N N 283 
LYS HG3  H  N N 284 
LYS HD2  H  N N 285 
LYS HD3  H  N N 286 
LYS HE2  H  N N 287 
LYS HE3  H  N N 288 
LYS HZ1  H  N N 289 
LYS HZ2  H  N N 290 
LYS HZ3  H  N N 291 
LYS HXT  H  N N 292 
MET N    N  N N 293 
MET CA   C  N S 294 
MET C    C  N N 295 
MET O    O  N N 296 
MET CB   C  N N 297 
MET CG   C  N N 298 
MET SD   S  N N 299 
MET CE   C  N N 300 
MET OXT  O  N N 301 
MET H    H  N N 302 
MET H2   H  N N 303 
MET HA   H  N N 304 
MET HB2  H  N N 305 
MET HB3  H  N N 306 
MET HG2  H  N N 307 
MET HG3  H  N N 308 
MET HE1  H  N N 309 
MET HE2  H  N N 310 
MET HE3  H  N N 311 
MET HXT  H  N N 312 
PHE N    N  N N 313 
PHE CA   C  N S 314 
PHE C    C  N N 315 
PHE O    O  N N 316 
PHE CB   C  N N 317 
PHE CG   C  Y N 318 
PHE CD1  C  Y N 319 
PHE CD2  C  Y N 320 
PHE CE1  C  Y N 321 
PHE CE2  C  Y N 322 
PHE CZ   C  Y N 323 
PHE OXT  O  N N 324 
PHE H    H  N N 325 
PHE H2   H  N N 326 
PHE HA   H  N N 327 
PHE HB2  H  N N 328 
PHE HB3  H  N N 329 
PHE HD1  H  N N 330 
PHE HD2  H  N N 331 
PHE HE1  H  N N 332 
PHE HE2  H  N N 333 
PHE HZ   H  N N 334 
PHE HXT  H  N N 335 
PRO N    N  N N 336 
PRO CA   C  N S 337 
PRO C    C  N N 338 
PRO O    O  N N 339 
PRO CB   C  N N 340 
PRO CG   C  N N 341 
PRO CD   C  N N 342 
PRO OXT  O  N N 343 
PRO H    H  N N 344 
PRO HA   H  N N 345 
PRO HB2  H  N N 346 
PRO HB3  H  N N 347 
PRO HG2  H  N N 348 
PRO HG3  H  N N 349 
PRO HD2  H  N N 350 
PRO HD3  H  N N 351 
PRO HXT  H  N N 352 
SER N    N  N N 353 
SER CA   C  N S 354 
SER C    C  N N 355 
SER O    O  N N 356 
SER CB   C  N N 357 
SER OG   O  N N 358 
SER OXT  O  N N 359 
SER H    H  N N 360 
SER H2   H  N N 361 
SER HA   H  N N 362 
SER HB2  H  N N 363 
SER HB3  H  N N 364 
SER HG   H  N N 365 
SER HXT  H  N N 366 
THR N    N  N N 367 
THR CA   C  N S 368 
THR C    C  N N 369 
THR O    O  N N 370 
THR CB   C  N R 371 
THR OG1  O  N N 372 
THR CG2  C  N N 373 
THR OXT  O  N N 374 
THR H    H  N N 375 
THR H2   H  N N 376 
THR HA   H  N N 377 
THR HB   H  N N 378 
THR HG1  H  N N 379 
THR HG21 H  N N 380 
THR HG22 H  N N 381 
THR HG23 H  N N 382 
THR HXT  H  N N 383 
TRP N    N  N N 384 
TRP CA   C  N S 385 
TRP C    C  N N 386 
TRP O    O  N N 387 
TRP CB   C  N N 388 
TRP CG   C  Y N 389 
TRP CD1  C  Y N 390 
TRP CD2  C  Y N 391 
TRP NE1  N  Y N 392 
TRP CE2  C  Y N 393 
TRP CE3  C  Y N 394 
TRP CZ2  C  Y N 395 
TRP CZ3  C  Y N 396 
TRP CH2  C  Y N 397 
TRP OXT  O  N N 398 
TRP H    H  N N 399 
TRP H2   H  N N 400 
TRP HA   H  N N 401 
TRP HB2  H  N N 402 
TRP HB3  H  N N 403 
TRP HD1  H  N N 404 
TRP HE1  H  N N 405 
TRP HE3  H  N N 406 
TRP HZ2  H  N N 407 
TRP HZ3  H  N N 408 
TRP HH2  H  N N 409 
TRP HXT  H  N N 410 
TYR N    N  N N 411 
TYR CA   C  N S 412 
TYR C    C  N N 413 
TYR O    O  N N 414 
TYR CB   C  N N 415 
TYR CG   C  Y N 416 
TYR CD1  C  Y N 417 
TYR CD2  C  Y N 418 
TYR CE1  C  Y N 419 
TYR CE2  C  Y N 420 
TYR CZ   C  Y N 421 
TYR OH   O  N N 422 
TYR OXT  O  N N 423 
TYR H    H  N N 424 
TYR H2   H  N N 425 
TYR HA   H  N N 426 
TYR HB2  H  N N 427 
TYR HB3  H  N N 428 
TYR HD1  H  N N 429 
TYR HD2  H  N N 430 
TYR HE1  H  N N 431 
TYR HE2  H  N N 432 
TYR HH   H  N N 433 
TYR HXT  H  N N 434 
VAL N    N  N N 435 
VAL CA   C  N S 436 
VAL C    C  N N 437 
VAL O    O  N N 438 
VAL CB   C  N N 439 
VAL CG1  C  N N 440 
VAL CG2  C  N N 441 
VAL OXT  O  N N 442 
VAL H    H  N N 443 
VAL H2   H  N N 444 
VAL HA   H  N N 445 
VAL HB   H  N N 446 
VAL HG11 H  N N 447 
VAL HG12 H  N N 448 
VAL HG13 H  N N 449 
VAL HG21 H  N N 450 
VAL HG22 H  N N 451 
VAL HG23 H  N N 452 
VAL HXT  H  N N 453 
ZN  ZN   ZN N N 454 
# 
loop_
_chem_comp_bond.comp_id 
_chem_comp_bond.atom_id_1 
_chem_comp_bond.atom_id_2 
_chem_comp_bond.value_order 
_chem_comp_bond.pdbx_aromatic_flag 
_chem_comp_bond.pdbx_stereo_config 
_chem_comp_bond.pdbx_ordinal 
ALA N   CA   sing N N 1   
ALA N   H    sing N N 2   
ALA N   H2   sing N N 3   
ALA CA  C    sing N N 4   
ALA CA  CB   sing N N 5   
ALA CA  HA   sing N N 6   
ALA C   O    doub N N 7   
ALA C   OXT  sing N N 8   
ALA CB  HB1  sing N N 9   
ALA CB  HB2  sing N N 10  
ALA CB  HB3  sing N N 11  
ALA OXT HXT  sing N N 12  
ASN N   CA   sing N N 13  
ASN N   H    sing N N 14  
ASN N   H2   sing N N 15  
ASN CA  C    sing N N 16  
ASN CA  CB   sing N N 17  
ASN CA  HA   sing N N 18  
ASN C   O    doub N N 19  
ASN C   OXT  sing N N 20  
ASN CB  CG   sing N N 21  
ASN CB  HB2  sing N N 22  
ASN CB  HB3  sing N N 23  
ASN CG  OD1  doub N N 24  
ASN CG  ND2  sing N N 25  
ASN ND2 HD21 sing N N 26  
ASN ND2 HD22 sing N N 27  
ASN OXT HXT  sing N N 28  
ASP N   CA   sing N N 29  
ASP N   H    sing N N 30  
ASP N   H2   sing N N 31  
ASP CA  C    sing N N 32  
ASP CA  CB   sing N N 33  
ASP CA  HA   sing N N 34  
ASP C   O    doub N N 35  
ASP C   OXT  sing N N 36  
ASP CB  CG   sing N N 37  
ASP CB  HB2  sing N N 38  
ASP CB  HB3  sing N N 39  
ASP CG  OD1  doub N N 40  
ASP CG  OD2  sing N N 41  
ASP OD2 HD2  sing N N 42  
ASP OXT HXT  sing N N 43  
CYS N   CA   sing N N 44  
CYS N   H    sing N N 45  
CYS N   H2   sing N N 46  
CYS CA  C    sing N N 47  
CYS CA  CB   sing N N 48  
CYS CA  HA   sing N N 49  
CYS C   O    doub N N 50  
CYS C   OXT  sing N N 51  
CYS CB  SG   sing N N 52  
CYS CB  HB2  sing N N 53  
CYS CB  HB3  sing N N 54  
CYS SG  HG   sing N N 55  
CYS OXT HXT  sing N N 56  
GLN N   CA   sing N N 57  
GLN N   H    sing N N 58  
GLN N   H2   sing N N 59  
GLN CA  C    sing N N 60  
GLN CA  CB   sing N N 61  
GLN CA  HA   sing N N 62  
GLN C   O    doub N N 63  
GLN C   OXT  sing N N 64  
GLN CB  CG   sing N N 65  
GLN CB  HB2  sing N N 66  
GLN CB  HB3  sing N N 67  
GLN CG  CD   sing N N 68  
GLN CG  HG2  sing N N 69  
GLN CG  HG3  sing N N 70  
GLN CD  OE1  doub N N 71  
GLN CD  NE2  sing N N 72  
GLN NE2 HE21 sing N N 73  
GLN NE2 HE22 sing N N 74  
GLN OXT HXT  sing N N 75  
GLU N   CA   sing N N 76  
GLU N   H    sing N N 77  
GLU N   H2   sing N N 78  
GLU CA  C    sing N N 79  
GLU CA  CB   sing N N 80  
GLU CA  HA   sing N N 81  
GLU C   O    doub N N 82  
GLU C   OXT  sing N N 83  
GLU CB  CG   sing N N 84  
GLU CB  HB2  sing N N 85  
GLU CB  HB3  sing N N 86  
GLU CG  CD   sing N N 87  
GLU CG  HG2  sing N N 88  
GLU CG  HG3  sing N N 89  
GLU CD  OE1  doub N N 90  
GLU CD  OE2  sing N N 91  
GLU OE2 HE2  sing N N 92  
GLU OXT HXT  sing N N 93  
GLY N   CA   sing N N 94  
GLY N   H    sing N N 95  
GLY N   H2   sing N N 96  
GLY CA  C    sing N N 97  
GLY CA  HA2  sing N N 98  
GLY CA  HA3  sing N N 99  
GLY C   O    doub N N 100 
GLY C   OXT  sing N N 101 
GLY OXT HXT  sing N N 102 
HIS N   CA   sing N N 103 
HIS N   H    sing N N 104 
HIS N   H2   sing N N 105 
HIS CA  C    sing N N 106 
HIS CA  CB   sing N N 107 
HIS CA  HA   sing N N 108 
HIS C   O    doub N N 109 
HIS C   OXT  sing N N 110 
HIS CB  CG   sing N N 111 
HIS CB  HB2  sing N N 112 
HIS CB  HB3  sing N N 113 
HIS CG  ND1  sing Y N 114 
HIS CG  CD2  doub Y N 115 
HIS ND1 CE1  doub Y N 116 
HIS ND1 HD1  sing N N 117 
HIS CD2 NE2  sing Y N 118 
HIS CD2 HD2  sing N N 119 
HIS CE1 NE2  sing Y N 120 
HIS CE1 HE1  sing N N 121 
HIS NE2 HE2  sing N N 122 
HIS OXT HXT  sing N N 123 
HOH O   H1   sing N N 124 
HOH O   H2   sing N N 125 
ILE N   CA   sing N N 126 
ILE N   H    sing N N 127 
ILE N   H2   sing N N 128 
ILE CA  C    sing N N 129 
ILE CA  CB   sing N N 130 
ILE CA  HA   sing N N 131 
ILE C   O    doub N N 132 
ILE C   OXT  sing N N 133 
ILE CB  CG1  sing N N 134 
ILE CB  CG2  sing N N 135 
ILE CB  HB   sing N N 136 
ILE CG1 CD1  sing N N 137 
ILE CG1 HG12 sing N N 138 
ILE CG1 HG13 sing N N 139 
ILE CG2 HG21 sing N N 140 
ILE CG2 HG22 sing N N 141 
ILE CG2 HG23 sing N N 142 
ILE CD1 HD11 sing N N 143 
ILE CD1 HD12 sing N N 144 
ILE CD1 HD13 sing N N 145 
ILE OXT HXT  sing N N 146 
LEU N   CA   sing N N 147 
LEU N   H    sing N N 148 
LEU N   H2   sing N N 149 
LEU CA  C    sing N N 150 
LEU CA  CB   sing N N 151 
LEU CA  HA   sing N N 152 
LEU C   O    doub N N 153 
LEU C   OXT  sing N N 154 
LEU CB  CG   sing N N 155 
LEU CB  HB2  sing N N 156 
LEU CB  HB3  sing N N 157 
LEU CG  CD1  sing N N 158 
LEU CG  CD2  sing N N 159 
LEU CG  HG   sing N N 160 
LEU CD1 HD11 sing N N 161 
LEU CD1 HD12 sing N N 162 
LEU CD1 HD13 sing N N 163 
LEU CD2 HD21 sing N N 164 
LEU CD2 HD22 sing N N 165 
LEU CD2 HD23 sing N N 166 
LEU OXT HXT  sing N N 167 
LP3 C1  C2   sing N N 168 
LP3 C1  O3P  sing N N 169 
LP3 C1  H11  sing N N 170 
LP3 C1  H12  sing N N 171 
LP3 C2  C3   sing N N 172 
LP3 C2  O2   sing N N 173 
LP3 C2  H2   sing N N 174 
LP3 C3  O3   sing N N 175 
LP3 C3  H31  sing N N 176 
LP3 C3  H32  sing N N 177 
LP3 C4  C5   sing N N 178 
LP3 C4  O4P  sing N N 179 
LP3 C4  H41  sing N N 180 
LP3 C4  H42  sing N N 181 
LP3 C5  N    sing N N 182 
LP3 C5  H51  sing N N 183 
LP3 C5  H52  sing N N 184 
LP3 C6  N    sing N N 185 
LP3 C6  H61  sing N N 186 
LP3 C6  H62  sing N N 187 
LP3 C6  H63  sing N N 188 
LP3 C7  N    sing N N 189 
LP3 C7  H71  sing N N 190 
LP3 C7  H72  sing N N 191 
LP3 C7  H73  sing N N 192 
LP3 C8  N    sing N N 193 
LP3 C8  H81  sing N N 194 
LP3 C8  H82  sing N N 195 
LP3 C8  H83  sing N N 196 
LP3 C11 C12  sing N N 197 
LP3 C11 O3   sing N N 198 
LP3 C11 O11  doub N N 199 
LP3 C12 C13  sing N N 200 
LP3 C12 H121 sing N N 201 
LP3 C12 H122 sing N N 202 
LP3 C13 C14  sing N N 203 
LP3 C13 H131 sing N N 204 
LP3 C13 H132 sing N N 205 
LP3 C14 C15  sing N N 206 
LP3 C14 H141 sing N N 207 
LP3 C14 H142 sing N N 208 
LP3 C15 C16  sing N N 209 
LP3 C15 H151 sing N N 210 
LP3 C15 H152 sing N N 211 
LP3 C16 C17  sing N N 212 
LP3 C16 H161 sing N N 213 
LP3 C16 H162 sing N N 214 
LP3 C17 C18  sing N N 215 
LP3 C17 H171 sing N N 216 
LP3 C17 H172 sing N N 217 
LP3 C18 C19  sing N N 218 
LP3 C18 H181 sing N N 219 
LP3 C18 H182 sing N N 220 
LP3 C19 C20  sing N N 221 
LP3 C19 H191 sing N N 222 
LP3 C19 H192 sing N N 223 
LP3 C20 C21  sing N N 224 
LP3 C20 H201 sing N N 225 
LP3 C20 H202 sing N N 226 
LP3 C21 C22  sing N N 227 
LP3 C21 H211 sing N N 228 
LP3 C21 H212 sing N N 229 
LP3 C22 C23  sing N N 230 
LP3 C22 H221 sing N N 231 
LP3 C22 H222 sing N N 232 
LP3 C23 C24  sing N N 233 
LP3 C23 H231 sing N N 234 
LP3 C23 H232 sing N N 235 
LP3 C24 C25  sing N N 236 
LP3 C24 H241 sing N N 237 
LP3 C24 H242 sing N N 238 
LP3 C25 C26  sing N N 239 
LP3 C25 H251 sing N N 240 
LP3 C25 H252 sing N N 241 
LP3 C26 C27  sing N N 242 
LP3 C26 H261 sing N N 243 
LP3 C26 H262 sing N N 244 
LP3 C27 C28  sing N N 245 
LP3 C27 H271 sing N N 246 
LP3 C27 H272 sing N N 247 
LP3 C28 H281 sing N N 248 
LP3 C28 H282 sing N N 249 
LP3 C28 H283 sing N N 250 
LP3 O2  HO2  sing N N 251 
LP3 O1P P    sing N N 252 
LP3 O1P H1P  sing N N 253 
LP3 O2P P    doub N N 254 
LP3 O3P P    sing N N 255 
LP3 O4P P    sing N N 256 
LYS N   CA   sing N N 257 
LYS N   H    sing N N 258 
LYS N   H2   sing N N 259 
LYS CA  C    sing N N 260 
LYS CA  CB   sing N N 261 
LYS CA  HA   sing N N 262 
LYS C   O    doub N N 263 
LYS C   OXT  sing N N 264 
LYS CB  CG   sing N N 265 
LYS CB  HB2  sing N N 266 
LYS CB  HB3  sing N N 267 
LYS CG  CD   sing N N 268 
LYS CG  HG2  sing N N 269 
LYS CG  HG3  sing N N 270 
LYS CD  CE   sing N N 271 
LYS CD  HD2  sing N N 272 
LYS CD  HD3  sing N N 273 
LYS CE  NZ   sing N N 274 
LYS CE  HE2  sing N N 275 
LYS CE  HE3  sing N N 276 
LYS NZ  HZ1  sing N N 277 
LYS NZ  HZ2  sing N N 278 
LYS NZ  HZ3  sing N N 279 
LYS OXT HXT  sing N N 280 
MET N   CA   sing N N 281 
MET N   H    sing N N 282 
MET N   H2   sing N N 283 
MET CA  C    sing N N 284 
MET CA  CB   sing N N 285 
MET CA  HA   sing N N 286 
MET C   O    doub N N 287 
MET C   OXT  sing N N 288 
MET CB  CG   sing N N 289 
MET CB  HB2  sing N N 290 
MET CB  HB3  sing N N 291 
MET CG  SD   sing N N 292 
MET CG  HG2  sing N N 293 
MET CG  HG3  sing N N 294 
MET SD  CE   sing N N 295 
MET CE  HE1  sing N N 296 
MET CE  HE2  sing N N 297 
MET CE  HE3  sing N N 298 
MET OXT HXT  sing N N 299 
PHE N   CA   sing N N 300 
PHE N   H    sing N N 301 
PHE N   H2   sing N N 302 
PHE CA  C    sing N N 303 
PHE CA  CB   sing N N 304 
PHE CA  HA   sing N N 305 
PHE C   O    doub N N 306 
PHE C   OXT  sing N N 307 
PHE CB  CG   sing N N 308 
PHE CB  HB2  sing N N 309 
PHE CB  HB3  sing N N 310 
PHE CG  CD1  doub Y N 311 
PHE CG  CD2  sing Y N 312 
PHE CD1 CE1  sing Y N 313 
PHE CD1 HD1  sing N N 314 
PHE CD2 CE2  doub Y N 315 
PHE CD2 HD2  sing N N 316 
PHE CE1 CZ   doub Y N 317 
PHE CE1 HE1  sing N N 318 
PHE CE2 CZ   sing Y N 319 
PHE CE2 HE2  sing N N 320 
PHE CZ  HZ   sing N N 321 
PHE OXT HXT  sing N N 322 
PRO N   CA   sing N N 323 
PRO N   CD   sing N N 324 
PRO N   H    sing N N 325 
PRO CA  C    sing N N 326 
PRO CA  CB   sing N N 327 
PRO CA  HA   sing N N 328 
PRO C   O    doub N N 329 
PRO C   OXT  sing N N 330 
PRO CB  CG   sing N N 331 
PRO CB  HB2  sing N N 332 
PRO CB  HB3  sing N N 333 
PRO CG  CD   sing N N 334 
PRO CG  HG2  sing N N 335 
PRO CG  HG3  sing N N 336 
PRO CD  HD2  sing N N 337 
PRO CD  HD3  sing N N 338 
PRO OXT HXT  sing N N 339 
SER N   CA   sing N N 340 
SER N   H    sing N N 341 
SER N   H2   sing N N 342 
SER CA  C    sing N N 343 
SER CA  CB   sing N N 344 
SER CA  HA   sing N N 345 
SER C   O    doub N N 346 
SER C   OXT  sing N N 347 
SER CB  OG   sing N N 348 
SER CB  HB2  sing N N 349 
SER CB  HB3  sing N N 350 
SER OG  HG   sing N N 351 
SER OXT HXT  sing N N 352 
THR N   CA   sing N N 353 
THR N   H    sing N N 354 
THR N   H2   sing N N 355 
THR CA  C    sing N N 356 
THR CA  CB   sing N N 357 
THR CA  HA   sing N N 358 
THR C   O    doub N N 359 
THR C   OXT  sing N N 360 
THR CB  OG1  sing N N 361 
THR CB  CG2  sing N N 362 
THR CB  HB   sing N N 363 
THR OG1 HG1  sing N N 364 
THR CG2 HG21 sing N N 365 
THR CG2 HG22 sing N N 366 
THR CG2 HG23 sing N N 367 
THR OXT HXT  sing N N 368 
TRP N   CA   sing N N 369 
TRP N   H    sing N N 370 
TRP N   H2   sing N N 371 
TRP CA  C    sing N N 372 
TRP CA  CB   sing N N 373 
TRP CA  HA   sing N N 374 
TRP C   O    doub N N 375 
TRP C   OXT  sing N N 376 
TRP CB  CG   sing N N 377 
TRP CB  HB2  sing N N 378 
TRP CB  HB3  sing N N 379 
TRP CG  CD1  doub Y N 380 
TRP CG  CD2  sing Y N 381 
TRP CD1 NE1  sing Y N 382 
TRP CD1 HD1  sing N N 383 
TRP CD2 CE2  doub Y N 384 
TRP CD2 CE3  sing Y N 385 
TRP NE1 CE2  sing Y N 386 
TRP NE1 HE1  sing N N 387 
TRP CE2 CZ2  sing Y N 388 
TRP CE3 CZ3  doub Y N 389 
TRP CE3 HE3  sing N N 390 
TRP CZ2 CH2  doub Y N 391 
TRP CZ2 HZ2  sing N N 392 
TRP CZ3 CH2  sing Y N 393 
TRP CZ3 HZ3  sing N N 394 
TRP CH2 HH2  sing N N 395 
TRP OXT HXT  sing N N 396 
TYR N   CA   sing N N 397 
TYR N   H    sing N N 398 
TYR N   H2   sing N N 399 
TYR CA  C    sing N N 400 
TYR CA  CB   sing N N 401 
TYR CA  HA   sing N N 402 
TYR C   O    doub N N 403 
TYR C   OXT  sing N N 404 
TYR CB  CG   sing N N 405 
TYR CB  HB2  sing N N 406 
TYR CB  HB3  sing N N 407 
TYR CG  CD1  doub Y N 408 
TYR CG  CD2  sing Y N 409 
TYR CD1 CE1  sing Y N 410 
TYR CD1 HD1  sing N N 411 
TYR CD2 CE2  doub Y N 412 
TYR CD2 HD2  sing N N 413 
TYR CE1 CZ   doub Y N 414 
TYR CE1 HE1  sing N N 415 
TYR CE2 CZ   sing Y N 416 
TYR CE2 HE2  sing N N 417 
TYR CZ  OH   sing N N 418 
TYR OH  HH   sing N N 419 
TYR OXT HXT  sing N N 420 
VAL N   CA   sing N N 421 
VAL N   H    sing N N 422 
VAL N   H2   sing N N 423 
VAL CA  C    sing N N 424 
VAL CA  CB   sing N N 425 
VAL CA  HA   sing N N 426 
VAL C   O    doub N N 427 
VAL C   OXT  sing N N 428 
VAL CB  CG1  sing N N 429 
VAL CB  CG2  sing N N 430 
VAL CB  HB   sing N N 431 
VAL CG1 HG11 sing N N 432 
VAL CG1 HG12 sing N N 433 
VAL CG1 HG13 sing N N 434 
VAL CG2 HG21 sing N N 435 
VAL CG2 HG22 sing N N 436 
VAL CG2 HG23 sing N N 437 
VAL OXT HXT  sing N N 438 
# 
_atom_sites.entry_id                    2RKN 
_atom_sites.fract_transf_matrix[1][1]   0.02623956 
_atom_sites.fract_transf_matrix[1][2]   -0.00204210 
_atom_sites.fract_transf_matrix[1][3]   -0.02291693 
_atom_sites.fract_transf_matrix[2][1]   -0.00730909 
_atom_sites.fract_transf_matrix[2][2]   0.01671921 
_atom_sites.fract_transf_matrix[2][3]   -0.00985864 
_atom_sites.fract_transf_matrix[3][1]   0.01024115 
_atom_sites.fract_transf_matrix[3][2]   0.01082275 
_atom_sites.fract_transf_matrix[3][3]   0.01076157 
_atom_sites.fract_transf_vector[1]      0.508102 
_atom_sites.fract_transf_vector[2]      0.091108 
_atom_sites.fract_transf_vector[3]      0.156197 
# 
loop_
_atom_type.symbol 
C  
N  
O  
P  
S  
ZN 
# 
loop_
_atom_site.group_PDB 
_atom_site.id 
_atom_site.type_symbol 
_atom_site.label_atom_id 
_atom_site.label_alt_id 
_atom_site.label_comp_id 
_atom_site.label_asym_id 
_atom_site.label_entity_id 
_atom_site.label_seq_id 
_atom_site.pdbx_PDB_ins_code 
_atom_site.Cartn_x 
_atom_site.Cartn_y 
_atom_site.Cartn_z 
_atom_site.occupancy 
_atom_site.B_iso_or_equiv 
_atom_site.pdbx_formal_charge 
_atom_site.auth_seq_id 
_atom_site.auth_comp_id 
_atom_site.auth_asym_id 
_atom_site.auth_atom_id 
_atom_site.pdbx_PDB_model_num 
ATOM   1   N  N   . ALA A 1 1  ? -11.427 14.649  0.239   1.00 38.15 ? 1   ALA A N   1 
ATOM   2   C  CA  . ALA A 1 1  ? -11.444 13.217  -0.195  1.00 36.75 ? 1   ALA A CA  1 
ATOM   3   C  C   . ALA A 1 1  ? -10.869 12.987  -1.586  1.00 35.69 ? 1   ALA A C   1 
ATOM   4   O  O   . ALA A 1 1  ? -11.239 13.639  -2.541  1.00 36.11 ? 1   ALA A O   1 
ATOM   5   C  CB  . ALA A 1 1  ? -12.846 12.633  -0.092  1.00 36.95 ? 1   ALA A CB  1 
ATOM   6   N  N   . ILE A 1 2  ? -9.956  12.024  -1.688  1.00 32.16 ? 2   ILE A N   1 
ATOM   7   C  CA  . ILE A 1 2  ? -9.279  11.786  -2.914  1.00 30.13 ? 2   ILE A CA  1 
ATOM   8   C  C   . ILE A 1 2  ? -9.408  10.325  -3.327  1.00 26.80 ? 2   ILE A C   1 
ATOM   9   O  O   . ILE A 1 2  ? -9.853  9.470   -2.520  1.00 26.85 ? 2   ILE A O   1 
ATOM   10  C  CB  . ILE A 1 2  ? -7.790  12.091  -2.770  1.00 29.61 ? 2   ILE A CB  1 
ATOM   11  C  CG1 . ILE A 1 2  ? -7.136  11.040  -1.868  1.00 30.02 ? 2   ILE A CG1 1 
ATOM   12  C  CG2 . ILE A 1 2  ? -7.615  13.556  -2.302  1.00 32.94 ? 2   ILE A CG2 1 
ATOM   13  C  CD1 . ILE A 1 2  ? -5.601  11.014  -1.882  1.00 35.39 ? 2   ILE A CD1 1 
ATOM   14  N  N   . ASP A 1 3  ? -9.052  10.062  -4.563  1.00 25.29 ? 3   ASP A N   1 
ATOM   15  C  CA  . ASP A 1 3  ? -8.905  8.655   -5.051  1.00 27.29 ? 3   ASP A CA  1 
ATOM   16  C  C   . ASP A 1 3  ? -7.516  8.529   -5.601  1.00 29.46 ? 3   ASP A C   1 
ATOM   17  O  O   . ASP A 1 3  ? -7.194  9.142   -6.629  1.00 26.75 ? 3   ASP A O   1 
ATOM   18  C  CB  . ASP A 1 3  ? -9.900  8.358   -6.183  1.00 28.29 ? 3   ASP A CB  1 
ATOM   19  C  CG  . ASP A 1 3  ? -9.865  6.865   -6.609  1.00 30.80 ? 3   ASP A CG  1 
ATOM   20  O  OD1 . ASP A 1 3  ? -8.917  6.414   -7.258  1.00 31.79 ? 3   ASP A OD1 1 
ATOM   21  O  OD2 . ASP A 1 3  ? -10.831 6.136   -6.290  1.00 40.62 ? 3   ASP A OD2 1 
ATOM   22  N  N   . LEU A 1 4  ? -6.669  7.730   -4.969  1.00 34.54 ? 4   LEU A N   1 
ATOM   23  C  CA  A LEU A 1 4  ? -5.384  7.575   -5.544  0.50 34.60 ? 4   LEU A CA  1 
ATOM   24  C  CA  B LEU A 1 4  ? -5.278  7.545   -5.343  0.50 34.50 ? 4   LEU A CA  1 
ATOM   25  C  C   . LEU A 1 4  ? -5.235  6.109   -5.871  1.00 33.88 ? 4   LEU A C   1 
ATOM   26  O  O   . LEU A 1 4  ? -5.185  5.244   -5.023  1.00 34.65 ? 4   LEU A O   1 
ATOM   27  C  CB  A LEU A 1 4  ? -4.315  8.104   -4.634  0.50 35.15 ? 4   LEU A CB  1 
ATOM   28  C  CB  B LEU A 1 4  ? -4.362  7.672   -4.099  0.50 35.54 ? 4   LEU A CB  1 
ATOM   29  C  CG  A LEU A 1 4  ? -2.842  8.132   -5.042  0.50 35.49 ? 4   LEU A CG  1 
ATOM   30  C  CG  B LEU A 1 4  ? -2.887  7.895   -4.443  0.50 35.37 ? 4   LEU A CG  1 
ATOM   31  C  CD1 A LEU A 1 4  ? -2.602  8.439   -6.445  0.50 38.49 ? 4   LEU A CD1 1 
ATOM   32  C  CD1 B LEU A 1 4  ? -2.068  8.818   -3.504  0.50 36.69 ? 4   LEU A CD1 1 
ATOM   33  C  CD2 A LEU A 1 4  ? -2.240  9.191   -4.303  0.50 28.74 ? 4   LEU A CD2 1 
ATOM   34  C  CD2 B LEU A 1 4  ? -2.171  6.598   -4.648  0.50 29.88 ? 4   LEU A CD2 1 
ATOM   35  N  N   . CYS A 1 5  ? -5.264  5.898   -7.173  1.00 33.14 ? 5   CYS A N   1 
ATOM   36  C  CA  . CYS A 1 5  ? -5.162  4.564   -7.740  1.00 32.86 ? 5   CYS A CA  1 
ATOM   37  C  C   . CYS A 1 5  ? -6.245  3.632   -7.121  1.00 32.86 ? 5   CYS A C   1 
ATOM   38  O  O   . CYS A 1 5  ? -5.980  2.476   -6.856  1.00 34.21 ? 5   CYS A O   1 
ATOM   39  C  CB  . CYS A 1 5  ? -3.747  3.968   -7.470  1.00 31.87 ? 5   CYS A CB  1 
ATOM   40  S  SG  . CYS A 1 5  ? -2.469  5.039   -8.172  1.00 34.24 ? 5   CYS A SG  1 
ATOM   41  N  N   . GLY A 1 6  ? -7.426  4.173   -6.884  1.00 33.48 ? 6   GLY A N   1 
ATOM   42  C  CA  . GLY A 1 6  ? -8.508  3.313   -6.358  1.00 35.82 ? 6   GLY A CA  1 
ATOM   43  C  C   . GLY A 1 6  ? -8.619  3.278   -4.871  1.00 37.09 ? 6   GLY A C   1 
ATOM   44  O  O   . GLY A 1 6  ? -9.424  2.496   -4.343  1.00 41.06 ? 6   GLY A O   1 
ATOM   45  N  N   . MET A 1 7  ? -7.699  3.985   -4.159  1.00 35.19 ? 7   MET A N   1 
ATOM   46  C  CA  A MET A 1 7  ? -7.739  3.934   -2.701  0.50 35.62 ? 7   MET A CA  1 
ATOM   47  C  CA  B MET A 1 7  ? -7.652  3.945   -2.689  0.50 34.45 ? 7   MET A CA  1 
ATOM   48  C  C   . MET A 1 7  ? -8.052  5.302   -2.132  1.00 34.76 ? 7   MET A C   1 
ATOM   49  O  O   . MET A 1 7  ? -7.578  6.341   -2.627  1.00 36.14 ? 7   MET A O   1 
ATOM   50  C  CB  A MET A 1 7  ? -6.421  3.426   -2.143  0.50 36.83 ? 7   MET A CB  1 
ATOM   51  C  CB  B MET A 1 7  ? -6.215  3.681   -2.225  0.50 35.17 ? 7   MET A CB  1 
ATOM   52  C  CG  A MET A 1 7  ? -6.009  2.067   -2.733  0.50 35.55 ? 7   MET A CG  1 
ATOM   53  C  CG  B MET A 1 7  ? -5.646  2.292   -2.605  0.50 34.25 ? 7   MET A CG  1 
ATOM   54  S  SD  A MET A 1 7  ? -4.461  1.503   -1.996  0.50 39.73 ? 7   MET A SD  1 
ATOM   55  S  SD  B MET A 1 7  ? -6.332  0.870   -1.698  0.50 34.08 ? 7   MET A SD  1 
ATOM   56  C  CE  A MET A 1 7  ? -4.994  1.475   -0.257  0.50 36.48 ? 7   MET A CE  1 
ATOM   57  C  CE  B MET A 1 7  ? -5.304  0.809   -0.255  0.50 34.15 ? 7   MET A CE  1 
ATOM   58  N  N   . SER A 1 8  ? -8.913  5.334   -1.128  1.00 34.56 ? 8   SER A N   1 
ATOM   59  C  CA  . SER A 1 8  ? -9.199  6.612   -0.475  1.00 34.75 ? 8   SER A CA  1 
ATOM   60  C  C   . SER A 1 8  ? -8.085  6.918   0.515   1.00 35.54 ? 8   SER A C   1 
ATOM   61  O  O   . SER A 1 8  ? -7.241  6.074   0.821   1.00 35.66 ? 8   SER A O   1 
ATOM   62  C  CB  . SER A 1 8  ? -10.509 6.493   0.235   1.00 36.38 ? 8   SER A CB  1 
ATOM   63  O  OG  . SER A 1 8  ? -10.272 5.584   1.313   1.00 35.68 ? 8   SER A OG  1 
ATOM   64  N  N   . GLN A 1 9  ? -8.075  8.147   1.037   1.00 36.92 ? 9   GLN A N   1 
ATOM   65  C  CA  A GLN A 1 9  ? -7.085  8.496   2.061   0.50 36.75 ? 9   GLN A CA  1 
ATOM   66  C  CA  B GLN A 1 9  ? -7.065  8.479   2.010   0.50 36.47 ? 9   GLN A CA  1 
ATOM   67  C  C   . GLN A 1 9  ? -7.197  7.580   3.252   1.00 36.64 ? 9   GLN A C   1 
ATOM   68  O  O   . GLN A 1 9  ? -6.175  7.115   3.794   1.00 37.07 ? 9   GLN A O   1 
ATOM   69  C  CB  A GLN A 1 9  ? -7.239  9.952   2.526   0.50 37.36 ? 9   GLN A CB  1 
ATOM   70  C  CB  B GLN A 1 9  ? -7.096  9.993   2.327   0.50 36.76 ? 9   GLN A CB  1 
ATOM   71  C  CG  A GLN A 1 9  ? -6.926  10.934  1.464   0.50 38.93 ? 9   GLN A CG  1 
ATOM   72  C  CG  B GLN A 1 9  ? -5.811  10.494  2.906   0.50 37.39 ? 9   GLN A CG  1 
ATOM   73  C  CD  A GLN A 1 9  ? -7.264  12.352  1.892   0.50 41.59 ? 9   GLN A CD  1 
ATOM   74  C  CD  B GLN A 1 9  ? -5.634  12.019  2.876   0.50 39.68 ? 9   GLN A CD  1 
ATOM   75  O  OE1 A GLN A 1 9  ? -6.540  12.943  2.684   0.50 43.04 ? 9   GLN A OE1 1 
ATOM   76  O  OE1 B GLN A 1 9  ? -4.920  12.554  3.717   0.50 43.56 ? 9   GLN A OE1 1 
ATOM   77  N  NE2 A GLN A 1 9  ? -8.370  12.890  1.387   0.50 38.20 ? 9   GLN A NE2 1 
ATOM   78  N  NE2 B GLN A 1 9  ? -6.251  12.709  1.910   0.50 41.75 ? 9   GLN A NE2 1 
ATOM   79  N  N   A ASP A 1 10 ? -8.433  7.253   3.643   0.50 36.99 ? 10  ASP A N   1 
ATOM   80  N  N   B ASP A 1 10 ? -8.414  7.268   3.665   0.50 37.14 ? 10  ASP A N   1 
ATOM   81  C  CA  A ASP A 1 10 ? -8.684  6.345   4.797   0.50 36.40 ? 10  ASP A CA  1 
ATOM   82  C  CA  B ASP A 1 10 ? -8.530  6.407   4.841   0.50 36.50 ? 10  ASP A CA  1 
ATOM   83  C  C   A ASP A 1 10 ? -8.067  4.978   4.556   0.50 36.60 ? 10  ASP A C   1 
ATOM   84  C  C   B ASP A 1 10 ? -7.915  5.038   4.517   0.50 36.69 ? 10  ASP A C   1 
ATOM   85  O  O   A ASP A 1 10 ? -7.542  4.340   5.473   0.50 34.93 ? 10  ASP A O   1 
ATOM   86  O  O   B ASP A 1 10 ? -7.204  4.472   5.332   0.50 34.63 ? 10  ASP A O   1 
ATOM   87  C  CB  A ASP A 1 10 ? -10.188 6.108   5.004   0.50 38.27 ? 10  ASP A CB  1 
ATOM   88  C  CB  B ASP A 1 10 ? -9.981  6.216   5.265   0.50 38.60 ? 10  ASP A CB  1 
ATOM   89  C  CG  A ASP A 1 10 ? -10.481 4.831   5.825   0.50 39.80 ? 10  ASP A CG  1 
ATOM   90  C  CG  B ASP A 1 10 ? -10.598 7.448   5.945   0.50 42.08 ? 10  ASP A CG  1 
ATOM   91  O  OD1 A ASP A 1 10 ? -10.103 4.783   7.013   0.50 42.18 ? 10  ASP A OD1 1 
ATOM   92  O  OD1 B ASP A 1 10 ? -9.892  8.387   6.410   0.50 42.50 ? 10  ASP A OD1 1 
ATOM   93  O  OD2 A ASP A 1 10 ? -11.045 3.846   5.284   0.50 44.16 ? 10  ASP A OD2 1 
ATOM   94  O  OD2 B ASP A 1 10 ? -11.848 7.460   6.034   0.50 49.33 ? 10  ASP A OD2 1 
ATOM   95  N  N   . GLU A 1 11 ? -8.159  4.527   3.312   1.00 35.76 ? 11  GLU A N   1 
ATOM   96  C  CA  . GLU A 1 11 ? -7.633  3.192   2.982   1.00 33.70 ? 11  GLU A CA  1 
ATOM   97  C  C   . GLU A 1 11 ? -6.103  3.184   2.892   1.00 34.98 ? 11  GLU A C   1 
ATOM   98  O  O   . GLU A 1 11 ? -5.428  2.232   3.337   1.00 34.70 ? 11  GLU A O   1 
ATOM   99  C  CB  . GLU A 1 11 ? -8.206  2.687   1.645   1.00 34.72 ? 11  GLU A CB  1 
ATOM   100 C  CG  . GLU A 1 11 ? -9.733  2.281   1.831   1.00 32.55 ? 11  GLU A CG  1 
ATOM   101 C  CD  . GLU A 1 11 ? -10.505 2.089   0.579   1.00 35.26 ? 11  GLU A CD  1 
ATOM   102 O  OE1 . GLU A 1 11 ? -10.123 2.568   -0.471  1.00 34.23 ? 11  GLU A OE1 1 
ATOM   103 O  OE2 . GLU A 1 11 ? -11.534 1.429   0.674   1.00 35.93 ? 11  GLU A OE2 1 
ATOM   104 N  N   . LEU A 1 12 ? -5.547  4.255   2.332   1.00 34.66 ? 12  LEU A N   1 
ATOM   105 C  CA  . LEU A 1 12 ? -4.065  4.328   2.357   1.00 34.92 ? 12  LEU A CA  1 
ATOM   106 C  C   . LEU A 1 12 ? -3.594  4.339   3.800   1.00 35.56 ? 12  LEU A C   1 
ATOM   107 O  O   . LEU A 1 12 ? -2.622  3.653   4.147   1.00 36.48 ? 12  LEU A O   1 
ATOM   108 C  CB  . LEU A 1 12 ? -3.659  5.650   1.679   1.00 37.00 ? 12  LEU A CB  1 
ATOM   109 C  CG  . LEU A 1 12 ? -3.884  5.610   0.144   1.00 33.35 ? 12  LEU A CG  1 
ATOM   110 C  CD1 . LEU A 1 12 ? -3.597  7.068   -0.380  1.00 41.02 ? 12  LEU A CD1 1 
ATOM   111 C  CD2 . LEU A 1 12 ? -3.037  4.655   -0.545  1.00 35.49 ? 12  LEU A CD2 1 
ATOM   112 N  N   . ASN A 1 13 ? -4.230  5.141   4.671   1.00 34.27 ? 13  ASN A N   1 
ATOM   113 C  CA  . ASN A 1 13 ? -3.833  5.143   6.138   1.00 35.47 ? 13  ASN A CA  1 
ATOM   114 C  C   . ASN A 1 13 ? -4.017  3.758   6.785   1.00 36.28 ? 13  ASN A C   1 
ATOM   115 O  O   . ASN A 1 13 ? -3.199  3.323   7.662   1.00 36.09 ? 13  ASN A O   1 
ATOM   116 C  CB  . ASN A 1 13 ? -4.682  6.171   6.851   1.00 35.26 ? 13  ASN A CB  1 
ATOM   117 C  CG  . ASN A 1 13 ? -4.023  7.470   6.891   1.00 44.22 ? 13  ASN A CG  1 
ATOM   118 O  OD1 . ASN A 1 13 ? -2.810  7.545   7.196   1.00 47.21 ? 13  ASN A OD1 1 
ATOM   119 N  ND2 . ASN A 1 13 ? -4.813  8.537   6.740   1.00 46.01 ? 13  ASN A ND2 1 
ATOM   120 N  N   . GLU A 1 14 ? -5.071  3.037   6.371   1.00 34.63 ? 14  GLU A N   1 
ATOM   121 C  CA  A GLU A 1 14 ? -5.265  1.661   6.882   0.50 35.15 ? 14  GLU A CA  1 
ATOM   122 C  CA  B GLU A 1 14 ? -5.270  1.656   6.884   0.50 36.15 ? 14  GLU A CA  1 
ATOM   123 C  C   . GLU A 1 14 ? -4.076  0.748   6.533   1.00 35.96 ? 14  GLU A C   1 
ATOM   124 O  O   . GLU A 1 14 ? -3.615  -0.145  7.342   1.00 35.76 ? 14  GLU A O   1 
ATOM   125 C  CB  A GLU A 1 14 ? -6.538  1.065   6.279   0.50 35.22 ? 14  GLU A CB  1 
ATOM   126 C  CB  B GLU A 1 14 ? -6.573  1.059   6.322   0.50 36.14 ? 14  GLU A CB  1 
ATOM   127 C  CG  A GLU A 1 14 ? -7.019  -0.188  6.981   0.50 35.40 ? 14  GLU A CG  1 
ATOM   128 C  CG  B GLU A 1 14 ? -7.820  1.509   7.115   0.50 36.27 ? 14  GLU A CG  1 
ATOM   129 C  CD  A GLU A 1 14 ? -7.276  -0.024  8.494   0.50 33.71 ? 14  GLU A CD  1 
ATOM   130 C  CD  B GLU A 1 14 ? -9.153  1.069   6.504   0.50 39.91 ? 14  GLU A CD  1 
ATOM   131 O  OE1 A GLU A 1 14 ? -7.736  1.071   8.979   0.50 34.67 ? 14  GLU A OE1 1 
ATOM   132 O  OE1 B GLU A 1 14 ? -9.246  0.927   5.261   0.50 40.34 ? 14  GLU A OE1 1 
ATOM   133 O  OE2 A GLU A 1 14 ? -7.032  -1.022  9.205   0.50 36.82 ? 14  GLU A OE2 1 
ATOM   134 O  OE2 B GLU A 1 14 ? -10.131 0.887   7.286   0.50 43.48 ? 14  GLU A OE2 1 
ATOM   135 N  N   . CYS A 1 15 ? -3.584  0.927   5.306   1.00 34.58 ? 15  CYS A N   1 
ATOM   136 C  CA  . CYS A 1 15 ? -2.436  0.151   4.854   1.00 34.74 ? 15  CYS A CA  1 
ATOM   137 C  C   . CYS A 1 15 ? -1.042  0.633   5.300   1.00 34.52 ? 15  CYS A C   1 
ATOM   138 O  O   . CYS A 1 15 ? -0.090  -0.180  5.328   1.00 34.70 ? 15  CYS A O   1 
ATOM   139 C  CB  . CYS A 1 15 ? -2.413  0.010   3.330   1.00 35.25 ? 15  CYS A CB  1 
ATOM   140 S  SG  . CYS A 1 15 ? -3.806  -1.008  2.648   1.00 35.55 ? 15  CYS A SG  1 
ATOM   141 N  N   A LYS A 1 16 ? -0.954  1.922   5.646   0.50 34.98 ? 16  LYS A N   1 
ATOM   142 N  N   B LYS A 1 16 ? -0.917  1.921   5.632   0.50 35.18 ? 16  LYS A N   1 
ATOM   143 C  CA  A LYS A 1 16 ? 0.295   2.543   6.060   0.50 34.79 ? 16  LYS A CA  1 
ATOM   144 C  CA  B LYS A 1 16 ? 0.403   2.433   5.962   0.50 34.83 ? 16  LYS A CA  1 
ATOM   145 C  C   A LYS A 1 16 ? 1.175   1.718   7.039   0.50 34.38 ? 16  LYS A C   1 
ATOM   146 C  C   B LYS A 1 16 ? 1.189   1.578   6.970   0.50 34.45 ? 16  LYS A C   1 
ATOM   147 O  O   A LYS A 1 16 ? 2.432   1.655   6.908   0.50 33.76 ? 16  LYS A O   1 
ATOM   148 O  O   B LYS A 1 16 ? 2.389   1.304   6.746   0.50 34.68 ? 16  LYS A O   1 
ATOM   149 C  CB  A LYS A 1 16 ? -0.036  3.968   6.602   0.50 36.15 ? 16  LYS A CB  1 
ATOM   150 C  CB  B LYS A 1 16 ? 0.336   3.921   6.370   0.50 37.20 ? 16  LYS A CB  1 
ATOM   151 C  CG  A LYS A 1 16 ? 1.196   4.815   6.874   0.50 34.81 ? 16  LYS A CG  1 
ATOM   152 C  CG  B LYS A 1 16 ? 1.669   4.433   6.922   0.50 34.22 ? 16  LYS A CG  1 
ATOM   153 C  CD  A LYS A 1 16 ? 0.822   6.221   7.308   0.50 35.71 ? 16  LYS A CD  1 
ATOM   154 C  CD  B LYS A 1 16 ? 1.590   5.927   7.173   0.50 39.02 ? 16  LYS A CD  1 
ATOM   155 C  CE  A LYS A 1 16 ? 1.915   6.853   8.174   0.50 37.87 ? 16  LYS A CE  1 
ATOM   156 C  CE  B LYS A 1 16 ? 0.715   6.203   8.382   0.50 42.16 ? 16  LYS A CE  1 
ATOM   157 N  NZ  A LYS A 1 16 ? 1.308   7.908   9.010   0.50 42.05 ? 16  LYS A NZ  1 
ATOM   158 N  NZ  B LYS A 1 16 ? 0.153   7.561   8.338   0.50 45.67 ? 16  LYS A NZ  1 
ATOM   159 N  N   . PRO A 1 17 ? 0.567   1.191   8.105   1.00 33.45 ? 17  PRO A N   1 
ATOM   160 C  CA  . PRO A 1 17 ? 1.413   0.440   9.070   1.00 33.17 ? 17  PRO A CA  1 
ATOM   161 C  C   . PRO A 1 17 ? 1.992   -0.852  8.499   1.00 33.57 ? 17  PRO A C   1 
ATOM   162 O  O   . PRO A 1 17 ? 3.048   -1.272  8.960   1.00 34.56 ? 17  PRO A O   1 
ATOM   163 C  CB  . PRO A 1 17 ? 0.490   0.197   10.259  1.00 35.24 ? 17  PRO A CB  1 
ATOM   164 C  CG  . PRO A 1 17 ? -0.848  0.566   9.854   1.00 36.79 ? 17  PRO A CG  1 
ATOM   165 C  CD  . PRO A 1 17 ? -0.805  1.425   8.619   1.00 33.20 ? 17  PRO A CD  1 
ATOM   166 N  N   . ALA A 1 18 ? 1.369   -1.392  7.461   1.00 33.60 ? 18  ALA A N   1 
ATOM   167 C  CA  . ALA A 1 18 ? 1.886   -2.627  6.832   1.00 34.36 ? 18  ALA A CA  1 
ATOM   168 C  C   . ALA A 1 18 ? 2.965   -2.335  5.793   1.00 34.59 ? 18  ALA A C   1 
ATOM   169 O  O   . ALA A 1 18 ? 3.648   -3.313  5.365   1.00 36.18 ? 18  ALA A O   1 
ATOM   170 C  CB  . ALA A 1 18 ? 0.696   -3.380  6.179   1.00 33.37 ? 18  ALA A CB  1 
ATOM   171 N  N   . VAL A 1 19 ? 3.254   -1.055  5.515   1.00 34.92 ? 19  VAL A N   1 
ATOM   172 C  CA  . VAL A 1 19 ? 4.329   -0.748  4.591   1.00 34.14 ? 19  VAL A CA  1 
ATOM   173 C  C   . VAL A 1 19 ? 5.391   0.165   5.202   1.00 33.86 ? 19  VAL A C   1 
ATOM   174 O  O   . VAL A 1 19 ? 6.219   0.713   4.454   1.00 35.26 ? 19  VAL A O   1 
ATOM   175 C  CB  . VAL A 1 19 ? 3.768   -0.197  3.245   1.00 33.67 ? 19  VAL A CB  1 
ATOM   176 C  CG1 . VAL A 1 19 ? 2.858   -1.258  2.625   1.00 36.20 ? 19  VAL A CG1 1 
ATOM   177 C  CG2 . VAL A 1 19 ? 2.998   1.154   3.443   1.00 36.61 ? 19  VAL A CG2 1 
ATOM   178 N  N   . SER A 1 20 ? 5.328   0.353   6.523   1.00 28.55 ? 20  SER A N   1 
ATOM   179 C  CA  . SER A 1 20 ? 6.202   1.320   7.156   1.00 26.07 ? 20  SER A CA  1 
ATOM   180 C  C   . SER A 1 20 ? 7.604   0.738   7.239   1.00 25.67 ? 20  SER A C   1 
ATOM   181 O  O   . SER A 1 20 ? 7.740   -0.453  7.539   1.00 23.78 ? 20  SER A O   1 
ATOM   182 C  CB  . SER A 1 20 ? 5.714   1.671   8.519   1.00 27.44 ? 20  SER A CB  1 
ATOM   183 O  OG  . SER A 1 20 ? 4.528   2.501   8.489   1.00 29.64 ? 20  SER A OG  1 
ATOM   184 N  N   A LYS A 1 21 ? 8.615   1.581   6.989   0.50 23.30 ? 21  LYS A N   1 
ATOM   185 N  N   B LYS A 1 21 ? 8.641   1.564   6.991   0.50 22.94 ? 21  LYS A N   1 
ATOM   186 C  CA  A LYS A 1 21 ? 9.999   1.192   7.119   0.50 23.35 ? 21  LYS A CA  1 
ATOM   187 C  CA  B LYS A 1 21 ? 10.020  1.094   7.086   0.50 22.64 ? 21  LYS A CA  1 
ATOM   188 C  C   A LYS A 1 21 ? 10.249  0.732   8.540   0.50 22.31 ? 21  LYS A C   1 
ATOM   189 C  C   B LYS A 1 21 ? 10.442  0.870   8.528   0.50 21.83 ? 21  LYS A C   1 
ATOM   190 O  O   A LYS A 1 21 ? 10.871  -0.313  8.753   0.50 23.39 ? 21  LYS A O   1 
ATOM   191 O  O   B LYS A 1 21 ? 11.417  0.128   8.725   0.50 21.88 ? 21  LYS A O   1 
ATOM   192 C  CB  A LYS A 1 21 ? 10.895  2.385   6.821   0.50 22.77 ? 21  LYS A CB  1 
ATOM   193 C  CB  B LYS A 1 21 ? 11.018  2.068   6.458   0.50 22.10 ? 21  LYS A CB  1 
ATOM   194 C  CG  A LYS A 1 21 ? 11.010  2.663   5.344   0.50 27.48 ? 21  LYS A CG  1 
ATOM   195 C  CG  B LYS A 1 21 ? 11.182  1.939   4.940   0.50 25.27 ? 21  LYS A CG  1 
ATOM   196 C  CD  A LYS A 1 21 ? 12.450  3.030   5.007   0.50 29.34 ? 21  LYS A CD  1 
ATOM   197 C  CD  B LYS A 1 21 ? 11.950  3.131   4.383   0.50 25.29 ? 21  LYS A CD  1 
ATOM   198 C  CE  A LYS A 1 21 ? 12.682  2.977   3.510   0.50 34.46 ? 21  LYS A CE  1 
ATOM   199 C  CE  B LYS A 1 21 ? 11.652  4.352   5.178   0.50 27.54 ? 21  LYS A CE  1 
ATOM   200 N  NZ  A LYS A 1 21 ? 12.160  4.222   2.906   0.50 33.93 ? 21  LYS A NZ  1 
ATOM   201 N  NZ  B LYS A 1 21 ? 12.688  4.542   6.223   0.50 30.50 ? 21  LYS A NZ  1 
ATOM   202 N  N   . GLU A 1 22 ? 9.753   1.517   9.475   1.00 21.71 ? 22  GLU A N   1 
ATOM   203 C  CA  A GLU A 1 22 ? 10.040  1.291   10.902  0.50 21.61 ? 22  GLU A CA  1 
ATOM   204 C  CA  B GLU A 1 22 ? 10.018  1.306   10.913  0.50 22.79 ? 22  GLU A CA  1 
ATOM   205 C  C   . GLU A 1 22 ? 8.869   0.533   11.502  1.00 22.54 ? 22  GLU A C   1 
ATOM   206 O  O   . GLU A 1 22 ? 7.707   0.959   11.408  1.00 22.53 ? 22  GLU A O   1 
ATOM   207 C  CB  A GLU A 1 22 ? 10.379  2.609   11.672  0.50 21.95 ? 22  GLU A CB  1 
ATOM   208 C  CB  B GLU A 1 22 ? 10.185  2.629   11.686  0.50 23.32 ? 22  GLU A CB  1 
ATOM   209 C  CG  A GLU A 1 22 ? 10.512  2.425   13.184  0.50 21.85 ? 22  GLU A CG  1 
ATOM   210 C  CG  B GLU A 1 22 ? 11.333  3.479   11.210  0.50 26.63 ? 22  GLU A CG  1 
ATOM   211 C  CD  A GLU A 1 22 ? 11.172  3.581   13.955  0.50 25.77 ? 22  GLU A CD  1 
ATOM   212 C  CD  B GLU A 1 22 ? 11.541  4.736   12.085  0.50 28.73 ? 22  GLU A CD  1 
ATOM   213 O  OE1 A GLU A 1 22 ? 10.883  4.741   13.635  0.50 26.34 ? 22  GLU A OE1 1 
ATOM   214 O  OE1 B GLU A 1 22 ? 11.307  5.880   11.600  0.50 33.57 ? 22  GLU A OE1 1 
ATOM   215 O  OE2 A GLU A 1 22 ? 11.949  3.314   14.923  0.50 31.17 ? 22  GLU A OE2 1 
ATOM   216 O  OE2 B GLU A 1 22 ? 11.964  4.554   13.248  0.50 33.95 ? 22  GLU A OE2 1 
ATOM   217 N  N   . ASN A 1 23 ? 9.192   -0.620  12.120  1.00 20.60 ? 23  ASN A N   1 
ATOM   218 C  CA  . ASN A 1 23 ? 8.199   -1.370  12.870  1.00 19.85 ? 23  ASN A CA  1 
ATOM   219 C  C   . ASN A 1 23 ? 6.875   -1.613  12.072  1.00 18.60 ? 23  ASN A C   1 
ATOM   220 O  O   . ASN A 1 23 ? 5.785   -1.352  12.607  1.00 19.90 ? 23  ASN A O   1 
ATOM   221 C  CB  . ASN A 1 23 ? 7.850   -0.787  14.232  1.00 19.80 ? 23  ASN A CB  1 
ATOM   222 C  CG  . ASN A 1 23 ? 9.110   -0.477  15.084  1.00 20.03 ? 23  ASN A CG  1 
ATOM   223 O  OD1 . ASN A 1 23 ? 10.145  -1.082  14.885  1.00 21.88 ? 23  ASN A OD1 1 
ATOM   224 N  ND2 . ASN A 1 23 ? 8.970   0.480   15.994  1.00 26.84 ? 23  ASN A ND2 1 
ATOM   225 N  N   . PRO A 1 24 ? 7.029   -2.227  10.901  1.00 20.48 ? 24  PRO A N   1 
ATOM   226 C  CA  . PRO A 1 24 ? 5.803   -2.573  10.150  1.00 20.70 ? 24  PRO A CA  1 
ATOM   227 C  C   . PRO A 1 24 ? 5.024   -3.620  10.865  1.00 22.05 ? 24  PRO A C   1 
ATOM   228 O  O   . PRO A 1 24 ? 5.580   -4.302  11.761  1.00 21.99 ? 24  PRO A O   1 
ATOM   229 C  CB  . PRO A 1 24 ? 6.354   -3.108  8.839   1.00 20.29 ? 24  PRO A CB  1 
ATOM   230 C  CG  . PRO A 1 24 ? 7.730   -3.709  9.237   1.00 21.40 ? 24  PRO A CG  1 
ATOM   231 C  CD  . PRO A 1 24 ? 8.235   -2.664  10.176  1.00 20.46 ? 24  PRO A CD  1 
ATOM   232 N  N   . THR A 1 25 ? 3.734   -3.765  10.549  1.00 21.59 ? 25  THR A N   1 
ATOM   233 C  CA  . THR A 1 25 ? 2.900   -4.813  11.151  1.00 21.74 ? 25  THR A CA  1 
ATOM   234 C  C   . THR A 1 25 ? 2.142   -5.547  10.049  1.00 22.08 ? 25  THR A C   1 
ATOM   235 O  O   . THR A 1 25 ? 2.104   -5.091  8.911   1.00 20.03 ? 25  THR A O   1 
ATOM   236 C  CB  . THR A 1 25 ? 1.891   -4.253  12.088  1.00 22.88 ? 25  THR A CB  1 
ATOM   237 O  OG1 . THR A 1 25 ? 1.223   -3.114  11.482  1.00 25.42 ? 25  THR A OG1 1 
ATOM   238 C  CG2 . THR A 1 25 ? 2.537   -3.760  13.433  1.00 23.58 ? 25  THR A CG2 1 
ATOM   239 N  N   A SER A 1 26 ? 1.547   -6.684  10.421  0.50 21.95 ? 26  SER A N   1 
ATOM   240 N  N   B SER A 1 26 ? 1.618   -6.733  10.353  0.50 21.84 ? 26  SER A N   1 
ATOM   241 C  CA  A SER A 1 26 ? 0.839   -7.524  9.464   0.50 22.41 ? 26  SER A CA  1 
ATOM   242 C  CA  B SER A 1 26 ? 0.957   -7.517  9.313   0.50 21.63 ? 26  SER A CA  1 
ATOM   243 C  C   A SER A 1 26 ? -0.366  -6.708  8.942   0.50 21.99 ? 26  SER A C   1 
ATOM   244 C  C   B SER A 1 26 ? -0.348  -6.784  8.926   0.50 21.93 ? 26  SER A C   1 
ATOM   245 O  O   A SER A 1 26 ? -0.906  -5.884  9.677   0.50 20.63 ? 26  SER A O   1 
ATOM   246 O  O   B SER A 1 26 ? -0.983  -6.124  9.753   0.50 21.07 ? 26  SER A O   1 
ATOM   247 C  CB  A SER A 1 26 ? 0.400   -8.802  10.188  0.50 22.36 ? 26  SER A CB  1 
ATOM   248 C  CB  B SER A 1 26 ? 0.661   -8.913  9.852   0.50 22.05 ? 26  SER A CB  1 
ATOM   249 O  OG  A SER A 1 26 ? -0.131  -9.731  9.274   0.50 25.73 ? 26  SER A OG  1 
ATOM   250 O  OG  B SER A 1 26 ? -0.281  -8.813  10.896  0.50 22.73 ? 26  SER A OG  1 
ATOM   251 N  N   . PRO A 1 27 ? -0.696  -6.850  7.643   1.00 20.79 ? 27  PRO A N   1 
ATOM   252 C  CA  . PRO A 1 27 ? -1.801  -6.013  7.118   1.00 22.78 ? 27  PRO A CA  1 
ATOM   253 C  C   . PRO A 1 27 ? -3.148  -6.317  7.723   1.00 24.88 ? 27  PRO A C   1 
ATOM   254 O  O   . PRO A 1 27 ? -3.499  -7.478  7.968   1.00 25.06 ? 27  PRO A O   1 
ATOM   255 C  CB  . PRO A 1 27 ? -1.788  -6.288  5.628   1.00 23.28 ? 27  PRO A CB  1 
ATOM   256 C  CG  . PRO A 1 27 ? -1.098  -7.618  5.455   1.00 22.54 ? 27  PRO A CG  1 
ATOM   257 C  CD  . PRO A 1 27 ? -0.069  -7.689  6.614   1.00 24.74 ? 27  PRO A CD  1 
ATOM   258 N  N   . SER A 1 28 ? -3.917  -5.253  7.962   1.00 31.96 ? 28  SER A N   1 
ATOM   259 C  CA  . SER A 1 28 ? -5.237  -5.432  8.510   1.00 33.90 ? 28  SER A CA  1 
ATOM   260 C  C   . SER A 1 28 ? -6.171  -5.919  7.458   1.00 34.93 ? 28  SER A C   1 
ATOM   261 O  O   . SER A 1 28 ? -5.946  -5.687  6.220   1.00 35.27 ? 28  SER A O   1 
ATOM   262 C  CB  . SER A 1 28 ? -5.744  -4.068  9.041   1.00 35.13 ? 28  SER A CB  1 
ATOM   263 O  OG  . SER A 1 28 ? -6.098  -3.193  7.999   1.00 36.05 ? 28  SER A OG  1 
ATOM   264 N  N   A GLN A 1 29 ? -7.256  -6.537  7.921   0.50 34.85 ? 29  GLN A N   1 
ATOM   265 N  N   B GLN A 1 29 ? -7.271  -6.540  7.855   0.50 35.59 ? 29  GLN A N   1 
ATOM   266 C  CA  A GLN A 1 29 ? -8.348  -6.928  7.011   0.50 35.55 ? 29  GLN A CA  1 
ATOM   267 C  CA  B GLN A 1 29 ? -8.241  -6.934  6.805   0.50 36.44 ? 29  GLN A CA  1 
ATOM   268 C  C   A GLN A 1 29 ? -8.856  -5.794  6.117   0.50 35.61 ? 29  GLN A C   1 
ATOM   269 C  C   B GLN A 1 29 ? -8.888  -5.764  6.035   0.50 36.18 ? 29  GLN A C   1 
ATOM   270 O  O   A GLN A 1 29 ? -8.910  -5.953  4.896   0.50 36.27 ? 29  GLN A O   1 
ATOM   271 O  O   B GLN A 1 29 ? -9.050  -5.860  4.813   0.50 36.64 ? 29  GLN A O   1 
ATOM   272 C  CB  A GLN A 1 29 ? -9.507  -7.571  7.778   0.50 35.75 ? 29  GLN A CB  1 
ATOM   273 C  CB  B GLN A 1 29 ? -9.246  -7.965  7.323   0.50 37.83 ? 29  GLN A CB  1 
ATOM   274 C  CG  A GLN A 1 29 ? -10.534 -8.156  6.827   0.50 35.41 ? 29  GLN A CG  1 
ATOM   275 C  CG  B GLN A 1 29 ? -9.898  -8.819  6.229   0.50 38.94 ? 29  GLN A CG  1 
ATOM   276 C  CD  A GLN A 1 29 ? -9.881  -9.004  5.756   0.50 38.67 ? 29  GLN A CD  1 
ATOM   277 C  CD  B GLN A 1 29 ? -8.975  -9.270  5.047   0.50 42.76 ? 29  GLN A CD  1 
ATOM   278 O  OE1 A GLN A 1 29 ? -9.848  -8.615  4.565   0.50 38.23 ? 29  GLN A OE1 1 
ATOM   279 O  OE1 B GLN A 1 29 ? -9.372  -9.174  3.875   0.50 44.39 ? 29  GLN A OE1 1 
ATOM   280 N  NE2 A GLN A 1 29 ? -9.349  -10.183 6.166   0.50 37.20 ? 29  GLN A NE2 1 
ATOM   281 N  NE2 B GLN A 1 29 ? -7.772  -9.768  5.357   0.50 47.57 ? 29  GLN A NE2 1 
ATOM   282 N  N   . PRO A 1 30 ? -9.222  -4.646  6.706   1.00 35.62 ? 30  PRO A N   1 
ATOM   283 C  CA  . PRO A 1 30 ? -9.627  -3.473  5.888   1.00 36.59 ? 30  PRO A CA  1 
ATOM   284 C  C   . PRO A 1 30 ? -8.581  -3.012  4.841   1.00 35.53 ? 30  PRO A C   1 
ATOM   285 O  O   . PRO A 1 30 ? -8.962  -2.681  3.694   1.00 36.98 ? 30  PRO A O   1 
ATOM   286 C  CB  . PRO A 1 30 ? -9.895  -2.403  6.944   1.00 37.41 ? 30  PRO A CB  1 
ATOM   287 C  CG  . PRO A 1 30 ? -10.306 -3.175  8.136   1.00 38.73 ? 30  PRO A CG  1 
ATOM   288 C  CD  . PRO A 1 30 ? -9.320  -4.321  8.148   1.00 37.24 ? 30  PRO A CD  1 
ATOM   289 N  N   . CYS A 1 31 ? -7.285  -3.143  5.196   1.00 34.45 ? 31  CYS A N   1 
ATOM   290 C  CA  . CYS A 1 31 ? -6.268  -2.870  4.186   1.00 33.98 ? 31  CYS A CA  1 
ATOM   291 C  C   . CYS A 1 31 ? -6.343  -3.862  3.010   1.00 33.50 ? 31  CYS A C   1 
ATOM   292 O  O   . CYS A 1 31 ? -6.368  -3.439  1.850   1.00 34.41 ? 31  CYS A O   1 
ATOM   293 C  CB  . CYS A 1 31 ? -4.875  -2.922  4.829   1.00 33.97 ? 31  CYS A CB  1 
ATOM   294 S  SG  . CYS A 1 31 ? -3.501  -2.827  3.580   1.00 35.48 ? 31  CYS A SG  1 
ATOM   295 N  N   . CYS A 1 32 ? -6.357  -5.158  3.325   1.00 33.36 ? 32  CYS A N   1 
ATOM   296 C  CA  . CYS A 1 32 ? -6.349  -6.144  2.260   1.00 33.25 ? 32  CYS A CA  1 
ATOM   297 C  C   . CYS A 1 32 ? -7.609  -6.040  1.418   1.00 35.24 ? 32  CYS A C   1 
ATOM   298 O  O   . CYS A 1 32 ? -7.545  -6.224  0.199   1.00 36.10 ? 32  CYS A O   1 
ATOM   299 C  CB  . CYS A 1 32 ? -6.141  -7.533  2.834   1.00 32.51 ? 32  CYS A CB  1 
ATOM   300 S  SG  . CYS A 1 32 ? -4.520  -7.832  3.561   1.00 35.28 ? 32  CYS A SG  1 
ATOM   301 N  N   . THR A 1 33 ? -8.741  -5.757  2.039   1.00 34.81 ? 33  THR A N   1 
ATOM   302 C  CA  . THR A 1 33 ? -9.973  -5.669  1.277   1.00 35.56 ? 33  THR A CA  1 
ATOM   303 C  C   . THR A 1 33 ? -9.960  -4.476  0.301   1.00 35.04 ? 33  THR A C   1 
ATOM   304 O  O   . THR A 1 33 ? -10.422 -4.547  -0.821  1.00 34.61 ? 33  THR A O   1 
ATOM   305 C  CB  . THR A 1 33 ? -11.158 -5.557  2.231   1.00 35.44 ? 33  THR A CB  1 
ATOM   306 O  OG1 . THR A 1 33 ? -11.235 -6.785  2.997   1.00 37.25 ? 33  THR A OG1 1 
ATOM   307 C  CG2 . THR A 1 33 ? -12.431 -5.304  1.437   1.00 39.11 ? 33  THR A CG2 1 
ATOM   308 N  N   . ALA A 1 34 ? -9.408  -3.344  0.765   1.00 35.32 ? 34  ALA A N   1 
ATOM   309 C  CA  . ALA A 1 34 ? -9.328  -2.157  -0.071  1.00 34.94 ? 34  ALA A CA  1 
ATOM   310 C  C   . ALA A 1 34 ? -8.434  -2.448  -1.271  1.00 35.17 ? 34  ALA A C   1 
ATOM   311 O  O   . ALA A 1 34 ? -8.718  -2.030  -2.375  1.00 34.84 ? 34  ALA A O   1 
ATOM   312 C  CB  . ALA A 1 34 ? -8.719  -1.007  0.755   1.00 36.43 ? 34  ALA A CB  1 
ATOM   313 N  N   . LEU A 1 35 ? -7.330  -3.183  -1.038  1.00 34.72 ? 35  LEU A N   1 
ATOM   314 C  CA  . LEU A 1 35 ? -6.406  -3.451  -2.140  1.00 34.98 ? 35  LEU A CA  1 
ATOM   315 C  C   . LEU A 1 35 ? -7.058  -4.292  -3.265  1.00 35.26 ? 35  LEU A C   1 
ATOM   316 O  O   . LEU A 1 35 ? -6.572  -4.266  -4.418  1.00 35.61 ? 35  LEU A O   1 
ATOM   317 C  CB  . LEU A 1 35 ? -5.168  -4.263  -1.622  1.00 35.84 ? 35  LEU A CB  1 
ATOM   318 C  CG  . LEU A 1 35 ? -4.181  -3.350  -0.935  1.00 36.51 ? 35  LEU A CG  1 
ATOM   319 C  CD1 . LEU A 1 35 ? -2.968  -4.291  -0.608  1.00 41.38 ? 35  LEU A CD1 1 
ATOM   320 C  CD2 . LEU A 1 35 ? -3.691  -2.168  -1.734  1.00 40.55 ? 35  LEU A CD2 1 
ATOM   321 N  N   . GLN A 1 36 ? -8.172  -4.996  -2.951  1.00 35.10 ? 36  GLN A N   1 
ATOM   322 C  CA  . GLN A 1 36 ? -8.924  -5.730  -3.979  1.00 36.74 ? 36  GLN A CA  1 
ATOM   323 C  C   . GLN A 1 36 ? -9.515  -4.800  -5.068  1.00 34.83 ? 36  GLN A C   1 
ATOM   324 O  O   . GLN A 1 36 ? -9.897  -5.293  -6.135  1.00 35.81 ? 36  GLN A O   1 
ATOM   325 C  CB  . GLN A 1 36 ? -10.027 -6.608  -3.346  1.00 36.93 ? 36  GLN A CB  1 
ATOM   326 C  CG  . GLN A 1 36 ? -9.440  -7.606  -2.365  1.00 35.69 ? 36  GLN A CG  1 
ATOM   327 C  CD  . GLN A 1 36 ? -10.475 -8.478  -1.647  1.00 41.43 ? 36  GLN A CD  1 
ATOM   328 O  OE1 . GLN A 1 36 ? -11.617 -8.564  -2.063  1.00 49.98 ? 36  GLN A OE1 1 
ATOM   329 N  NE2 . GLN A 1 36 ? -10.033 -9.197  -0.587  1.00 44.51 ? 36  GLN A NE2 1 
ATOM   330 N  N   . HIS A 1 37 ? -9.643  -3.475  -4.781  1.00 34.18 ? 37  HIS A N   1 
ATOM   331 C  CA  A HIS A 1 37 ? -10.098 -2.542  -5.810  0.50 33.46 ? 37  HIS A CA  1 
ATOM   332 C  CA  B HIS A 1 37 ? -10.109 -2.522  -5.784  0.50 32.99 ? 37  HIS A CA  1 
ATOM   333 C  C   . HIS A 1 37 ? -9.055  -1.464  -6.119  1.00 33.51 ? 37  HIS A C   1 
ATOM   334 O  O   . HIS A 1 37 ? -9.389  -0.380  -6.689  1.00 34.80 ? 37  HIS A O   1 
ATOM   335 C  CB  A HIS A 1 37 ? -11.496 -1.955  -5.523  0.50 35.00 ? 37  HIS A CB  1 
ATOM   336 C  CB  B HIS A 1 37 ? -11.467 -1.885  -5.417  0.50 33.90 ? 37  HIS A CB  1 
ATOM   337 C  CG  A HIS A 1 37 ? -11.617 -1.258  -4.201  0.50 34.69 ? 37  HIS A CG  1 
ATOM   338 C  CG  B HIS A 1 37 ? -11.449 -1.060  -4.167  0.50 32.47 ? 37  HIS A CG  1 
ATOM   339 N  ND1 A HIS A 1 37 ? -12.204 -1.840  -3.093  0.50 37.26 ? 37  HIS A ND1 1 
ATOM   340 N  ND1 B HIS A 1 37 ? -10.813 0.164   -4.092  0.50 31.98 ? 37  HIS A ND1 1 
ATOM   341 C  CD2 A HIS A 1 37 ? -11.259 -0.007  -3.824  0.50 39.03 ? 37  HIS A CD2 1 
ATOM   342 C  CD2 B HIS A 1 37 ? -12.020 -1.261  -2.953  0.50 29.54 ? 37  HIS A CD2 1 
ATOM   343 C  CE1 A HIS A 1 37 ? -12.189 -0.978  -2.091  0.50 35.91 ? 37  HIS A CE1 1 
ATOM   344 C  CE1 B HIS A 1 37 ? -10.977 0.663   -2.875  0.50 28.41 ? 37  HIS A CE1 1 
ATOM   345 N  NE2 A HIS A 1 37 ? -11.616 0.137   -2.506  0.50 38.83 ? 37  HIS A NE2 1 
ATOM   346 N  NE2 B HIS A 1 37 ? -11.708 -0.183  -2.162  0.50 31.59 ? 37  HIS A NE2 1 
ATOM   347 N  N   . ALA A 1 38 ? -7.791  -1.746  -5.790  1.00 25.45 ? 38  ALA A N   1 
ATOM   348 C  CA  . ALA A 1 38 ? -6.708  -0.824  -6.115  1.00 24.40 ? 38  ALA A CA  1 
ATOM   349 C  C   . ALA A 1 38 ? -6.090  -1.120  -7.474  1.00 25.89 ? 38  ALA A C   1 
ATOM   350 O  O   . ALA A 1 38 ? -6.157  -2.255  -7.973  1.00 26.33 ? 38  ALA A O   1 
ATOM   351 C  CB  . ALA A 1 38 ? -5.624  -0.830  -5.012  1.00 22.72 ? 38  ALA A CB  1 
ATOM   352 N  N   . ASP A 1 39 ? -5.477  -0.099  -8.068  1.00 31.81 ? 39  ASP A N   1 
ATOM   353 C  CA  . ASP A 1 39 ? -4.886  -0.244  -9.376  1.00 33.27 ? 39  ASP A CA  1 
ATOM   354 C  C   . ASP A 1 39 ? -3.371  -0.338  -9.157  1.00 31.79 ? 39  ASP A C   1 
ATOM   355 O  O   . ASP A 1 39 ? -2.719  0.722   -8.897  1.00 33.22 ? 39  ASP A O   1 
ATOM   356 C  CB  . ASP A 1 39 ? -5.315  0.955   -10.172 1.00 39.59 ? 39  ASP A CB  1 
ATOM   357 C  CG  . ASP A 1 39 ? -4.837  0.968   -11.600 1.00 42.99 ? 39  ASP A CG  1 
ATOM   358 O  OD1 . ASP A 1 39 ? -3.845  0.217   -11.955 1.00 38.28 ? 39  ASP A OD1 1 
ATOM   359 O  OD2 . ASP A 1 39 ? -5.434  1.882   -12.240 1.00 39.95 ? 39  ASP A OD2 1 
ATOM   360 N  N   . PHE A 1 40 ? -2.827  -1.563  -9.253  1.00 32.73 ? 40  PHE A N   1 
ATOM   361 C  CA  . PHE A 1 40 ? -1.414  -1.720  -8.896  1.00 32.56 ? 40  PHE A CA  1 
ATOM   362 C  C   . PHE A 1 40 ? -0.467  -1.018  -9.793  1.00 32.48 ? 40  PHE A C   1 
ATOM   363 O  O   . PHE A 1 40 ? 0.530   -0.475  -9.282  1.00 34.77 ? 40  PHE A O   1 
ATOM   364 C  CB  . PHE A 1 40 ? -0.962  -3.170  -8.749  1.00 34.08 ? 40  PHE A CB  1 
ATOM   365 C  CG  . PHE A 1 40 ? -1.713  -3.950  -7.721  1.00 35.30 ? 40  PHE A CG  1 
ATOM   366 C  CD1 . PHE A 1 40 ? -2.268  -3.333  -6.620  1.00 37.75 ? 40  PHE A CD1 1 
ATOM   367 C  CD2 . PHE A 1 40 ? -1.782  -5.315  -7.813  1.00 39.04 ? 40  PHE A CD2 1 
ATOM   368 C  CE1 . PHE A 1 40 ? -2.952  -4.068  -5.640  1.00 40.79 ? 40  PHE A CE1 1 
ATOM   369 C  CE2 . PHE A 1 40 ? -2.457  -6.053  -6.801  1.00 40.35 ? 40  PHE A CE2 1 
ATOM   370 C  CZ  . PHE A 1 40 ? -3.039  -5.376  -5.726  1.00 41.35 ? 40  PHE A CZ  1 
ATOM   371 N  N   . ALA A 1 41 ? -0.707  -1.063  -11.103 1.00 32.96 ? 41  ALA A N   1 
ATOM   372 C  CA  . ALA A 1 41 ? 0.173   -0.358  -12.033 1.00 33.10 ? 41  ALA A CA  1 
ATOM   373 C  C   . ALA A 1 41 ? 0.176   1.149   -11.726 1.00 32.09 ? 41  ALA A C   1 
ATOM   374 O  O   . ALA A 1 41 ? 1.210   1.832   -11.865 1.00 34.12 ? 41  ALA A O   1 
ATOM   375 C  CB  . ALA A 1 41 ? -0.285  -0.611  -13.456 1.00 33.00 ? 41  ALA A CB  1 
ATOM   376 N  N   . CYS A 1 42 ? -0.970  1.683   -11.334 1.00 32.59 ? 42  CYS A N   1 
ATOM   377 C  CA  . CYS A 1 42 ? -1.059  3.103   -10.952 1.00 32.18 ? 42  CYS A CA  1 
ATOM   378 C  C   . CYS A 1 42 ? -0.188  3.343   -9.727  1.00 32.43 ? 42  CYS A C   1 
ATOM   379 O  O   . CYS A 1 42 ? 0.637   4.263   -9.711  1.00 32.38 ? 42  CYS A O   1 
ATOM   380 C  CB  . CYS A 1 42 ? -2.566  3.437   -10.764 1.00 33.87 ? 42  CYS A CB  1 
ATOM   381 S  SG  . CYS A 1 42 ? -2.883  5.146   -10.145 1.00 34.79 ? 42  CYS A SG  1 
ATOM   382 N  N   . LEU A 1 43 ? -0.320  2.420   -8.760  1.00 30.39 ? 43  LEU A N   1 
ATOM   383 C  CA  . LEU A 1 43 ? 0.447   2.565   -7.504  1.00 32.36 ? 43  LEU A CA  1 
ATOM   384 C  C   . LEU A 1 43 ? 1.954   2.498   -7.746  1.00 33.67 ? 43  LEU A C   1 
ATOM   385 O  O   . LEU A 1 43 ? 2.732   3.295   -7.147  1.00 33.02 ? 43  LEU A O   1 
ATOM   386 C  CB  . LEU A 1 43 ? 0.020   1.547   -6.424  1.00 32.02 ? 43  LEU A CB  1 
ATOM   387 C  CG  . LEU A 1 43 ? -1.339  1.807   -5.775  1.00 34.33 ? 43  LEU A CG  1 
ATOM   388 C  CD1 . LEU A 1 43 ? -1.938  0.581   -5.044  1.00 34.83 ? 43  LEU A CD1 1 
ATOM   389 C  CD2 . LEU A 1 43 ? -1.290  3.059   -4.797  1.00 34.96 ? 43  LEU A CD2 1 
ATOM   390 N  N   . CYS A 1 44 ? 2.378   1.587   -8.612  1.00 34.28 ? 44  CYS A N   1 
ATOM   391 C  CA  . CYS A 1 44 ? 3.780   1.511   -9.028  1.00 35.91 ? 44  CYS A CA  1 
ATOM   392 C  C   . CYS A 1 44 ? 4.347   2.820   -9.563  1.00 35.72 ? 44  CYS A C   1 
ATOM   393 O  O   . CYS A 1 44 ? 5.541   3.048   -9.465  1.00 36.57 ? 44  CYS A O   1 
ATOM   394 C  CB  . CYS A 1 44 ? 3.984   0.410   -10.081 1.00 38.85 ? 44  CYS A CB  1 
ATOM   395 S  SG  . CYS A 1 44 ? 3.923   -1.205  -9.292  1.00 43.51 ? 44  CYS A SG  1 
ATOM   396 N  N   . GLY A 1 45 ? 3.495   3.645   -10.147 1.00 34.56 ? 45  GLY A N   1 
ATOM   397 C  CA  . GLY A 1 45 ? 3.885   4.973   -10.616 1.00 35.47 ? 45  GLY A CA  1 
ATOM   398 C  C   . GLY A 1 45 ? 4.346   5.890   -9.539  1.00 35.71 ? 45  GLY A C   1 
ATOM   399 O  O   . GLY A 1 45 ? 4.993   6.907   -9.831  1.00 37.15 ? 45  GLY A O   1 
ATOM   400 N  N   . TYR A 1 46 ? 4.107   5.531   -8.271  1.00 34.49 ? 46  TYR A N   1 
ATOM   401 C  CA  . TYR A 1 46 ? 4.528   6.373   -7.172  1.00 32.58 ? 46  TYR A CA  1 
ATOM   402 C  C   . TYR A 1 46 ? 5.830   5.863   -6.582  1.00 31.54 ? 46  TYR A C   1 
ATOM   403 O  O   . TYR A 1 46 ? 6.283   6.391   -5.575  1.00 34.20 ? 46  TYR A O   1 
ATOM   404 C  CB  . TYR A 1 46 ? 3.463   6.391   -6.039  1.00 34.29 ? 46  TYR A CB  1 
ATOM   405 C  CG  . TYR A 1 46 ? 2.258   7.214   -6.432  1.00 34.11 ? 46  TYR A CG  1 
ATOM   406 C  CD1 . TYR A 1 46 ? 1.251   6.690   -7.220  1.00 34.95 ? 46  TYR A CD1 1 
ATOM   407 C  CD2 . TYR A 1 46 ? 2.200   8.591   -6.086  1.00 35.28 ? 46  TYR A CD2 1 
ATOM   408 C  CE1 . TYR A 1 46 ? 0.160   7.512   -7.672  1.00 35.84 ? 46  TYR A CE1 1 
ATOM   409 C  CE2 . TYR A 1 46 ? 1.140   9.389   -6.490  1.00 38.97 ? 46  TYR A CE2 1 
ATOM   410 C  CZ  . TYR A 1 46 ? 0.125   8.875   -7.270  1.00 35.39 ? 46  TYR A CZ  1 
ATOM   411 O  OH  . TYR A 1 46 ? -0.955  9.629   -7.719  1.00 35.88 ? 46  TYR A OH  1 
ATOM   412 N  N   . LYS A 1 47 ? 6.441   4.812   -7.162  1.00 27.11 ? 47  LYS A N   1 
ATOM   413 C  CA  A LYS A 1 47 ? 7.642   4.216   -6.582  0.50 27.96 ? 47  LYS A CA  1 
ATOM   414 C  CA  B LYS A 1 47 ? 7.641   4.211   -6.576  0.50 28.12 ? 47  LYS A CA  1 
ATOM   415 C  C   . LYS A 1 47 ? 8.732   5.216   -6.212  1.00 29.36 ? 47  LYS A C   1 
ATOM   416 O  O   . LYS A 1 47 ? 9.465   5.009   -5.248  1.00 30.01 ? 47  LYS A O   1 
ATOM   417 C  CB  A LYS A 1 47 ? 8.245   3.187   -7.543  0.50 28.15 ? 47  LYS A CB  1 
ATOM   418 C  CB  B LYS A 1 47 ? 8.231   3.150   -7.522  0.50 27.83 ? 47  LYS A CB  1 
ATOM   419 C  CG  A LYS A 1 47 ? 9.640   2.725   -7.110  0.50 31.97 ? 47  LYS A CG  1 
ATOM   420 C  CG  B LYS A 1 47 ? 9.507   2.437   -6.988  0.50 30.64 ? 47  LYS A CG  1 
ATOM   421 C  CD  A LYS A 1 47 ? 10.265  1.808   -8.115  0.50 35.37 ? 47  LYS A CD  1 
ATOM   422 C  CD  B LYS A 1 47 ? 10.051  1.430   -7.996  0.50 29.90 ? 47  LYS A CD  1 
ATOM   423 C  CE  A LYS A 1 47 ? 11.519  1.195   -7.534  0.50 36.20 ? 47  LYS A CE  1 
ATOM   424 C  CE  B LYS A 1 47 ? 10.818  2.109   -9.161  0.50 31.53 ? 47  LYS A CE  1 
ATOM   425 N  NZ  A LYS A 1 47 ? 11.167  0.382   -6.338  0.50 37.37 ? 47  LYS A NZ  1 
ATOM   426 N  NZ  B LYS A 1 47 ? 11.129  1.166   -10.280 0.50 35.06 ? 47  LYS A NZ  1 
ATOM   427 N  N   . ASN A 1 48 ? 8.846   6.287   -6.973  1.00 28.64 ? 48  ASN A N   1 
ATOM   428 C  CA  . ASN A 1 48 ? 9.930   7.267   -6.721  1.00 31.27 ? 48  ASN A CA  1 
ATOM   429 C  C   . ASN A 1 48 ? 9.409   8.570   -6.146  1.00 31.22 ? 48  ASN A C   1 
ATOM   430 O  O   . ASN A 1 48 ? 10.160  9.574   -6.085  1.00 33.11 ? 48  ASN A O   1 
ATOM   431 C  CB  . ASN A 1 48 ? 10.723  7.535   -8.012  1.00 33.67 ? 48  ASN A CB  1 
ATOM   432 C  CG  . ASN A 1 48 ? 11.447  6.320   -8.484  1.00 34.12 ? 48  ASN A CG  1 
ATOM   433 O  OD1 . ASN A 1 48 ? 12.241  5.741   -7.742  1.00 39.02 ? 48  ASN A OD1 1 
ATOM   434 N  ND2 . ASN A 1 48 ? 11.165  5.896   -9.715  1.00 39.71 ? 48  ASN A ND2 1 
ATOM   435 N  N   . SER A 1 49 ? 8.148   8.577   -5.692  1.00 28.50 ? 49  SER A N   1 
ATOM   436 C  CA  . SER A 1 49 ? 7.556   9.790   -5.150  1.00 27.83 ? 49  SER A CA  1 
ATOM   437 C  C   . SER A 1 49 ? 8.200   10.199  -3.842  1.00 29.11 ? 49  SER A C   1 
ATOM   438 O  O   . SER A 1 49 ? 8.481   9.352   -2.983  1.00 27.45 ? 49  SER A O   1 
ATOM   439 C  CB  . SER A 1 49 ? 6.045   9.623   -4.907  1.00 26.49 ? 49  SER A CB  1 
ATOM   440 O  OG  . SER A 1 49 ? 5.468   10.685  -4.155  1.00 26.11 ? 49  SER A OG  1 
ATOM   441 N  N   . PRO A 1 50 ? 8.488   11.505  -3.691  1.00 30.32 ? 50  PRO A N   1 
ATOM   442 C  CA  . PRO A 1 50 ? 8.909   11.986  -2.397  1.00 30.79 ? 50  PRO A CA  1 
ATOM   443 C  C   . PRO A 1 50 ? 8.007   11.627  -1.231  1.00 30.83 ? 50  PRO A C   1 
ATOM   444 O  O   . PRO A 1 50 ? 8.497   11.632  -0.055  1.00 33.09 ? 50  PRO A O   1 
ATOM   445 C  CB  . PRO A 1 50 ? 8.859   13.530  -2.603  1.00 31.80 ? 50  PRO A CB  1 
ATOM   446 C  CG  . PRO A 1 50 ? 9.195   13.692  -3.970  1.00 32.50 ? 50  PRO A CG  1 
ATOM   447 C  CD  . PRO A 1 50 ? 8.437   12.590  -4.688  1.00 30.45 ? 50  PRO A CD  1 
ATOM   448 N  N   . TRP A 1 51 ? 6.740   11.319  -1.535  1.00 32.39 ? 51  TRP A N   1 
ATOM   449 C  CA  . TRP A 1 51 ? 5.822   10.928  -0.482  1.00 32.60 ? 51  TRP A CA  1 
ATOM   450 C  C   . TRP A 1 51 ? 6.286   9.671   0.256   1.00 34.01 ? 51  TRP A C   1 
ATOM   451 O  O   . TRP A 1 51 ? 5.997   9.568   1.421   1.00 33.74 ? 51  TRP A O   1 
ATOM   452 C  CB  . TRP A 1 51 ? 4.424   10.742  -1.034  1.00 34.61 ? 51  TRP A CB  1 
ATOM   453 C  CG  . TRP A 1 51 ? 3.632   11.968  -1.151  1.00 35.09 ? 51  TRP A CG  1 
ATOM   454 C  CD1 . TRP A 1 51 ? 3.794   13.146  -0.477  1.00 36.16 ? 51  TRP A CD1 1 
ATOM   455 C  CD2 . TRP A 1 51 ? 2.462   12.111  -1.948  1.00 33.01 ? 51  TRP A CD2 1 
ATOM   456 N  NE1 . TRP A 1 51 ? 2.765   14.017  -0.805  1.00 35.68 ? 51  TRP A NE1 1 
ATOM   457 C  CE2 . TRP A 1 51 ? 1.960   13.414  -1.725  1.00 35.75 ? 51  TRP A CE2 1 
ATOM   458 C  CE3 . TRP A 1 51 ? 1.818   11.279  -2.902  1.00 32.26 ? 51  TRP A CE3 1 
ATOM   459 C  CZ2 . TRP A 1 51 ? 0.832   13.877  -2.358  1.00 35.53 ? 51  TRP A CZ2 1 
ATOM   460 C  CZ3 . TRP A 1 51 ? 0.688   11.736  -3.501  1.00 34.03 ? 51  TRP A CZ3 1 
ATOM   461 C  CH2 . TRP A 1 51 ? 0.216   13.047  -3.244  1.00 34.06 ? 51  TRP A CH2 1 
ATOM   462 N  N   . LEU A 1 52 ? 7.017   8.750   -0.378  1.00 33.74 ? 52  LEU A N   1 
ATOM   463 C  CA  A LEU A 1 52 ? 7.402   7.533   0.340   0.50 33.90 ? 52  LEU A CA  1 
ATOM   464 C  CA  B LEU A 1 52 ? 7.411   7.532   0.343   0.50 34.19 ? 52  LEU A CA  1 
ATOM   465 C  C   . LEU A 1 52 ? 8.282   7.969   1.486   1.00 33.98 ? 52  LEU A C   1 
ATOM   466 O  O   . LEU A 1 52 ? 8.128   7.542   2.651   1.00 36.06 ? 52  LEU A O   1 
ATOM   467 C  CB  A LEU A 1 52 ? 8.097   6.536   -0.610  0.50 34.11 ? 52  LEU A CB  1 
ATOM   468 C  CB  B LEU A 1 52 ? 8.159   6.562   -0.584  0.50 34.53 ? 52  LEU A CB  1 
ATOM   469 C  CG  A LEU A 1 52 ? 7.185   6.019   -1.733  0.50 33.94 ? 52  LEU A CG  1 
ATOM   470 C  CG  B LEU A 1 52 ? 7.275   5.641   -1.421  0.50 35.74 ? 52  LEU A CG  1 
ATOM   471 C  CD1 A LEU A 1 52 ? 7.615   4.630   -2.187  0.50 36.69 ? 52  LEU A CD1 1 
ATOM   472 C  CD1 B LEU A 1 52 ? 6.434   6.425   -2.399  0.50 36.62 ? 52  LEU A CD1 1 
ATOM   473 C  CD2 A LEU A 1 52 ? 5.745   5.939   -1.270  0.50 36.42 ? 52  LEU A CD2 1 
ATOM   474 C  CD2 B LEU A 1 52 ? 8.179   4.645   -2.141  0.50 38.53 ? 52  LEU A CD2 1 
ATOM   475 N  N   . GLY A 1 53 ? 9.204   8.865   1.173   1.00 34.44 ? 53  GLY A N   1 
ATOM   476 C  CA  . GLY A 1 53 ? 10.065  9.330   2.244   1.00 35.49 ? 53  GLY A CA  1 
ATOM   477 C  C   . GLY A 1 53 ? 9.307   10.046  3.365   1.00 37.04 ? 53  GLY A C   1 
ATOM   478 O  O   . GLY A 1 53 ? 9.520   9.768   4.591   1.00 37.15 ? 53  GLY A O   1 
ATOM   479 N  N   . SER A 1 54 ? 8.445   10.987  2.976   1.00 37.04 ? 54  SER A N   1 
ATOM   480 C  CA  . SER A 1 54 ? 7.632   11.764  3.929   1.00 39.24 ? 54  SER A CA  1 
ATOM   481 C  C   . SER A 1 54 ? 6.782   10.891  4.852   1.00 37.61 ? 54  SER A C   1 
ATOM   482 O  O   . SER A 1 54 ? 6.718   11.167  6.065   1.00 38.39 ? 54  SER A O   1 
ATOM   483 C  CB  . SER A 1 54 ? 6.747   12.790  3.177   1.00 40.79 ? 54  SER A CB  1 
ATOM   484 O  OG  . SER A 1 54 ? 7.601   13.684  2.511   1.00 47.79 ? 54  SER A OG  1 
ATOM   485 N  N   . PHE A 1 55 ? 6.198   9.812   4.319   1.00 36.22 ? 55  PHE A N   1 
ATOM   486 C  CA  . PHE A 1 55 ? 5.285   9.006   5.110   1.00 35.34 ? 55  PHE A CA  1 
ATOM   487 C  C   . PHE A 1 55 ? 5.956   7.781   5.713   1.00 34.59 ? 55  PHE A C   1 
ATOM   488 O  O   . PHE A 1 55 ? 5.248   6.965   6.297   1.00 36.53 ? 55  PHE A O   1 
ATOM   489 C  CB  . PHE A 1 55 ? 4.006   8.662   4.313   1.00 36.18 ? 55  PHE A CB  1 
ATOM   490 C  CG  . PHE A 1 55 ? 3.096   9.826   4.135   1.00 40.36 ? 55  PHE A CG  1 
ATOM   491 C  CD1 . PHE A 1 55 ? 3.011   10.472  2.899   1.00 39.43 ? 55  PHE A CD1 1 
ATOM   492 C  CD2 . PHE A 1 55 ? 2.289   10.261  5.193   1.00 41.83 ? 55  PHE A CD2 1 
ATOM   493 C  CE1 . PHE A 1 55 ? 2.146   11.579  2.741   1.00 40.17 ? 55  PHE A CE1 1 
ATOM   494 C  CE2 . PHE A 1 55 ? 1.433   11.330  5.055   1.00 47.40 ? 55  PHE A CE2 1 
ATOM   495 C  CZ  . PHE A 1 55 ? 1.380   12.023  3.835   1.00 42.57 ? 55  PHE A CZ  1 
ATOM   496 N  N   . GLY A 1 56 ? 7.257   7.642   5.468   1.00 30.38 ? 56  GLY A N   1 
ATOM   497 C  CA  . GLY A 1 56 ? 8.054   6.490   5.988   1.00 28.85 ? 56  GLY A CA  1 
ATOM   498 C  C   . GLY A 1 56 ? 7.636   5.172   5.375   1.00 29.01 ? 56  GLY A C   1 
ATOM   499 O  O   . GLY A 1 56 ? 7.720   4.120   6.005   1.00 27.09 ? 56  GLY A O   1 
ATOM   500 N  N   . VAL A 1 57 ? 7.275   5.207   4.101   1.00 25.81 ? 57  VAL A N   1 
ATOM   501 C  CA  . VAL A 1 57 ? 6.925   3.958   3.366   1.00 26.44 ? 57  VAL A CA  1 
ATOM   502 C  C   . VAL A 1 57 ? 8.098   3.201   2.761   1.00 28.43 ? 57  VAL A C   1 
ATOM   503 O  O   . VAL A 1 57 ? 8.943   3.803   2.081   1.00 28.57 ? 57  VAL A O   1 
ATOM   504 C  CB  . VAL A 1 57 ? 5.967   4.333   2.207   1.00 24.82 ? 57  VAL A CB  1 
ATOM   505 C  CG1 . VAL A 1 57 ? 5.568   3.036   1.487   1.00 25.92 ? 57  VAL A CG1 1 
ATOM   506 C  CG2 . VAL A 1 57 ? 4.794   4.991   2.807   1.00 26.07 ? 57  VAL A CG2 1 
ATOM   507 N  N   . ASP A 1 58 ? 8.139   1.858   2.960   1.00 33.54 ? 58  ASP A N   1 
ATOM   508 C  CA  . ASP A 1 58 ? 9.179   1.072   2.407   1.00 34.46 ? 58  ASP A CA  1 
ATOM   509 C  C   . ASP A 1 58 ? 8.768   0.571   1.055   1.00 35.67 ? 58  ASP A C   1 
ATOM   510 O  O   . ASP A 1 58 ? 7.766   -0.098  0.953   1.00 35.16 ? 58  ASP A O   1 
ATOM   511 C  CB  . ASP A 1 58 ? 9.485   -0.126  3.298   1.00 35.25 ? 58  ASP A CB  1 
ATOM   512 C  CG  . ASP A 1 58 ? 10.633  -0.864  2.799   1.00 34.53 ? 58  ASP A CG  1 
ATOM   513 O  OD1 . ASP A 1 58 ? 11.712  -0.236  2.789   1.00 37.91 ? 58  ASP A OD1 1 
ATOM   514 O  OD2 . ASP A 1 58 ? 10.521  -2.054  2.416   1.00 37.87 ? 58  ASP A OD2 1 
ATOM   515 N  N   . PRO A 1 59 ? 9.479   0.963   -0.022  1.00 37.29 ? 59  PRO A N   1 
ATOM   516 C  CA  . PRO A 1 59 ? 8.971   0.487   -1.324  1.00 38.50 ? 59  PRO A CA  1 
ATOM   517 C  C   . PRO A 1 59 ? 8.962   -1.064  -1.476  1.00 38.80 ? 59  PRO A C   1 
ATOM   518 O  O   . PRO A 1 59 ? 8.018   -1.590  -2.083  1.00 40.62 ? 59  PRO A O   1 
ATOM   519 C  CB  . PRO A 1 59 ? 9.909   1.168   -2.352  1.00 39.89 ? 59  PRO A CB  1 
ATOM   520 C  CG  . PRO A 1 59 ? 11.072  1.566   -1.628  1.00 40.10 ? 59  PRO A CG  1 
ATOM   521 C  CD  . PRO A 1 59 ? 10.679  1.795   -0.176  1.00 39.21 ? 59  PRO A CD  1 
ATOM   522 N  N   . GLU A 1 60 ? 9.890   -1.760  -0.842  1.00 38.92 ? 60  GLU A N   1 
ATOM   523 C  CA  . GLU A 1 60 ? 9.928   -3.226  -0.922  1.00 38.81 ? 60  GLU A CA  1 
ATOM   524 C  C   . GLU A 1 60 ? 8.713   -3.858  -0.245  1.00 39.15 ? 60  GLU A C   1 
ATOM   525 O  O   . GLU A 1 60 ? 8.067   -4.757  -0.804  1.00 38.58 ? 60  GLU A O   1 
ATOM   526 C  CB  . GLU A 1 60 ? 11.238  -3.757  -0.387  1.00 39.72 ? 60  GLU A CB  1 
ATOM   527 C  CG  . GLU A 1 60 ? 12.339  -3.715  -1.434  1.00 45.19 ? 60  GLU A CG  1 
ATOM   528 C  CD  . GLU A 1 60 ? 13.655  -4.237  -0.886  1.00 51.02 ? 60  GLU A CD  1 
ATOM   529 O  OE1 . GLU A 1 60 ? 14.300  -5.102  -1.539  1.00 55.43 ? 60  GLU A OE1 1 
ATOM   530 O  OE2 . GLU A 1 60 ? 14.037  -3.796  0.223   1.00 56.17 ? 60  GLU A OE2 1 
ATOM   531 N  N   . LEU A 1 61 ? 8.396   -3.406  0.968   1.00 37.15 ? 61  LEU A N   1 
ATOM   532 C  CA  A LEU A 1 61 ? 7.211   -3.921  1.657   0.50 36.85 ? 61  LEU A CA  1 
ATOM   533 C  CA  B LEU A 1 61 ? 7.233   -3.906  1.670   0.50 38.10 ? 61  LEU A CA  1 
ATOM   534 C  C   . LEU A 1 61 ? 5.965   -3.575  0.909   1.00 37.55 ? 61  LEU A C   1 
ATOM   535 O  O   . LEU A 1 61 ? 5.006   -4.365  0.902   1.00 38.97 ? 61  LEU A O   1 
ATOM   536 C  CB  A LEU A 1 61 ? 7.051   -3.366  3.067   0.50 37.41 ? 61  LEU A CB  1 
ATOM   537 C  CB  B LEU A 1 61 ? 7.181   -3.304  3.073   0.50 39.15 ? 61  LEU A CB  1 
ATOM   538 C  CG  A LEU A 1 61 ? 7.986   -3.767  4.190   0.50 32.41 ? 61  LEU A CG  1 
ATOM   539 C  CG  B LEU A 1 61 ? 6.730   -4.142  4.261   0.50 40.65 ? 61  LEU A CG  1 
ATOM   540 C  CD1 A LEU A 1 61 ? 7.668   -2.767  5.295   0.50 34.06 ? 61  LEU A CD1 1 
ATOM   541 C  CD1 B LEU A 1 61 ? 7.116   -5.599  4.139   0.50 38.35 ? 61  LEU A CD1 1 
ATOM   542 C  CD2 A LEU A 1 61 ? 7.771   -5.211  4.685   0.50 35.76 ? 61  LEU A CD2 1 
ATOM   543 C  CD2 B LEU A 1 61 ? 7.359   -3.531  5.497   0.50 41.04 ? 61  LEU A CD2 1 
ATOM   544 N  N   . ALA A 1 62 ? 5.931   -2.382  0.297   1.00 37.00 ? 62  ALA A N   1 
ATOM   545 C  CA  . ALA A 1 62 ? 4.733   -1.965  -0.432  1.00 38.44 ? 62  ALA A CA  1 
ATOM   546 C  C   . ALA A 1 62 ? 4.543   -2.934  -1.596  1.00 39.48 ? 62  ALA A C   1 
ATOM   547 O  O   . ALA A 1 62 ? 3.434   -3.452  -1.803  1.00 39.20 ? 62  ALA A O   1 
ATOM   548 C  CB  . ALA A 1 62 ? 4.887   -0.524  -0.899  1.00 36.88 ? 62  ALA A CB  1 
ATOM   549 N  N   . SER A 1 63 ? 5.654   -3.226  -2.300  1.00 40.83 ? 63  SER A N   1 
ATOM   550 C  CA  A SER A 1 63 ? 5.648   -4.162  -3.430  0.50 41.17 ? 63  SER A CA  1 
ATOM   551 C  CA  B SER A 1 63 ? 5.563   -4.131  -3.434  0.50 41.30 ? 63  SER A CA  1 
ATOM   552 C  C   . SER A 1 63 ? 5.094   -5.519  -2.985  1.00 41.25 ? 63  SER A C   1 
ATOM   553 O  O   . SER A 1 63 ? 4.398   -6.200  -3.720  1.00 44.49 ? 63  SER A O   1 
ATOM   554 C  CB  A SER A 1 63 ? 7.072   -4.313  -3.979  0.50 40.85 ? 63  SER A CB  1 
ATOM   555 C  CB  B SER A 1 63 ? 6.883   -4.187  -4.187  0.50 41.16 ? 63  SER A CB  1 
ATOM   556 O  OG  A SER A 1 63 ? 7.180   -5.363  -4.924  0.50 41.67 ? 63  SER A OG  1 
ATOM   557 O  OG  B SER A 1 63 ? 6.636   -4.138  -5.576  0.50 42.38 ? 63  SER A OG  1 
ATOM   558 N  N   . ALA A 1 64 ? 5.405   -5.899  -1.761  1.00 39.17 ? 64  ALA A N   1 
ATOM   559 C  CA  . ALA A 1 64 ? 5.068   -7.217  -1.210  1.00 38.41 ? 64  ALA A CA  1 
ATOM   560 C  C   . ALA A 1 64 ? 3.654   -7.360  -0.650  1.00 37.71 ? 64  ALA A C   1 
ATOM   561 O  O   . ALA A 1 64 ? 3.231   -8.452  -0.290  1.00 37.65 ? 64  ALA A O   1 
ATOM   562 C  CB  . ALA A 1 64 ? 6.060   -7.561  -0.076  1.00 38.91 ? 64  ALA A CB  1 
ATOM   563 N  N   A LEU A 1 65 ? 2.939   -6.246  -0.543  0.50 36.34 ? 65  LEU A N   1 
ATOM   564 N  N   B LEU A 1 65 ? 2.956   -6.225  -0.573  0.50 36.49 ? 65  LEU A N   1 
ATOM   565 C  CA  A LEU A 1 65 ? 1.703   -6.256  0.230   0.50 36.20 ? 65  LEU A CA  1 
ATOM   566 C  CA  B LEU A 1 65 ? 1.715   -6.131  0.188   0.50 36.58 ? 65  LEU A CA  1 
ATOM   567 C  C   A LEU A 1 65 ? 0.578   -7.068  -0.425  0.50 36.03 ? 65  LEU A C   1 
ATOM   568 C  C   B LEU A 1 65 ? 0.566   -6.947  -0.406  0.50 36.04 ? 65  LEU A C   1 
ATOM   569 O  O   A LEU A 1 65 ? -0.037  -7.920  0.224   0.50 34.76 ? 65  LEU A O   1 
ATOM   570 O  O   B LEU A 1 65 ? -0.110  -7.655  0.321   0.50 34.04 ? 65  LEU A O   1 
ATOM   571 C  CB  A LEU A 1 65 ? 1.284   -4.833  0.573   0.50 36.24 ? 65  LEU A CB  1 
ATOM   572 C  CB  B LEU A 1 65 ? 1.341   -4.661  0.414   0.50 36.96 ? 65  LEU A CB  1 
ATOM   573 C  CG  A LEU A 1 65 ? 0.064   -4.722  1.479   0.50 34.83 ? 65  LEU A CG  1 
ATOM   574 C  CG  B LEU A 1 65 ? 0.104   -4.382  1.272   0.50 37.03 ? 65  LEU A CG  1 
ATOM   575 C  CD1 A LEU A 1 65 ? 0.194   -5.535  2.706   0.50 33.63 ? 65  LEU A CD1 1 
ATOM   576 C  CD1 B LEU A 1 65 ? 0.309   -4.786  2.700   0.50 39.12 ? 65  LEU A CD1 1 
ATOM   577 C  CD2 A LEU A 1 65 ? -0.184  -3.286  1.838   0.50 37.19 ? 65  LEU A CD2 1 
ATOM   578 C  CD2 B LEU A 1 65 ? -0.317  -2.922  1.164   0.50 36.52 ? 65  LEU A CD2 1 
ATOM   579 N  N   . PRO A 1 66 ? 0.344   -6.860  -1.734  1.00 37.04 ? 66  PRO A N   1 
ATOM   580 C  CA  . PRO A 1 66 ? -0.660  -7.777  -2.325  1.00 37.67 ? 66  PRO A CA  1 
ATOM   581 C  C   . PRO A 1 66 ? -0.467  -9.247  -2.040  1.00 37.86 ? 66  PRO A C   1 
ATOM   582 O  O   . PRO A 1 66 ? -1.463  -9.919  -1.647  1.00 35.81 ? 66  PRO A O   1 
ATOM   583 C  CB  . PRO A 1 66 ? -0.626  -7.408  -3.851  1.00 36.79 ? 66  PRO A CB  1 
ATOM   584 C  CG  . PRO A 1 66 ? -0.204  -5.960  -3.850  1.00 37.85 ? 66  PRO A CG  1 
ATOM   585 C  CD  . PRO A 1 66 ? 0.896   -5.935  -2.741  1.00 38.86 ? 66  PRO A CD  1 
ATOM   586 N  N   . LYS A 1 67 ? 0.757   -9.824  -2.202  1.00 37.23 ? 67  LYS A N   1 
ATOM   587 C  CA  . LYS A 1 67 ? 1.033   -11.226 -1.857  1.00 39.80 ? 67  LYS A CA  1 
ATOM   588 C  C   . LYS A 1 67 ? 0.717   -11.464 -0.401  1.00 36.97 ? 67  LYS A C   1 
ATOM   589 O  O   . LYS A 1 67 ? 0.049   -12.421 -0.089  1.00 37.00 ? 67  LYS A O   1 
ATOM   590 C  CB  . LYS A 1 67 ? 2.504   -11.682 -2.187  1.00 39.04 ? 67  LYS A CB  1 
ATOM   591 C  CG  . LYS A 1 67 ? 2.897   -13.170 -1.876  1.00 46.65 ? 67  LYS A CG  1 
ATOM   592 C  CD  . LYS A 1 67 ? 4.452   -13.346 -1.812  1.00 45.67 ? 67  LYS A CD  1 
ATOM   593 C  CE  . LYS A 1 67 ? 4.907   -14.765 -1.531  1.00 51.00 ? 67  LYS A CE  1 
ATOM   594 N  NZ  . LYS A 1 67 ? 5.214   -15.435 -2.860  1.00 49.97 ? 67  LYS A NZ  1 
ATOM   595 N  N   . GLN A 1 68 ? 1.095   -10.524 0.481   1.00 36.58 ? 68  GLN A N   1 
ATOM   596 C  CA  . GLN A 1 68 ? 0.790   -10.710 1.933   1.00 37.28 ? 68  GLN A CA  1 
ATOM   597 C  C   . GLN A 1 68 ? -0.694  -10.823 2.176   1.00 37.13 ? 68  GLN A C   1 
ATOM   598 O  O   . GLN A 1 68 ? -1.132  -11.558 3.044   1.00 39.28 ? 68  GLN A O   1 
ATOM   599 C  CB  . GLN A 1 68 ? 1.308   -9.558  2.800   1.00 37.94 ? 68  GLN A CB  1 
ATOM   600 C  CG  . GLN A 1 68 ? 2.711   -9.706  3.242   1.00 39.72 ? 68  GLN A CG  1 
ATOM   601 C  CD  . GLN A 1 68 ? 2.915   -8.951  4.567   1.00 40.45 ? 68  GLN A CD  1 
ATOM   602 O  OE1 . GLN A 1 68 ? 3.222   -7.764  4.588   1.00 40.22 ? 68  GLN A OE1 1 
ATOM   603 N  NE2 . GLN A 1 68 ? 2.651   -9.655  5.680   1.00 37.51 ? 68  GLN A NE2 1 
ATOM   604 N  N   . CYS A 1 69 ? -1.466  -10.143 1.357   1.00 37.21 ? 69  CYS A N   1 
ATOM   605 C  CA  . CYS A 1 69 ? -2.908  -10.124 1.466   1.00 37.77 ? 69  CYS A CA  1 
ATOM   606 C  C   . CYS A 1 69 ? -3.571  -11.295 0.756   1.00 40.58 ? 69  CYS A C   1 
ATOM   607 O  O   . CYS A 1 69 ? -4.794  -11.409 0.787   1.00 42.96 ? 69  CYS A O   1 
ATOM   608 C  CB  . CYS A 1 69 ? -3.436  -8.782  0.951   1.00 37.67 ? 69  CYS A CB  1 
ATOM   609 S  SG  . CYS A 1 69 ? -3.234  -7.345  2.068   1.00 35.58 ? 69  CYS A SG  1 
ATOM   610 N  N   . GLY A 1 70 ? -2.774  -12.154 0.132   1.00 40.07 ? 70  GLY A N   1 
ATOM   611 C  CA  . GLY A 1 70 ? -3.345  -13.338 -0.505  1.00 41.35 ? 70  GLY A CA  1 
ATOM   612 C  C   . GLY A 1 70 ? -4.000  -13.017 -1.836  1.00 41.94 ? 70  GLY A C   1 
ATOM   613 O  O   . GLY A 1 70 ? -4.789  -13.817 -2.366  1.00 42.69 ? 70  GLY A O   1 
ATOM   614 N  N   . LEU A 1 71 ? -3.673  -11.857 -2.399  1.00 41.84 ? 71  LEU A N   1 
ATOM   615 C  CA  . LEU A 1 71 ? -4.172  -11.518 -3.695  1.00 42.88 ? 71  LEU A CA  1 
ATOM   616 C  C   . LEU A 1 71 ? -3.398  -12.388 -4.679  1.00 44.84 ? 71  LEU A C   1 
ATOM   617 O  O   . LEU A 1 71 ? -2.300  -12.870 -4.342  1.00 44.56 ? 71  LEU A O   1 
ATOM   618 C  CB  . LEU A 1 71 ? -4.059  -10.006 -3.955  1.00 42.40 ? 71  LEU A CB  1 
ATOM   619 C  CG  . LEU A 1 71 ? -4.964  -9.272  -2.940  1.00 40.46 ? 71  LEU A CG  1 
ATOM   620 C  CD1 . LEU A 1 71 ? -4.848  -7.727  -2.961  1.00 38.05 ? 71  LEU A CD1 1 
ATOM   621 C  CD2 . LEU A 1 71 ? -6.411  -9.671  -3.159  1.00 43.21 ? 71  LEU A CD2 1 
ATOM   622 N  N   . ALA A 1 72 ? -3.982  -12.615 -5.863  1.00 47.27 ? 72  ALA A N   1 
ATOM   623 C  CA  . ALA A 1 72 ? -3.384  -13.505 -6.888  1.00 48.85 ? 72  ALA A CA  1 
ATOM   624 C  C   . ALA A 1 72 ? -2.482  -12.690 -7.780  1.00 49.48 ? 72  ALA A C   1 
ATOM   625 O  O   . ALA A 1 72 ? -1.473  -13.186 -8.290  1.00 49.85 ? 72  ALA A O   1 
ATOM   626 C  CB  . ALA A 1 72 ? -4.459  -14.220 -7.717  1.00 49.07 ? 72  ALA A CB  1 
ATOM   627 N  N   . ASN A 1 73 ? -2.852  -11.419 -7.948  1.00 50.33 ? 73  ASN A N   1 
ATOM   628 C  CA  A ASN A 1 73 ? -1.947  -10.549 -8.674  0.50 50.16 ? 73  ASN A CA  1 
ATOM   629 C  CA  B ASN A 1 73 ? -2.075  -10.411 -8.682  0.50 50.69 ? 73  ASN A CA  1 
ATOM   630 C  C   . ASN A 1 73 ? -1.060  -9.711  -7.788  1.00 50.78 ? 73  ASN A C   1 
ATOM   631 O  O   . ASN A 1 73 ? -1.330  -9.509  -6.591  1.00 51.13 ? 73  ASN A O   1 
ATOM   632 C  CB  A ASN A 1 73 ? -2.628  -9.771  -9.789  0.50 50.04 ? 73  ASN A CB  1 
ATOM   633 C  CB  B ASN A 1 73 ? -2.997  -9.366  -9.313  0.50 51.11 ? 73  ASN A CB  1 
ATOM   634 C  CG  A ASN A 1 73 ? -3.080  -10.681 -10.906 0.50 48.91 ? 73  ASN A CG  1 
ATOM   635 C  CG  B ASN A 1 73 ? -4.292  -9.150  -8.521  0.50 52.39 ? 73  ASN A CG  1 
ATOM   636 O  OD1 A ASN A 1 73 ? -3.941  -11.540 -10.698 0.50 48.20 ? 73  ASN A OD1 1 
ATOM   637 O  OD1 B ASN A 1 73 ? -4.269  -8.796  -7.337  0.50 55.15 ? 73  ASN A OD1 1 
ATOM   638 N  ND2 A ASN A 1 73 ? -2.497  -10.518 -12.091 0.50 48.46 ? 73  ASN A ND2 1 
ATOM   639 N  ND2 B ASN A 1 73 ? -5.429  -9.353  -9.186  0.50 52.72 ? 73  ASN A ND2 1 
ATOM   640 N  N   . ALA A 1 74 ? 0.064   -9.330  -8.364  1.00 50.32 ? 74  ALA A N   1 
ATOM   641 C  CA  . ALA A 1 74 ? 1.106   -8.720  -7.592  1.00 50.73 ? 74  ALA A CA  1 
ATOM   642 C  C   . ALA A 1 74 ? 1.724   -7.617  -8.416  1.00 50.02 ? 74  ALA A C   1 
ATOM   643 O  O   . ALA A 1 74 ? 1.734   -7.690  -9.654  1.00 50.60 ? 74  ALA A O   1 
ATOM   644 C  CB  . ALA A 1 74 ? 2.131   -9.769  -7.206  1.00 50.76 ? 74  ALA A CB  1 
ATOM   645 N  N   . PRO A 1 75 ? 2.235   -6.575  -7.740  1.00 49.82 ? 75  PRO A N   1 
ATOM   646 C  CA  . PRO A 1 75 ? 2.701   -5.349  -8.394  1.00 49.74 ? 75  PRO A CA  1 
ATOM   647 C  C   . PRO A 1 75 ? 4.070   -5.459  -9.072  1.00 49.63 ? 75  PRO A C   1 
ATOM   648 O  O   . PRO A 1 75 ? 5.101   -5.644  -8.397  1.00 51.03 ? 75  PRO A O   1 
ATOM   649 C  CB  . PRO A 1 75 ? 2.802   -4.367  -7.241  1.00 49.32 ? 75  PRO A CB  1 
ATOM   650 C  CG  . PRO A 1 75 ? 3.146   -5.182  -6.103  1.00 50.38 ? 75  PRO A CG  1 
ATOM   651 C  CD  . PRO A 1 75 ? 2.411   -6.504  -6.284  1.00 48.94 ? 75  PRO A CD  1 
ATOM   652 N  N   . THR A 1 76 ? 4.066   -5.273  -10.386 1.00 48.24 ? 76  THR A N   1 
ATOM   653 C  CA  . THR A 1 76 ? 5.246   -5.448  -11.229 1.00 48.32 ? 76  THR A CA  1 
ATOM   654 C  C   . THR A 1 76 ? 6.399   -4.438  -10.923 1.00 47.88 ? 76  THR A C   1 
ATOM   655 O  O   . THR A 1 76 ? 7.237   -4.147  -11.781 1.00 48.10 ? 76  THR A O   1 
ATOM   656 C  CB  . THR A 1 76 ? 4.843   -5.292  -12.702 1.00 47.71 ? 76  THR A CB  1 
ATOM   657 O  OG1 . THR A 1 76 ? 4.775   -3.896  -13.032 1.00 47.64 ? 76  THR A OG1 1 
ATOM   658 C  CG2 . THR A 1 76 ? 3.469   -5.950  -12.972 1.00 48.37 ? 76  THR A CG2 1 
ATOM   659 N  N   . CYS A 1 77 ? 6.428   -3.896  -9.717  0.50 47.45 ? 77  CYS A N   1 
ATOM   660 C  CA  . CYS A 1 77 ? 7.465   -2.941  -9.386  0.50 46.85 ? 77  CYS A CA  1 
ATOM   661 C  C   . CYS A 1 77 ? 8.154   -3.327  -8.098  0.50 47.12 ? 77  CYS A C   1 
ATOM   662 O  O   . CYS A 1 77 ? 7.611   -4.139  -7.337  0.50 47.10 ? 77  CYS A O   1 
ATOM   663 C  CB  . CYS A 1 77 ? 6.904   -1.514  -9.321  1.00 47.09 ? 77  CYS A CB  1 
ATOM   664 S  SG  . CYS A 1 77 ? 5.631   -1.244  -8.110  1.00 43.57 ? 77  CYS A SG  1 
ATOM   665 O  OXT . CYS A 1 77 ? 9.254   -2.842  -7.820  0.50 46.62 ? 77  CYS A OXT 1 
HETATM 666 ZN ZN  . ZN  B 2 .  ? -11.705 15.781  -1.379  0.70 33.07 ? 201 ZN  A ZN  1 
HETATM 667 ZN ZN  . ZN  C 2 .  ? -12.599 0.158   -0.474  0.65 21.14 ? 202 ZN  A ZN  1 
HETATM 668 ZN ZN  . ZN  D 2 .  ? -11.857 2.090   -1.558  0.35 22.27 ? 203 ZN  A ZN  1 
HETATM 669 C  C1  . LP3 E 3 .  ? -5.270  11.097  8.394   1.00 88.83 ? 101 LP3 A C1  1 
HETATM 670 C  C2  . LP3 E 3 .  ? -4.727  12.163  7.520   1.00 85.11 ? 101 LP3 A C2  1 
HETATM 671 C  C3  . LP3 E 3 .  ? -4.439  11.621  6.167   1.00 80.25 ? 101 LP3 A C3  1 
HETATM 672 C  C4  . LP3 E 3 .  ? -5.386  10.997  13.095  1.00 97.39 ? 101 LP3 A C4  1 
HETATM 673 C  C11 . LP3 E 3 .  ? -2.597  11.040  5.091   1.00 69.55 ? 101 LP3 A C11 1 
HETATM 674 C  C12 . LP3 E 3 .  ? -2.663  10.163  3.853   1.00 63.39 ? 101 LP3 A C12 1 
HETATM 675 C  C13 . LP3 E 3 .  ? -2.079  8.771   4.085   1.00 55.57 ? 101 LP3 A C13 1 
HETATM 676 C  C14 . LP3 E 3 .  ? -0.872  8.503   3.189   1.00 49.69 ? 101 LP3 A C14 1 
HETATM 677 C  C15 . LP3 E 3 .  ? -0.234  7.260   3.767   1.00 43.70 ? 101 LP3 A C15 1 
HETATM 678 C  C16 . LP3 E 3 .  ? 0.716   6.547   2.838   1.00 41.29 ? 101 LP3 A C16 1 
HETATM 679 C  C17 . LP3 E 3 .  ? 0.415   5.059   2.945   1.00 39.81 ? 101 LP3 A C17 1 
HETATM 680 C  C18 . LP3 E 3 .  ? 0.845   4.325   1.698   1.00 34.76 ? 101 LP3 A C18 1 
HETATM 681 C  C19 . LP3 E 3 .  ? 0.071   3.018   1.616   1.00 34.57 ? 101 LP3 A C19 1 
HETATM 682 C  C20 . LP3 E 3 .  ? 0.389   2.255   0.369   1.00 34.91 ? 101 LP3 A C20 1 
HETATM 683 C  C21 . LP3 E 3 .  ? -0.842  1.395   0.255   1.00 34.37 ? 101 LP3 A C21 1 
HETATM 684 C  C22 . LP3 E 3 .  ? -0.583  0.101   -0.471  1.00 35.90 ? 101 LP3 A C22 1 
HETATM 685 C  C23 . LP3 E 3 .  ? 0.489   0.120   -1.527  1.00 33.69 ? 101 LP3 A C23 1 
HETATM 686 C  C24 . LP3 E 3 .  ? 0.311   -1.170  -2.290  1.00 37.45 ? 101 LP3 A C24 1 
HETATM 687 C  C25 . LP3 E 3 .  ? 1.339   -1.247  -3.370  1.00 38.87 ? 101 LP3 A C25 1 
HETATM 688 C  C26 . LP3 E 3 .  ? 0.697   -2.010  -4.500  1.00 41.17 ? 101 LP3 A C26 1 
HETATM 689 C  C27 . LP3 E 3 .  ? 1.733   -2.554  -5.436  1.00 41.90 ? 101 LP3 A C27 1 
HETATM 690 C  C28 . LP3 E 3 .  ? 2.301   -1.461  -6.319  1.00 45.46 ? 101 LP3 A C28 1 
HETATM 691 O  O2  . LP3 E 3 .  ? -5.628  13.136  7.413   1.00 85.71 ? 101 LP3 A O2  1 
HETATM 692 O  O3  . LP3 E 3 .  ? -3.377  10.845  6.138   1.00 74.47 ? 101 LP3 A O3  1 
HETATM 693 O  O11 . LP3 E 3 .  ? -1.785  11.947  5.118   1.00 71.29 ? 101 LP3 A O11 1 
HETATM 694 O  O1P . LP3 E 3 .  ? -5.634  9.178   10.899  1.00 96.96 ? 101 LP3 A O1P 1 
HETATM 695 O  O2P . LP3 E 3 .  ? -7.386  10.721  10.025  1.00 96.98 ? 101 LP3 A O2P 1 
HETATM 696 O  O3P . LP3 E 3 .  ? -4.939  11.243  9.689   1.00 93.56 ? 101 LP3 A O3P 1 
HETATM 697 O  O4P . LP3 E 3 .  ? -5.980  11.537  11.917  1.00 97.19 ? 101 LP3 A O4P 1 
HETATM 698 P  P   . LP3 E 3 .  ? -5.986  10.655  10.648  1.00 97.05 ? 101 LP3 A P   1 
HETATM 699 C  C1  . LP3 F 3 .  ? -2.937  16.164  2.773   1.00 72.22 ? 102 LP3 A C1  1 
HETATM 700 C  C2  . LP3 F 3 .  ? -2.020  15.003  2.628   1.00 68.02 ? 102 LP3 A C2  1 
HETATM 701 C  C3  . LP3 F 3 .  ? -2.528  14.059  1.591   1.00 64.06 ? 102 LP3 A C3  1 
HETATM 702 C  C4  . LP3 F 3 .  ? -6.787  16.045  2.227   1.00 76.60 ? 102 LP3 A C4  1 
HETATM 703 C  C11 . LP3 F 3 .  ? -1.747  12.417  0.333   1.00 55.60 ? 102 LP3 A C11 1 
HETATM 704 C  C12 . LP3 F 3 .  ? -0.527  11.539  0.253   1.00 51.41 ? 102 LP3 A C12 1 
HETATM 705 C  C13 . LP3 F 3 .  ? -0.798  10.238  -0.497  1.00 46.99 ? 102 LP3 A C13 1 
HETATM 706 C  C14 . LP3 F 3 .  ? 0.376   9.291   -0.238  1.00 43.66 ? 102 LP3 A C14 1 
HETATM 707 C  C15 . LP3 F 3 .  ? 0.586   8.418   -1.455  1.00 42.56 ? 102 LP3 A C15 1 
HETATM 708 C  C16 . LP3 F 3 .  ? 1.575   7.291   -1.260  1.00 39.94 ? 102 LP3 A C16 1 
HETATM 709 C  C17 . LP3 F 3 .  ? 1.265   6.154   -2.234  1.00 42.95 ? 102 LP3 A C17 1 
HETATM 710 C  C18 . LP3 F 3 .  ? 2.442   5.193   -2.344  1.00 42.30 ? 102 LP3 A C18 1 
HETATM 711 C  C19 . LP3 F 3 .  ? 2.127   3.784   -2.840  1.00 41.35 ? 102 LP3 A C19 1 
HETATM 712 C  C20 . LP3 F 3 .  ? 3.377   3.442   -3.649  1.00 38.22 ? 102 LP3 A C20 1 
HETATM 713 C  C21 . LP3 F 3 .  ? 3.845   2.012   -3.601  1.00 34.10 ? 102 LP3 A C21 1 
HETATM 714 C  C22 . LP3 F 3 .  ? 5.239   1.875   -4.213  1.00 36.39 ? 102 LP3 A C22 1 
HETATM 715 C  C23 . LP3 F 3 .  ? 5.690   0.443   -4.587  1.00 40.97 ? 102 LP3 A C23 1 
HETATM 716 C  C24 . LP3 F 3 .  ? 7.177   0.417   -4.978  1.00 46.62 ? 102 LP3 A C24 1 
HETATM 717 C  C25 . LP3 F 3 .  ? 7.755   -0.982  -5.254  1.00 49.92 ? 102 LP3 A C25 1 
HETATM 718 C  C26 . LP3 F 3 .  ? 9.297   -1.064  -5.264  1.00 51.21 ? 102 LP3 A C26 1 
HETATM 719 C  C27 . LP3 F 3 .  ? 9.908   -2.452  -4.948  1.00 52.93 ? 102 LP3 A C27 1 
HETATM 720 C  C28 . LP3 F 3 .  ? 11.379  -2.471  -4.523  1.00 48.83 ? 102 LP3 A C28 1 
HETATM 721 O  O2  . LP3 F 3 .  ? -0.765  15.399  2.438   1.00 66.21 ? 102 LP3 A O2  1 
HETATM 722 O  O3  . LP3 F 3 .  ? -1.618  13.663  0.731   1.00 60.03 ? 102 LP3 A O3  1 
HETATM 723 O  O11 . LP3 F 3 .  ? -2.822  11.961  0.000   1.00 58.87 ? 102 LP3 A O11 1 
HETATM 724 O  O1P . LP3 F 3 .  ? -5.236  17.819  4.780   1.00 77.51 ? 102 LP3 A O1P 1 
HETATM 725 O  O2P . LP3 F 3 .  ? -5.776  15.424  4.756   1.00 79.62 ? 102 LP3 A O2P 1 
HETATM 726 O  O3P . LP3 F 3 .  ? -3.555  16.160  3.974   1.00 76.90 ? 102 LP3 A O3P 1 
HETATM 727 O  O4P . LP3 F 3 .  ? -5.564  16.691  2.527   1.00 77.74 ? 102 LP3 A O4P 1 
HETATM 728 P  P   . LP3 F 3 .  ? -5.053  16.529  3.972   1.00 79.44 ? 102 LP3 A P   1 
HETATM 729 O  O   . HOH G 4 .  ? -1.059  -3.346  9.877   1.00 25.17 ? 301 HOH A O   1 
HETATM 730 O  O   . HOH G 4 .  ? -2.558  -2.672  7.616   1.00 21.90 ? 302 HOH A O   1 
HETATM 731 O  O   . HOH G 4 .  ? 4.608   12.251  -6.090  1.00 24.39 ? 303 HOH A O   1 
HETATM 732 O  O   . HOH G 4 .  ? -4.295  -3.749  -10.262 1.00 29.04 ? 304 HOH A O   1 
HETATM 733 O  O   . HOH G 4 .  ? -12.348 3.855   -1.730  0.35 15.14 ? 305 HOH A O   1 
HETATM 734 O  O   . HOH G 4 .  ? -0.574  -1.893  13.233  1.00 38.08 ? 306 HOH A O   1 
HETATM 735 O  O   . HOH G 4 .  ? -6.658  -4.948  -7.204  1.00 34.00 ? 307 HOH A O   1 
HETATM 736 O  O   . HOH G 4 .  ? -7.617  -7.093  10.677  1.00 35.60 ? 308 HOH A O   1 
HETATM 737 O  O   . HOH G 4 .  ? -2.838  -9.428  9.726   1.00 32.36 ? 309 HOH A O   1 
HETATM 738 O  O   . HOH G 4 .  ? 0.660   6.566   -11.302 1.00 30.27 ? 310 HOH A O   1 
HETATM 739 O  O   . HOH G 4 .  ? -8.270  -1.003  11.109  1.00 43.03 ? 311 HOH A O   1 
HETATM 740 O  O   . HOH G 4 .  ? 7.492   7.460   -9.124  1.00 33.92 ? 312 HOH A O   1 
HETATM 741 O  O   . HOH G 4 .  ? -1.182  -4.684  14.364  1.00 44.35 ? 313 HOH A O   1 
HETATM 742 O  O   . HOH G 4 .  ? 3.036   9.529   -9.819  1.00 37.72 ? 314 HOH A O   1 
HETATM 743 O  O   . HOH G 4 .  ? 8.459   4.172   8.812   1.00 27.75 ? 315 HOH A O   1 
HETATM 744 O  O   . HOH G 4 .  ? 4.859   5.115   8.223   1.00 34.07 ? 316 HOH A O   1 
HETATM 745 O  O   . HOH G 4 .  ? 3.546   -5.702  6.574   1.00 29.83 ? 317 HOH A O   1 
HETATM 746 O  O   . HOH G 4 .  ? 11.086  5.538   1.669   1.00 37.20 ? 318 HOH A O   1 
HETATM 747 O  O   . HOH G 4 .  ? -10.024 10.189  0.426   1.00 32.44 ? 319 HOH A O   1 
HETATM 748 O  O   . HOH G 4 .  ? 6.698   15.051  0.201   1.00 40.61 ? 320 HOH A O   1 
HETATM 749 O  O   . HOH G 4 .  ? 10.812  9.176   -1.111  1.00 39.60 ? 321 HOH A O   1 
HETATM 750 O  O   . HOH G 4 .  ? -2.298  4.284   9.912   1.00 43.92 ? 322 HOH A O   1 
HETATM 751 O  O   . HOH G 4 .  ? -0.128  -4.421  -12.252 1.00 37.04 ? 323 HOH A O   1 
HETATM 752 O  O   . HOH G 4 .  ? 3.624   -0.102  11.607  1.00 32.58 ? 324 HOH A O   1 
HETATM 753 O  O   . HOH G 4 .  ? -8.557  -4.194  -8.874  1.00 37.48 ? 325 HOH A O   1 
HETATM 754 O  O   . HOH G 4 .  ? -10.687 8.781   2.967   1.00 40.26 ? 326 HOH A O   1 
HETATM 755 O  O   . HOH G 4 .  ? -11.390 -1.736  3.274   1.00 37.79 ? 327 HOH A O   1 
HETATM 756 O  O   . HOH G 4 .  ? -7.810  4.966   8.662   1.00 44.77 ? 328 HOH A O   1 
HETATM 757 O  O   . HOH G 4 .  ? 2.850   -2.992  -14.274 1.00 39.14 ? 329 HOH A O   1 
HETATM 758 O  O   . HOH G 4 .  ? 0.914   -13.120 -6.037  1.00 44.11 ? 330 HOH A O   1 
HETATM 759 O  O   . HOH G 4 .  ? -2.523  -2.809  -12.409 1.00 35.17 ? 331 HOH A O   1 
HETATM 760 O  O   . HOH G 4 .  ? 9.225   -6.763  -2.192  1.00 43.87 ? 332 HOH A O   1 
HETATM 761 O  O   . HOH G 4 .  ? 12.872  -1.236  0.139   1.00 39.54 ? 333 HOH A O   1 
HETATM 762 O  O   . HOH G 4 .  ? -12.138 8.261   -2.342  1.00 36.97 ? 334 HOH A O   1 
HETATM 763 O  O   . HOH G 4 .  ? 3.659   -5.332  3.189   1.00 39.78 ? 335 HOH A O   1 
HETATM 764 O  O   . HOH G 4 .  ? 2.776   -8.501  -4.026  1.00 33.11 ? 336 HOH A O   1 
HETATM 765 O  O   . HOH G 4 .  ? 6.418   1.714   16.141  1.00 45.60 ? 337 HOH A O   1 
HETATM 766 O  O   . HOH G 4 .  ? 10.509  12.966  1.010   1.00 44.40 ? 338 HOH A O   1 
HETATM 767 O  O   . HOH G 4 .  ? -12.549 5.011   2.861   1.00 35.79 ? 339 HOH A O   1 
HETATM 768 O  O   . HOH G 4 .  ? 13.905  3.779   -6.839  1.00 49.55 ? 340 HOH A O   1 
HETATM 769 O  O   . HOH G 4 .  ? -9.559  -7.748  -7.234  1.00 41.48 ? 341 HOH A O   1 
HETATM 770 O  O   . HOH G 4 .  ? 11.459  6.774   15.286  1.00 44.70 ? 342 HOH A O   1 
HETATM 771 O  O   . HOH G 4 .  ? -1.013  9.428   7.971   1.00 49.98 ? 343 HOH A O   1 
HETATM 772 O  O   . HOH G 4 .  ? 3.722   2.542   11.525  1.00 39.92 ? 344 HOH A O   1 
HETATM 773 O  O   . HOH G 4 .  ? -0.103  -6.950  -11.343 1.00 41.76 ? 345 HOH A O   1 
HETATM 774 O  O   . HOH G 4 .  ? -7.390  8.211   7.603   1.00 44.88 ? 346 HOH A O   1 
HETATM 775 O  O   . HOH G 4 .  ? -3.909  2.541   10.660  1.00 42.84 ? 347 HOH A O   1 
HETATM 776 O  O   . HOH G 4 .  ? -13.230 7.303   3.479   1.00 45.22 ? 348 HOH A O   1 
HETATM 777 O  O   . HOH G 4 .  ? 8.410   4.815   14.643  1.00 62.12 ? 349 HOH A O   1 
HETATM 778 O  O   . HOH G 4 .  ? 6.202   3.027   12.325  1.00 40.02 ? 350 HOH A O   1 
HETATM 779 O  O   . HOH G 4 .  ? 1.739   3.802   10.616  1.00 41.29 ? 351 HOH A O   1 
HETATM 780 O  O   . HOH G 4 .  ? -3.019  -2.201  11.404  1.00 28.33 ? 352 HOH A O   1 
HETATM 781 O  O   . HOH G 4 .  ? -11.391 -3.350  -9.132  1.00 43.39 ? 353 HOH A O   1 
HETATM 782 O  O   . HOH G 4 .  ? 4.491   10.489  -8.316  1.00 40.06 ? 354 HOH A O   1 
HETATM 783 O  O   . HOH G 4 .  ? -1.098  7.282   -13.102 1.00 38.52 ? 355 HOH A O   1 
HETATM 784 O  O   . HOH G 4 .  ? 8.132   8.265   8.922   1.00 57.68 ? 356 HOH A O   1 
HETATM 785 O  O   . HOH G 4 .  ? -0.846  3.563   11.987  1.00 50.68 ? 357 HOH A O   1 
HETATM 786 O  O   . HOH G 4 .  ? -13.500 8.463   -0.106  1.00 41.16 ? 358 HOH A O   1 
HETATM 787 O  O   . HOH G 4 .  ? -4.085  -4.177  12.695  1.00 41.68 ? 359 HOH A O   1 
HETATM 788 O  O   . HOH G 4 .  ? -0.513  1.548   13.734  1.00 49.33 ? 360 HOH A O   1 
HETATM 789 O  O   . HOH G 4 .  ? -15.077 6.413   -0.103  1.00 46.36 ? 361 HOH A O   1 
HETATM 790 O  O   . HOH G 4 .  ? -7.250  3.847   -10.406 1.00 40.28 ? 362 HOH A O   1 
HETATM 791 O  O   . HOH G 4 .  ? -7.665  6.912   -9.348  1.00 41.24 ? 363 HOH A O   1 
HETATM 792 O  O   . HOH G 4 .  ? -12.622 -4.634  -7.632  1.00 36.66 ? 364 HOH A O   1 
HETATM 793 O  O   . HOH G 4 .  ? -12.231 9.908   7.099   1.00 48.81 ? 365 HOH A O   1 
HETATM 794 O  O   . HOH G 4 .  ? -4.269  -0.222  10.051  1.00 33.20 ? 366 HOH A O   1 
HETATM 795 O  O   . HOH G 4 .  ? -5.497  -9.399  7.027   1.00 43.07 ? 367 HOH A O   1 
HETATM 796 O  O   . HOH G 4 .  ? -12.748 -4.489  -1.863  1.00 36.83 ? 368 HOH A O   1 
HETATM 797 O  O   . HOH G 4 .  ? -1.287  -6.647  12.549  1.00 42.07 ? 369 HOH A O   1 
HETATM 798 O  O   . HOH G 4 .  ? -13.410 1.985   2.524   1.00 44.31 ? 370 HOH A O   1 
HETATM 799 O  O   . HOH G 4 .  ? -11.416 1.404   5.615   1.00 36.40 ? 371 HOH A O   1 
HETATM 800 O  O   . HOH G 4 .  ? 1.291   -11.717 6.280   1.00 45.53 ? 372 HOH A O   1 
HETATM 801 O  O   . HOH G 4 .  ? 4.657   -10.855 0.354   1.00 35.00 ? 373 HOH A O   1 
HETATM 802 O  O   . HOH G 4 .  ? -11.341 6.037   -3.527  1.00 49.82 ? 374 HOH A O   1 
HETATM 803 O  O   . HOH G 4 .  ? -14.352 -2.806  -0.138  1.00 36.86 ? 375 HOH A O   1 
HETATM 804 O  O   . HOH G 4 .  ? -15.349 3.832   1.960   1.00 55.00 ? 376 HOH A O   1 
HETATM 805 O  O   . HOH G 4 .  ? 4.408   -12.479 2.119   1.00 46.86 ? 377 HOH A O   1 
HETATM 806 O  O   . HOH G 4 .  ? -9.189  0.515   -9.162  1.00 38.73 ? 378 HOH A O   1 
HETATM 807 O  O   . HOH G 4 .  ? 8.676   -1.528  -11.911 1.00 50.51 ? 379 HOH A O   1 
HETATM 808 O  O   . HOH G 4 .  ? 16.527  -3.563  0.542   1.00 48.69 ? 380 HOH A O   1 
HETATM 809 O  O   . HOH G 4 .  ? -6.101  4.082   10.288  1.00 49.29 ? 381 HOH A O   1 
HETATM 810 O  O   . HOH G 4 .  ? -0.856  -11.329 -5.334  1.00 50.18 ? 382 HOH A O   1 
HETATM 811 O  O   . HOH G 4 .  ? 10.574  5.593   8.980   1.00 43.90 ? 383 HOH A O   1 
HETATM 812 O  O   . HOH G 4 .  ? -15.228 8.269   4.235   1.00 52.25 ? 384 HOH A O   1 
HETATM 813 O  O   . HOH G 4 .  ? 12.032  6.796   4.297   1.00 46.35 ? 385 HOH A O   1 
HETATM 814 O  O   . HOH G 4 .  ? -4.435  14.260  13.652  1.00 55.40 ? 386 HOH A O   1 
HETATM 815 O  O   . HOH G 4 .  ? 0.175   9.562   -10.213 1.00 37.09 ? 387 HOH A O   1 
HETATM 816 O  O   . HOH G 4 .  ? -12.618 -1.422  0.886   1.00 28.63 ? 388 HOH A O   1 
HETATM 817 O  O   . HOH G 4 .  ? 14.001  2.050   9.029   1.00 50.56 ? 389 HOH A O   1 
HETATM 818 O  O   . HOH G 4 .  ? -10.103 12.271  8.975   1.00 61.51 ? 390 HOH A O   1 
HETATM 819 O  O   . HOH G 4 .  ? -2.925  -11.238 5.278   1.00 45.81 ? 391 HOH A O   1 
HETATM 820 O  O   . HOH G 4 .  ? 5.512   -8.551  -8.107  1.00 46.78 ? 392 HOH A O   1 
HETATM 821 O  O   . HOH G 4 .  ? 13.635  -6.023  -3.876  1.00 49.81 ? 393 HOH A O   1 
HETATM 822 O  O   . HOH G 4 .  ? 14.202  0.581   2.149   1.00 46.39 ? 394 HOH A O   1 
HETATM 823 O  O   . HOH G 4 .  ? -6.904  -10.376 8.826   1.00 48.75 ? 395 HOH A O   1 
HETATM 824 O  O   . HOH G 4 .  ? 8.228   -4.992  -14.195 1.00 44.44 ? 396 HOH A O   1 
HETATM 825 O  O   . HOH G 4 .  ? 11.763  4.382   -4.076  1.00 56.03 ? 397 HOH A O   1 
HETATM 826 O  O   . HOH G 4 .  ? -6.839  -13.220 7.750   1.00 54.69 ? 398 HOH A O   1 
HETATM 827 O  O   . HOH G 4 .  ? -7.489  -10.000 0.254   1.00 45.18 ? 399 HOH A O   1 
HETATM 828 O  O   . HOH G 4 .  ? 3.667   2.167   -13.247 1.00 53.50 ? 400 HOH A O   1 
HETATM 829 O  O   . HOH G 4 .  ? 1.928   9.189   -11.825 1.00 61.85 ? 401 HOH A O   1 
HETATM 830 O  O   . HOH G 4 .  ? 12.580  12.454  -3.997  1.00 61.48 ? 402 HOH A O   1 
HETATM 831 O  O   . HOH G 4 .  ? -4.864  -14.517 3.379   1.00 62.00 ? 403 HOH A O   1 
HETATM 832 O  O   . HOH G 4 .  ? -5.664  -6.259  12.314  1.00 46.62 ? 404 HOH A O   1 
HETATM 833 O  O   . HOH G 4 .  ? -6.211  -6.791  -8.654  1.00 59.83 ? 405 HOH A O   1 
HETATM 834 O  O   . HOH G 4 .  ? 13.743  6.973   -5.205  1.00 51.89 ? 406 HOH A O   1 
HETATM 835 O  O   . HOH G 4 .  ? 7.894   -7.985  -4.336  1.00 57.87 ? 407 HOH A O   1 
HETATM 836 O  O   . HOH G 4 .  ? 6.082   -9.608  -5.594  1.00 48.45 ? 408 HOH A O   1 
HETATM 837 O  O   . HOH G 4 .  ? 12.067  14.423  -5.735  1.00 61.94 ? 409 HOH A O   1 
HETATM 838 O  O   . HOH G 4 .  ? 6.361   1.192   -12.991 1.00 47.00 ? 410 HOH A O   1 
HETATM 839 O  O   . HOH G 4 .  ? 0.675   9.764   -14.284 1.00 55.63 ? 411 HOH A O   1 
HETATM 840 O  O   . HOH G 4 .  ? -9.589  -8.125  -10.209 1.00 60.75 ? 412 HOH A O   1 
HETATM 841 O  O   . HOH G 4 .  ? 7.932   -0.763  -14.230 1.00 39.47 ? 413 HOH A O   1 
HETATM 842 O  O   . HOH G 4 .  ? -3.420  -6.296  -10.691 1.00 53.76 ? 414 HOH A O   1 
HETATM 843 O  O   . HOH G 4 .  ? 12.894  0.040   -4.691  1.00 56.35 ? 415 HOH A O   1 
HETATM 844 O  O   . HOH G 4 .  ? 1.912   -3.589  -11.182 1.00 42.34 ? 416 HOH A O   1 
HETATM 845 O  O   . HOH G 4 .  ? 4.363   -5.098  -15.127 1.00 25.25 ? 417 HOH A O   1 
HETATM 846 O  O   . HOH G 4 .  ? 0.599   -10.674 -10.633 1.00 54.34 ? 418 HOH A O   1 
HETATM 847 O  O   . HOH G 4 .  ? 12.291  -4.037  2.742   1.00 67.81 ? 419 HOH A O   1 
HETATM 848 O  O   . HOH G 4 .  ? 12.636  10.454  -5.543  1.00 61.09 ? 420 HOH A O   1 
HETATM 849 O  O   . HOH G 4 .  ? -5.647  -11.125 5.836   1.00 55.74 ? 421 HOH A O   1 
HETATM 850 O  O   . HOH G 4 .  ? -4.978  -9.229  -11.893 1.00 67.87 ? 422 HOH A O   1 
HETATM 851 O  O   . HOH G 4 .  ? 2.241   -16.118 -1.365  1.00 66.95 ? 423 HOH A O   1 
HETATM 852 O  O   . HOH G 4 .  ? 6.430   -3.782  -15.127 1.00 39.92 ? 424 HOH A O   1 
# 
